data_2AZZ
# 
_entry.id   2AZZ 
# 
_audit_conform.dict_name       mmcif_pdbx.dic 
_audit_conform.dict_version    5.398 
_audit_conform.dict_location   http://mmcif.pdb.org/dictionaries/ascii/mmcif_pdbx.dic 
# 
loop_
_database_2.database_id 
_database_2.database_code 
_database_2.pdbx_database_accession 
_database_2.pdbx_DOI 
PDB   2AZZ         pdb_00002azz 10.2210/pdb2azz/pdb 
RCSB  RCSB034503   ?            ?                   
WWPDB D_1000034503 ?            ?                   
# 
loop_
_pdbx_audit_revision_history.ordinal 
_pdbx_audit_revision_history.data_content_type 
_pdbx_audit_revision_history.major_revision 
_pdbx_audit_revision_history.minor_revision 
_pdbx_audit_revision_history.revision_date 
1 'Structure model' 1 0 2006-11-14 
2 'Structure model' 1 1 2008-05-01 
3 'Structure model' 1 2 2011-07-13 
4 'Structure model' 1 3 2023-08-23 
5 'Structure model' 1 4 2024-10-30 
# 
_pdbx_audit_revision_details.ordinal             1 
_pdbx_audit_revision_details.revision_ordinal    1 
_pdbx_audit_revision_details.data_content_type   'Structure model' 
_pdbx_audit_revision_details.provider            repository 
_pdbx_audit_revision_details.type                'Initial release' 
_pdbx_audit_revision_details.description         ? 
_pdbx_audit_revision_details.details             ? 
# 
loop_
_pdbx_audit_revision_group.ordinal 
_pdbx_audit_revision_group.revision_ordinal 
_pdbx_audit_revision_group.data_content_type 
_pdbx_audit_revision_group.group 
1 2 'Structure model' 'Version format compliance' 
2 3 'Structure model' 'Derived calculations'      
3 3 'Structure model' 'Version format compliance' 
4 4 'Structure model' 'Data collection'           
5 4 'Structure model' 'Database references'       
6 4 'Structure model' 'Derived calculations'      
7 4 'Structure model' 'Refinement description'    
8 5 'Structure model' 'Structure summary'         
# 
loop_
_pdbx_audit_revision_category.ordinal 
_pdbx_audit_revision_category.revision_ordinal 
_pdbx_audit_revision_category.data_content_type 
_pdbx_audit_revision_category.category 
1 4 'Structure model' chem_comp_atom                
2 4 'Structure model' chem_comp_bond                
3 4 'Structure model' database_2                    
4 4 'Structure model' pdbx_initial_refinement_model 
5 4 'Structure model' pdbx_struct_conn_angle        
6 4 'Structure model' struct_conn                   
7 4 'Structure model' struct_site                   
8 5 'Structure model' pdbx_entry_details            
9 5 'Structure model' pdbx_modification_feature     
# 
loop_
_pdbx_audit_revision_item.ordinal 
_pdbx_audit_revision_item.revision_ordinal 
_pdbx_audit_revision_item.data_content_type 
_pdbx_audit_revision_item.item 
1  4 'Structure model' '_database_2.pdbx_DOI'                        
2  4 'Structure model' '_database_2.pdbx_database_accession'         
3  4 'Structure model' '_pdbx_struct_conn_angle.ptnr1_auth_comp_id'  
4  4 'Structure model' '_pdbx_struct_conn_angle.ptnr1_auth_seq_id'   
5  4 'Structure model' '_pdbx_struct_conn_angle.ptnr1_label_asym_id' 
6  4 'Structure model' '_pdbx_struct_conn_angle.ptnr1_label_atom_id' 
7  4 'Structure model' '_pdbx_struct_conn_angle.ptnr1_label_comp_id' 
8  4 'Structure model' '_pdbx_struct_conn_angle.ptnr1_label_seq_id'  
9  4 'Structure model' '_pdbx_struct_conn_angle.ptnr1_symmetry'      
10 4 'Structure model' '_pdbx_struct_conn_angle.ptnr2_auth_seq_id'   
11 4 'Structure model' '_pdbx_struct_conn_angle.ptnr2_label_asym_id' 
12 4 'Structure model' '_pdbx_struct_conn_angle.ptnr3_auth_comp_id'  
13 4 'Structure model' '_pdbx_struct_conn_angle.ptnr3_auth_seq_id'   
14 4 'Structure model' '_pdbx_struct_conn_angle.ptnr3_label_asym_id' 
15 4 'Structure model' '_pdbx_struct_conn_angle.ptnr3_label_atom_id' 
16 4 'Structure model' '_pdbx_struct_conn_angle.ptnr3_label_comp_id' 
17 4 'Structure model' '_pdbx_struct_conn_angle.ptnr3_label_seq_id'  
18 4 'Structure model' '_pdbx_struct_conn_angle.ptnr3_symmetry'      
19 4 'Structure model' '_pdbx_struct_conn_angle.value'               
20 4 'Structure model' '_struct_conn.pdbx_dist_value'                
21 4 'Structure model' '_struct_conn.ptnr1_auth_comp_id'             
22 4 'Structure model' '_struct_conn.ptnr1_auth_seq_id'              
23 4 'Structure model' '_struct_conn.ptnr1_label_asym_id'            
24 4 'Structure model' '_struct_conn.ptnr1_label_atom_id'            
25 4 'Structure model' '_struct_conn.ptnr1_label_comp_id'            
26 4 'Structure model' '_struct_conn.ptnr1_label_seq_id'             
27 4 'Structure model' '_struct_conn.ptnr1_symmetry'                 
28 4 'Structure model' '_struct_conn.ptnr2_auth_comp_id'             
29 4 'Structure model' '_struct_conn.ptnr2_auth_seq_id'              
30 4 'Structure model' '_struct_conn.ptnr2_label_asym_id'            
31 4 'Structure model' '_struct_conn.ptnr2_label_atom_id'            
32 4 'Structure model' '_struct_conn.ptnr2_label_comp_id'            
33 4 'Structure model' '_struct_conn.ptnr2_label_seq_id'             
34 4 'Structure model' '_struct_conn.ptnr2_symmetry'                 
35 4 'Structure model' '_struct_site.pdbx_auth_asym_id'              
36 4 'Structure model' '_struct_site.pdbx_auth_comp_id'              
37 4 'Structure model' '_struct_site.pdbx_auth_seq_id'               
# 
_pdbx_database_status.status_code                     REL 
_pdbx_database_status.entry_id                        2AZZ 
_pdbx_database_status.recvd_initial_deposition_date   2005-09-12 
_pdbx_database_status.deposit_site                    RCSB 
_pdbx_database_status.process_site                    RCSB 
_pdbx_database_status.status_code_sf                  REL 
_pdbx_database_status.status_code_mr                  ? 
_pdbx_database_status.SG_entry                        N 
_pdbx_database_status.pdb_format_compatible           Y 
_pdbx_database_status.status_code_cs                  ? 
_pdbx_database_status.status_code_nmr_data            ? 
_pdbx_database_status.methods_development_category    ? 
# 
loop_
_pdbx_database_related.db_name 
_pdbx_database_related.db_id 
_pdbx_database_related.details 
_pdbx_database_related.content_type 
PDB 1AZY 'Crystal Structure of Porcine Pancreatic Phospholipase A2 in complex with Cholate'                unspecified 
PDB 2b01 'Crystal Structure of Porcine Pancreatic Phospholipase A2 in complex with Taurochenodeoxycholate' unspecified 
PDB 2BO3 'Crystal Structure of Porcine Pancreatic Phospholipase A2 in Complex with Taurochenodeoxycholate' unspecified 
PDB 2b00 'Crystal Structure of Porcine Pancreatic Phospholipase A2 in complex with Glycocholate'           unspecified 
PDB 2b04 'Crystal Structure of Porcine Pancreatic Phospholipase A2 in complex with Glycochenodeoxycholate' unspecified 
# 
loop_
_audit_author.name 
_audit_author.pdbx_ordinal 
'Pan, Y.H.'     1 
'Bahnson, B.J.' 2 
'Jain, M.K.'    3 
# 
_citation.id                        primary 
_citation.title                     'Structural basis for bile salt inhibition of pancreatic phospholipase A2.' 
_citation.journal_abbrev            J.Mol.Biol. 
_citation.journal_volume            369 
_citation.page_first                439 
_citation.page_last                 450 
_citation.year                      2007 
_citation.journal_id_ASTM           JMOBAK 
_citation.country                   UK 
_citation.journal_id_ISSN           0022-2836 
_citation.journal_id_CSD            0070 
_citation.book_publisher            ? 
_citation.pdbx_database_id_PubMed   17434532 
_citation.pdbx_database_id_DOI      10.1016/j.jmb.2007.03.034 
# 
loop_
_citation_author.citation_id 
_citation_author.name 
_citation_author.ordinal 
_citation_author.identifier_ORCID 
primary 'Pan, Y.H.'     1 ? 
primary 'Bahnson, B.J.' 2 ? 
# 
loop_
_entity.id 
_entity.type 
_entity.src_method 
_entity.pdbx_description 
_entity.formula_weight 
_entity.pdbx_number_of_molecules 
_entity.pdbx_ec 
_entity.pdbx_mutation 
_entity.pdbx_fragment 
_entity.details 
1 polymer     man 'Phospholipase A2, major isoenzyme' 14009.714 1  3.1.1.4 ? ? ? 
2 non-polymer syn 'CALCIUM ION'                       40.078    3  ?       ? ? ? 
3 non-polymer syn 'CHLORIDE ION'                      35.453    3  ?       ? ? ? 
4 non-polymer syn 'TAUROCHOLIC ACID'                  515.703   1  ?       ? ? ? 
5 water       nat water                               18.015    97 ?       ? ? ? 
# 
_entity_name_com.entity_id   1 
_entity_name_com.name        'Phosphatidylcholine 2-acylhydrolase, Group IB phospholipase A2' 
# 
_entity_poly.entity_id                      1 
_entity_poly.type                           'polypeptide(L)' 
_entity_poly.nstd_linkage                   no 
_entity_poly.nstd_monomer                   no 
_entity_poly.pdbx_seq_one_letter_code       
;ALWQFRSMIKCAIPGSHPLMDFNNYGCYCGLGGSGTPVDELDRCCETHDNCYRDAKNLDSCKFLVDNPYTESYSYSCSNT
EITCNSKNNACEAFICNCDRNAAICFSKAPYNKEHKNLDTKKYC
;
_entity_poly.pdbx_seq_one_letter_code_can   
;ALWQFRSMIKCAIPGSHPLMDFNNYGCYCGLGGSGTPVDELDRCCETHDNCYRDAKNLDSCKFLVDNPYTESYSYSCSNT
EITCNSKNNACEAFICNCDRNAAICFSKAPYNKEHKNLDTKKYC
;
_entity_poly.pdbx_strand_id                 A 
_entity_poly.pdbx_target_identifier         ? 
# 
loop_
_pdbx_entity_nonpoly.entity_id 
_pdbx_entity_nonpoly.name 
_pdbx_entity_nonpoly.comp_id 
2 'CALCIUM ION'      CA  
3 'CHLORIDE ION'     CL  
4 'TAUROCHOLIC ACID' TCH 
5 water              HOH 
# 
loop_
_entity_poly_seq.entity_id 
_entity_poly_seq.num 
_entity_poly_seq.mon_id 
_entity_poly_seq.hetero 
1 1   ALA n 
1 2   LEU n 
1 3   TRP n 
1 4   GLN n 
1 5   PHE n 
1 6   ARG n 
1 7   SER n 
1 8   MET n 
1 9   ILE n 
1 10  LYS n 
1 11  CYS n 
1 12  ALA n 
1 13  ILE n 
1 14  PRO n 
1 15  GLY n 
1 16  SER n 
1 17  HIS n 
1 18  PRO n 
1 19  LEU n 
1 20  MET n 
1 21  ASP n 
1 22  PHE n 
1 23  ASN n 
1 24  ASN n 
1 25  TYR n 
1 26  GLY n 
1 27  CYS n 
1 28  TYR n 
1 29  CYS n 
1 30  GLY n 
1 31  LEU n 
1 32  GLY n 
1 33  GLY n 
1 34  SER n 
1 35  GLY n 
1 36  THR n 
1 37  PRO n 
1 38  VAL n 
1 39  ASP n 
1 40  GLU n 
1 41  LEU n 
1 42  ASP n 
1 43  ARG n 
1 44  CYS n 
1 45  CYS n 
1 46  GLU n 
1 47  THR n 
1 48  HIS n 
1 49  ASP n 
1 50  ASN n 
1 51  CYS n 
1 52  TYR n 
1 53  ARG n 
1 54  ASP n 
1 55  ALA n 
1 56  LYS n 
1 57  ASN n 
1 58  LEU n 
1 59  ASP n 
1 60  SER n 
1 61  CYS n 
1 62  LYS n 
1 63  PHE n 
1 64  LEU n 
1 65  VAL n 
1 66  ASP n 
1 67  ASN n 
1 68  PRO n 
1 69  TYR n 
1 70  THR n 
1 71  GLU n 
1 72  SER n 
1 73  TYR n 
1 74  SER n 
1 75  TYR n 
1 76  SER n 
1 77  CYS n 
1 78  SER n 
1 79  ASN n 
1 80  THR n 
1 81  GLU n 
1 82  ILE n 
1 83  THR n 
1 84  CYS n 
1 85  ASN n 
1 86  SER n 
1 87  LYS n 
1 88  ASN n 
1 89  ASN n 
1 90  ALA n 
1 91  CYS n 
1 92  GLU n 
1 93  ALA n 
1 94  PHE n 
1 95  ILE n 
1 96  CYS n 
1 97  ASN n 
1 98  CYS n 
1 99  ASP n 
1 100 ARG n 
1 101 ASN n 
1 102 ALA n 
1 103 ALA n 
1 104 ILE n 
1 105 CYS n 
1 106 PHE n 
1 107 SER n 
1 108 LYS n 
1 109 ALA n 
1 110 PRO n 
1 111 TYR n 
1 112 ASN n 
1 113 LYS n 
1 114 GLU n 
1 115 HIS n 
1 116 LYS n 
1 117 ASN n 
1 118 LEU n 
1 119 ASP n 
1 120 THR n 
1 121 LYS n 
1 122 LYS n 
1 123 TYR n 
1 124 CYS n 
# 
_entity_src_gen.entity_id                          1 
_entity_src_gen.pdbx_src_id                        1 
_entity_src_gen.pdbx_alt_source_flag               sample 
_entity_src_gen.pdbx_seq_type                      ? 
_entity_src_gen.pdbx_beg_seq_num                   ? 
_entity_src_gen.pdbx_end_seq_num                   ? 
_entity_src_gen.gene_src_common_name               pig 
_entity_src_gen.gene_src_genus                     Sus 
_entity_src_gen.pdbx_gene_src_gene                 PLA2G1B 
_entity_src_gen.gene_src_species                   ? 
_entity_src_gen.gene_src_strain                    ? 
_entity_src_gen.gene_src_tissue                    ? 
_entity_src_gen.gene_src_tissue_fraction           ? 
_entity_src_gen.gene_src_details                   ? 
_entity_src_gen.pdbx_gene_src_fragment             ? 
_entity_src_gen.pdbx_gene_src_scientific_name      'Sus scrofa' 
_entity_src_gen.pdbx_gene_src_ncbi_taxonomy_id     9823 
_entity_src_gen.pdbx_gene_src_variant              ? 
_entity_src_gen.pdbx_gene_src_cell_line            ? 
_entity_src_gen.pdbx_gene_src_atcc                 ? 
_entity_src_gen.pdbx_gene_src_organ                ? 
_entity_src_gen.pdbx_gene_src_organelle            ? 
_entity_src_gen.pdbx_gene_src_cell                 ? 
_entity_src_gen.pdbx_gene_src_cellular_location    ? 
_entity_src_gen.host_org_common_name               ? 
_entity_src_gen.pdbx_host_org_scientific_name      'Escherichia coli' 
_entity_src_gen.pdbx_host_org_ncbi_taxonomy_id     562 
_entity_src_gen.host_org_genus                     Escherichia 
_entity_src_gen.pdbx_host_org_gene                 ? 
_entity_src_gen.pdbx_host_org_organ                ? 
_entity_src_gen.host_org_species                   ? 
_entity_src_gen.pdbx_host_org_tissue               ? 
_entity_src_gen.pdbx_host_org_tissue_fraction      ? 
_entity_src_gen.pdbx_host_org_strain               ? 
_entity_src_gen.pdbx_host_org_variant              ? 
_entity_src_gen.pdbx_host_org_cell_line            ? 
_entity_src_gen.pdbx_host_org_atcc                 ? 
_entity_src_gen.pdbx_host_org_culture_collection   ? 
_entity_src_gen.pdbx_host_org_cell                 ? 
_entity_src_gen.pdbx_host_org_organelle            ? 
_entity_src_gen.pdbx_host_org_cellular_location    ? 
_entity_src_gen.pdbx_host_org_vector_type          ? 
_entity_src_gen.pdbx_host_org_vector               ? 
_entity_src_gen.host_org_details                   ? 
_entity_src_gen.expression_system_id               ? 
_entity_src_gen.plasmid_name                       ? 
_entity_src_gen.plasmid_details                    ? 
_entity_src_gen.pdbx_description                   ? 
# 
loop_
_chem_comp.id 
_chem_comp.type 
_chem_comp.mon_nstd_flag 
_chem_comp.name 
_chem_comp.pdbx_synonyms 
_chem_comp.formula 
_chem_comp.formula_weight 
ALA 'L-peptide linking' y ALANINE            ? 'C3 H7 N O2'     89.093  
ARG 'L-peptide linking' y ARGININE           ? 'C6 H15 N4 O2 1' 175.209 
ASN 'L-peptide linking' y ASPARAGINE         ? 'C4 H8 N2 O3'    132.118 
ASP 'L-peptide linking' y 'ASPARTIC ACID'    ? 'C4 H7 N O4'     133.103 
CA  non-polymer         . 'CALCIUM ION'      ? 'Ca 2'           40.078  
CL  non-polymer         . 'CHLORIDE ION'     ? 'Cl -1'          35.453  
CYS 'L-peptide linking' y CYSTEINE           ? 'C3 H7 N O2 S'   121.158 
GLN 'L-peptide linking' y GLUTAMINE          ? 'C5 H10 N2 O3'   146.144 
GLU 'L-peptide linking' y 'GLUTAMIC ACID'    ? 'C5 H9 N O4'     147.129 
GLY 'peptide linking'   y GLYCINE            ? 'C2 H5 N O2'     75.067  
HIS 'L-peptide linking' y HISTIDINE          ? 'C6 H10 N3 O2 1' 156.162 
HOH non-polymer         . WATER              ? 'H2 O'           18.015  
ILE 'L-peptide linking' y ISOLEUCINE         ? 'C6 H13 N O2'    131.173 
LEU 'L-peptide linking' y LEUCINE            ? 'C6 H13 N O2'    131.173 
LYS 'L-peptide linking' y LYSINE             ? 'C6 H15 N2 O2 1' 147.195 
MET 'L-peptide linking' y METHIONINE         ? 'C5 H11 N O2 S'  149.211 
PHE 'L-peptide linking' y PHENYLALANINE      ? 'C9 H11 N O2'    165.189 
PRO 'L-peptide linking' y PROLINE            ? 'C5 H9 N O2'     115.130 
SER 'L-peptide linking' y SERINE             ? 'C3 H7 N O3'     105.093 
TCH non-polymer         . 'TAUROCHOLIC ACID' ? 'C26 H45 N O7 S' 515.703 
THR 'L-peptide linking' y THREONINE          ? 'C4 H9 N O3'     119.119 
TRP 'L-peptide linking' y TRYPTOPHAN         ? 'C11 H12 N2 O2'  204.225 
TYR 'L-peptide linking' y TYROSINE           ? 'C9 H11 N O3'    181.189 
VAL 'L-peptide linking' y VALINE             ? 'C5 H11 N O2'    117.146 
# 
loop_
_pdbx_poly_seq_scheme.asym_id 
_pdbx_poly_seq_scheme.entity_id 
_pdbx_poly_seq_scheme.seq_id 
_pdbx_poly_seq_scheme.mon_id 
_pdbx_poly_seq_scheme.ndb_seq_num 
_pdbx_poly_seq_scheme.pdb_seq_num 
_pdbx_poly_seq_scheme.auth_seq_num 
_pdbx_poly_seq_scheme.pdb_mon_id 
_pdbx_poly_seq_scheme.auth_mon_id 
_pdbx_poly_seq_scheme.pdb_strand_id 
_pdbx_poly_seq_scheme.pdb_ins_code 
_pdbx_poly_seq_scheme.hetero 
A 1 1   ALA 1   1   1   ALA ALA A . n 
A 1 2   LEU 2   2   2   LEU LEU A . n 
A 1 3   TRP 3   3   3   TRP TRP A . n 
A 1 4   GLN 4   4   4   GLN GLN A . n 
A 1 5   PHE 5   5   5   PHE PHE A . n 
A 1 6   ARG 6   6   6   ARG ARG A . n 
A 1 7   SER 7   7   7   SER SER A . n 
A 1 8   MET 8   8   8   MET MET A . n 
A 1 9   ILE 9   9   9   ILE ILE A . n 
A 1 10  LYS 10  10  10  LYS LYS A . n 
A 1 11  CYS 11  11  11  CYS CYS A . n 
A 1 12  ALA 12  12  12  ALA ALA A . n 
A 1 13  ILE 13  13  13  ILE ILE A . n 
A 1 14  PRO 14  14  14  PRO PRO A . n 
A 1 15  GLY 15  15  15  GLY GLY A . n 
A 1 16  SER 16  16  16  SER SER A . n 
A 1 17  HIS 17  17  17  HIS HIS A . n 
A 1 18  PRO 18  18  18  PRO PRO A . n 
A 1 19  LEU 19  19  19  LEU LEU A . n 
A 1 20  MET 20  20  20  MET MET A . n 
A 1 21  ASP 21  21  21  ASP ASP A . n 
A 1 22  PHE 22  22  22  PHE PHE A . n 
A 1 23  ASN 23  23  23  ASN ASN A . n 
A 1 24  ASN 24  24  24  ASN ASN A . n 
A 1 25  TYR 25  25  25  TYR TYR A . n 
A 1 26  GLY 26  26  26  GLY GLY A . n 
A 1 27  CYS 27  27  27  CYS CYS A . n 
A 1 28  TYR 28  28  28  TYR TYR A . n 
A 1 29  CYS 29  29  29  CYS CYS A . n 
A 1 30  GLY 30  30  30  GLY GLY A . n 
A 1 31  LEU 31  31  31  LEU LEU A . n 
A 1 32  GLY 32  32  32  GLY GLY A . n 
A 1 33  GLY 33  33  33  GLY GLY A . n 
A 1 34  SER 34  34  34  SER SER A . n 
A 1 35  GLY 35  35  35  GLY GLY A . n 
A 1 36  THR 36  36  36  THR THR A . n 
A 1 37  PRO 37  37  37  PRO PRO A . n 
A 1 38  VAL 38  38  38  VAL VAL A . n 
A 1 39  ASP 39  39  39  ASP ASP A . n 
A 1 40  GLU 40  40  40  GLU GLU A . n 
A 1 41  LEU 41  41  41  LEU LEU A . n 
A 1 42  ASP 42  42  42  ASP ASP A . n 
A 1 43  ARG 43  43  43  ARG ARG A . n 
A 1 44  CYS 44  44  44  CYS CYS A . n 
A 1 45  CYS 45  45  45  CYS CYS A . n 
A 1 46  GLU 46  46  46  GLU GLU A . n 
A 1 47  THR 47  47  47  THR THR A . n 
A 1 48  HIS 48  48  48  HIS HIS A . n 
A 1 49  ASP 49  49  49  ASP ASP A . n 
A 1 50  ASN 50  50  50  ASN ASN A . n 
A 1 51  CYS 51  51  51  CYS CYS A . n 
A 1 52  TYR 52  52  52  TYR TYR A . n 
A 1 53  ARG 53  53  53  ARG ARG A . n 
A 1 54  ASP 54  54  54  ASP ASP A . n 
A 1 55  ALA 55  55  55  ALA ALA A . n 
A 1 56  LYS 56  56  56  LYS LYS A . n 
A 1 57  ASN 57  57  57  ASN ASN A . n 
A 1 58  LEU 58  58  58  LEU LEU A . n 
A 1 59  ASP 59  59  59  ASP ASP A . n 
A 1 60  SER 60  60  60  SER SER A . n 
A 1 61  CYS 61  61  61  CYS CYS A . n 
A 1 62  LYS 62  62  62  LYS LYS A . n 
A 1 63  PHE 63  63  63  PHE PHE A . n 
A 1 64  LEU 64  64  64  LEU LEU A . n 
A 1 65  VAL 65  65  65  VAL VAL A . n 
A 1 66  ASP 66  66  66  ASP ASP A . n 
A 1 67  ASN 67  67  67  ASN ASN A . n 
A 1 68  PRO 68  68  68  PRO PRO A . n 
A 1 69  TYR 69  69  69  TYR TYR A . n 
A 1 70  THR 70  70  70  THR THR A . n 
A 1 71  GLU 71  71  71  GLU GLU A . n 
A 1 72  SER 72  72  72  SER SER A . n 
A 1 73  TYR 73  73  73  TYR TYR A . n 
A 1 74  SER 74  74  74  SER SER A . n 
A 1 75  TYR 75  75  75  TYR TYR A . n 
A 1 76  SER 76  76  76  SER SER A . n 
A 1 77  CYS 77  77  77  CYS CYS A . n 
A 1 78  SER 78  78  78  SER SER A . n 
A 1 79  ASN 79  79  79  ASN ASN A . n 
A 1 80  THR 80  80  80  THR THR A . n 
A 1 81  GLU 81  81  81  GLU GLU A . n 
A 1 82  ILE 82  82  82  ILE ILE A . n 
A 1 83  THR 83  83  83  THR THR A . n 
A 1 84  CYS 84  84  84  CYS CYS A . n 
A 1 85  ASN 85  85  85  ASN ASN A . n 
A 1 86  SER 86  86  86  SER SER A . n 
A 1 87  LYS 87  87  87  LYS LYS A . n 
A 1 88  ASN 88  88  88  ASN ASN A . n 
A 1 89  ASN 89  89  89  ASN ASN A . n 
A 1 90  ALA 90  90  90  ALA ALA A . n 
A 1 91  CYS 91  91  91  CYS CYS A . n 
A 1 92  GLU 92  92  92  GLU GLU A . n 
A 1 93  ALA 93  93  93  ALA ALA A . n 
A 1 94  PHE 94  94  94  PHE PHE A . n 
A 1 95  ILE 95  95  95  ILE ILE A . n 
A 1 96  CYS 96  96  96  CYS CYS A . n 
A 1 97  ASN 97  97  97  ASN ASN A . n 
A 1 98  CYS 98  98  98  CYS CYS A . n 
A 1 99  ASP 99  99  99  ASP ASP A . n 
A 1 100 ARG 100 100 100 ARG ARG A . n 
A 1 101 ASN 101 101 101 ASN ASN A . n 
A 1 102 ALA 102 102 102 ALA ALA A . n 
A 1 103 ALA 103 103 103 ALA ALA A . n 
A 1 104 ILE 104 104 104 ILE ILE A . n 
A 1 105 CYS 105 105 105 CYS CYS A . n 
A 1 106 PHE 106 106 106 PHE PHE A . n 
A 1 107 SER 107 107 107 SER SER A . n 
A 1 108 LYS 108 108 108 LYS LYS A . n 
A 1 109 ALA 109 109 109 ALA ALA A . n 
A 1 110 PRO 110 110 110 PRO PRO A . n 
A 1 111 TYR 111 111 111 TYR TYR A . n 
A 1 112 ASN 112 112 112 ASN ASN A . n 
A 1 113 LYS 113 113 113 LYS LYS A . n 
A 1 114 GLU 114 114 114 GLU GLU A . n 
A 1 115 HIS 115 115 115 HIS HIS A . n 
A 1 116 LYS 116 116 116 LYS LYS A . n 
A 1 117 ASN 117 117 117 ASN ASN A . n 
A 1 118 LEU 118 118 118 LEU LEU A . n 
A 1 119 ASP 119 119 119 ASP ASP A . n 
A 1 120 THR 120 120 120 THR THR A . n 
A 1 121 LYS 121 121 121 LYS LYS A . n 
A 1 122 LYS 122 122 122 LYS LYS A . n 
A 1 123 TYR 123 123 123 TYR TYR A . n 
A 1 124 CYS 124 124 124 CYS CYS A . n 
# 
loop_
_pdbx_nonpoly_scheme.asym_id 
_pdbx_nonpoly_scheme.entity_id 
_pdbx_nonpoly_scheme.mon_id 
_pdbx_nonpoly_scheme.ndb_seq_num 
_pdbx_nonpoly_scheme.pdb_seq_num 
_pdbx_nonpoly_scheme.auth_seq_num 
_pdbx_nonpoly_scheme.pdb_mon_id 
_pdbx_nonpoly_scheme.auth_mon_id 
_pdbx_nonpoly_scheme.pdb_strand_id 
_pdbx_nonpoly_scheme.pdb_ins_code 
B 2 CA  1  125 104 CA  CA  A . 
C 2 CA  1  126 105 CA  CA  A . 
D 2 CA  1  127 106 CA  CA  A . 
E 3 CL  1  128 107 CL  CL  A . 
F 3 CL  1  129 108 CL  CL  A . 
G 3 CL  1  130 109 CL  CL  A . 
H 4 TCH 1  131 110 TCH TCH A . 
I 5 HOH 1  132 1   HOH HOH A . 
I 5 HOH 2  133 2   HOH HOH A . 
I 5 HOH 3  134 3   HOH HOH A . 
I 5 HOH 4  135 4   HOH HOH A . 
I 5 HOH 5  136 5   HOH HOH A . 
I 5 HOH 6  137 6   HOH HOH A . 
I 5 HOH 7  138 7   HOH HOH A . 
I 5 HOH 8  139 8   HOH HOH A . 
I 5 HOH 9  140 9   HOH HOH A . 
I 5 HOH 10 141 10  HOH HOH A . 
I 5 HOH 11 142 11  HOH HOH A . 
I 5 HOH 12 143 12  HOH HOH A . 
I 5 HOH 13 144 15  HOH HOH A . 
I 5 HOH 14 145 16  HOH HOH A . 
I 5 HOH 15 146 17  HOH HOH A . 
I 5 HOH 16 147 18  HOH HOH A . 
I 5 HOH 17 148 19  HOH HOH A . 
I 5 HOH 18 149 21  HOH HOH A . 
I 5 HOH 19 150 22  HOH HOH A . 
I 5 HOH 20 151 23  HOH HOH A . 
I 5 HOH 21 152 24  HOH HOH A . 
I 5 HOH 22 153 25  HOH HOH A . 
I 5 HOH 23 154 26  HOH HOH A . 
I 5 HOH 24 155 27  HOH HOH A . 
I 5 HOH 25 156 28  HOH HOH A . 
I 5 HOH 26 157 29  HOH HOH A . 
I 5 HOH 27 158 30  HOH HOH A . 
I 5 HOH 28 159 31  HOH HOH A . 
I 5 HOH 29 160 32  HOH HOH A . 
I 5 HOH 30 161 33  HOH HOH A . 
I 5 HOH 31 162 34  HOH HOH A . 
I 5 HOH 32 163 35  HOH HOH A . 
I 5 HOH 33 164 36  HOH HOH A . 
I 5 HOH 34 165 37  HOH HOH A . 
I 5 HOH 35 166 38  HOH HOH A . 
I 5 HOH 36 167 39  HOH HOH A . 
I 5 HOH 37 168 40  HOH HOH A . 
I 5 HOH 38 169 41  HOH HOH A . 
I 5 HOH 39 170 42  HOH HOH A . 
I 5 HOH 40 171 43  HOH HOH A . 
I 5 HOH 41 172 44  HOH HOH A . 
I 5 HOH 42 173 45  HOH HOH A . 
I 5 HOH 43 174 46  HOH HOH A . 
I 5 HOH 44 175 47  HOH HOH A . 
I 5 HOH 45 176 48  HOH HOH A . 
I 5 HOH 46 177 49  HOH HOH A . 
I 5 HOH 47 178 50  HOH HOH A . 
I 5 HOH 48 179 51  HOH HOH A . 
I 5 HOH 49 180 52  HOH HOH A . 
I 5 HOH 50 181 53  HOH HOH A . 
I 5 HOH 51 182 54  HOH HOH A . 
I 5 HOH 52 183 55  HOH HOH A . 
I 5 HOH 53 184 56  HOH HOH A . 
I 5 HOH 54 185 58  HOH HOH A . 
I 5 HOH 55 186 59  HOH HOH A . 
I 5 HOH 56 187 60  HOH HOH A . 
I 5 HOH 57 188 61  HOH HOH A . 
I 5 HOH 58 189 62  HOH HOH A . 
I 5 HOH 59 190 63  HOH HOH A . 
I 5 HOH 60 191 64  HOH HOH A . 
I 5 HOH 61 192 65  HOH HOH A . 
I 5 HOH 62 193 66  HOH HOH A . 
I 5 HOH 63 194 67  HOH HOH A . 
I 5 HOH 64 195 68  HOH HOH A . 
I 5 HOH 65 196 69  HOH HOH A . 
I 5 HOH 66 197 70  HOH HOH A . 
I 5 HOH 67 198 71  HOH HOH A . 
I 5 HOH 68 199 72  HOH HOH A . 
I 5 HOH 69 200 73  HOH HOH A . 
I 5 HOH 70 201 74  HOH HOH A . 
I 5 HOH 71 202 75  HOH HOH A . 
I 5 HOH 72 203 77  HOH HOH A . 
I 5 HOH 73 204 78  HOH HOH A . 
I 5 HOH 74 205 79  HOH HOH A . 
I 5 HOH 75 206 80  HOH HOH A . 
I 5 HOH 76 207 81  HOH HOH A . 
I 5 HOH 77 208 82  HOH HOH A . 
I 5 HOH 78 209 83  HOH HOH A . 
I 5 HOH 79 210 84  HOH HOH A . 
I 5 HOH 80 211 85  HOH HOH A . 
I 5 HOH 81 212 86  HOH HOH A . 
I 5 HOH 82 213 87  HOH HOH A . 
I 5 HOH 83 214 88  HOH HOH A . 
I 5 HOH 84 215 89  HOH HOH A . 
I 5 HOH 85 216 90  HOH HOH A . 
I 5 HOH 86 217 91  HOH HOH A . 
I 5 HOH 87 218 92  HOH HOH A . 
I 5 HOH 88 219 93  HOH HOH A . 
I 5 HOH 89 220 94  HOH HOH A . 
I 5 HOH 90 221 96  HOH HOH A . 
I 5 HOH 91 222 97  HOH HOH A . 
I 5 HOH 92 223 98  HOH HOH A . 
I 5 HOH 93 224 99  HOH HOH A . 
I 5 HOH 94 225 100 HOH HOH A . 
I 5 HOH 95 226 101 HOH HOH A . 
I 5 HOH 96 227 102 HOH HOH A . 
I 5 HOH 97 228 103 HOH HOH A . 
# 
loop_
_software.name 
_software.classification 
_software.version 
_software.citation_id 
_software.pdbx_ordinal 
CNS       refinement       1.1 ? 1 
DENZO     'data reduction' .   ? 2 
SCALEPACK 'data scaling'   .   ? 3 
AMoRE     phasing          .   ? 4 
# 
_cell.entry_id           2AZZ 
_cell.length_a           68.650 
_cell.length_b           68.650 
_cell.length_c           65.586 
_cell.angle_alpha        90.00 
_cell.angle_beta         90.00 
_cell.angle_gamma        120.00 
_cell.Z_PDB              6 
_cell.pdbx_unique_axis   ? 
# 
_symmetry.entry_id                         2AZZ 
_symmetry.space_group_name_H-M             'P 31 2 1' 
_symmetry.pdbx_full_space_group_name_H-M   ? 
_symmetry.cell_setting                     ? 
_symmetry.Int_Tables_number                152 
_symmetry.space_group_name_Hall            ? 
# 
_exptl.entry_id          2AZZ 
_exptl.method            'X-RAY DIFFRACTION' 
_exptl.crystals_number   1 
# 
_exptl_crystal.id                    1 
_exptl_crystal.density_meas          ? 
_exptl_crystal.density_Matthews      3.18 
_exptl_crystal.density_percent_sol   61.36 
_exptl_crystal.description           ? 
_exptl_crystal.F_000                 ? 
_exptl_crystal.preparation           ? 
# 
_exptl_crystal_grow.crystal_id      1 
_exptl_crystal_grow.method          'VAPOR DIFFUSION, HANGING DROP' 
_exptl_crystal_grow.temp            298 
_exptl_crystal_grow.temp_details    ? 
_exptl_crystal_grow.pH              7.5 
_exptl_crystal_grow.pdbx_details    '0.2M Calcium Chloride, 28% PEG 400, pH 7.5, VAPOR DIFFUSION, HANGING DROP, temperature 298K' 
_exptl_crystal_grow.pdbx_pH_range   . 
# 
_diffrn.id                     1 
_diffrn.ambient_temp           93 
_diffrn.ambient_temp_details   ? 
_diffrn.crystal_id             1 
# 
_diffrn_detector.diffrn_id              1 
_diffrn_detector.detector               'IMAGE PLATE' 
_diffrn_detector.type                   'RIGAKU RAXIS IV' 
_diffrn_detector.pdbx_collection_date   2004-10-30 
_diffrn_detector.details                mirrors 
# 
_diffrn_radiation.diffrn_id                        1 
_diffrn_radiation.wavelength_id                    1 
_diffrn_radiation.pdbx_monochromatic_or_laue_m_l   M 
_diffrn_radiation.monochromator                    'Yale Mirrors' 
_diffrn_radiation.pdbx_diffrn_protocol             'SINGLE WAVELENGTH' 
_diffrn_radiation.pdbx_scattering_type             x-ray 
# 
_diffrn_radiation_wavelength.id           1 
_diffrn_radiation_wavelength.wavelength   1.5418 
_diffrn_radiation_wavelength.wt           1.0 
# 
_diffrn_source.diffrn_id                   1 
_diffrn_source.source                      'ROTATING ANODE' 
_diffrn_source.type                        'RIGAKU RU300' 
_diffrn_source.pdbx_synchrotron_site       ? 
_diffrn_source.pdbx_synchrotron_beamline   ? 
_diffrn_source.pdbx_wavelength             ? 
_diffrn_source.pdbx_wavelength_list        1.5418 
# 
_reflns.entry_id                     2AZZ 
_reflns.observed_criterion_sigma_I   -3.0 
_reflns.observed_criterion_sigma_F   0.0 
_reflns.d_resolution_low             27.1 
_reflns.d_resolution_high            2.20 
_reflns.number_obs                   9422 
_reflns.number_all                   ? 
_reflns.percent_possible_obs         96.2 
_reflns.pdbx_Rmerge_I_obs            0.075 
_reflns.pdbx_Rsym_value              0.058 
_reflns.pdbx_netI_over_sigmaI        22 
_reflns.B_iso_Wilson_estimate        26.5 
_reflns.pdbx_redundancy              4 
_reflns.R_free_details               ? 
_reflns.limit_h_max                  ? 
_reflns.limit_h_min                  ? 
_reflns.limit_k_max                  ? 
_reflns.limit_k_min                  ? 
_reflns.limit_l_max                  ? 
_reflns.limit_l_min                  ? 
_reflns.observed_criterion_F_max     ? 
_reflns.observed_criterion_F_min     ? 
_reflns.pdbx_chi_squared             ? 
_reflns.pdbx_scaling_rejects         ? 
_reflns.pdbx_ordinal                 1 
_reflns.pdbx_diffrn_id               1 
# 
_reflns_shell.d_res_high             2.20 
_reflns_shell.d_res_low              2.28 
_reflns_shell.percent_possible_all   96.4 
_reflns_shell.Rmerge_I_obs           0.311 
_reflns_shell.pdbx_Rsym_value        0.264 
_reflns_shell.meanI_over_sigI_obs    3.9 
_reflns_shell.pdbx_redundancy        5 
_reflns_shell.percent_possible_obs   ? 
_reflns_shell.number_unique_all      ? 
_reflns_shell.number_measured_all    ? 
_reflns_shell.number_measured_obs    ? 
_reflns_shell.number_unique_obs      ? 
_reflns_shell.pdbx_chi_squared       ? 
_reflns_shell.pdbx_ordinal           1 
_reflns_shell.pdbx_diffrn_id         1 
# 
_refine.entry_id                                 2AZZ 
_refine.ls_number_reflns_obs                     8649 
_refine.ls_number_reflns_all                     9128 
_refine.pdbx_ls_sigma_I                          ? 
_refine.pdbx_ls_sigma_F                          0.0 
_refine.pdbx_data_cutoff_high_absF               453998.77 
_refine.pdbx_data_cutoff_low_absF                0.000000 
_refine.pdbx_data_cutoff_high_rms_absF           ? 
_refine.ls_d_res_low                             27.08 
_refine.ls_d_res_high                            2.20 
_refine.ls_percent_reflns_obs                    91.9 
_refine.ls_R_factor_obs                          0.199 
_refine.ls_R_factor_all                          0.201 
_refine.ls_R_factor_R_work                       0.199 
_refine.ls_R_factor_R_free                       0.245 
_refine.ls_R_factor_R_free_error                 0.011 
_refine.ls_R_factor_R_free_error_details         ? 
_refine.ls_percent_reflns_R_free                 5.5 
_refine.ls_number_reflns_R_free                  479 
_refine.ls_number_parameters                     ? 
_refine.ls_number_restraints                     ? 
_refine.occupancy_min                            ? 
_refine.occupancy_max                            ? 
_refine.correlation_coeff_Fo_to_Fc               ? 
_refine.correlation_coeff_Fo_to_Fc_free          ? 
_refine.B_iso_mean                               ? 
_refine.aniso_B[1][1]                            ? 
_refine.aniso_B[2][2]                            ? 
_refine.aniso_B[3][3]                            ? 
_refine.aniso_B[1][2]                            ? 
_refine.aniso_B[1][3]                            ? 
_refine.aniso_B[2][3]                            ? 
_refine.solvent_model_details                    'FLAT MODEL' 
_refine.solvent_model_param_ksol                 ? 
_refine.solvent_model_param_bsol                 ? 
_refine.pdbx_solvent_vdw_probe_radii             ? 
_refine.pdbx_solvent_ion_probe_radii             ? 
_refine.pdbx_solvent_shrinkage_radii             ? 
_refine.pdbx_ls_cross_valid_method               THROUGHOUT 
_refine.details                                  ? 
_refine.pdbx_starting_model                      'PDb entry 2BO1' 
_refine.pdbx_method_to_determine_struct          'MOLECULAR REPLACEMENT' 
_refine.pdbx_isotropic_thermal_model             RESTRAINED 
_refine.pdbx_stereochemistry_target_values       'Engh & Huber' 
_refine.pdbx_stereochem_target_val_spec_case     ? 
_refine.pdbx_R_Free_selection_details            RANDOM 
_refine.pdbx_overall_ESU_R                       ? 
_refine.pdbx_overall_ESU_R_Free                  ? 
_refine.overall_SU_ML                            ? 
_refine.overall_SU_B                             ? 
_refine.ls_redundancy_reflns_obs                 ? 
_refine.B_iso_min                                ? 
_refine.B_iso_max                                ? 
_refine.overall_SU_R_Cruickshank_DPI             ? 
_refine.overall_SU_R_free                        ? 
_refine.ls_wR_factor_R_free                      ? 
_refine.ls_wR_factor_R_work                      ? 
_refine.overall_FOM_free_R_set                   ? 
_refine.overall_FOM_work_R_set                   ? 
_refine.pdbx_refine_id                           'X-RAY DIFFRACTION' 
_refine.pdbx_diffrn_id                           1 
_refine.pdbx_TLS_residual_ADP_flag               ? 
_refine.pdbx_overall_phase_error                 ? 
_refine.pdbx_overall_SU_R_free_Cruickshank_DPI   ? 
_refine.pdbx_overall_SU_R_Blow_DPI               ? 
_refine.pdbx_overall_SU_R_free_Blow_DPI          ? 
# 
_refine_analyze.entry_id                        2AZZ 
_refine_analyze.Luzzati_coordinate_error_obs    0.25 
_refine_analyze.Luzzati_sigma_a_obs             0.21 
_refine_analyze.Luzzati_d_res_low_obs           5.00 
_refine_analyze.Luzzati_coordinate_error_free   0.30 
_refine_analyze.Luzzati_sigma_a_free            0.27 
_refine_analyze.Luzzati_d_res_low_free          ? 
_refine_analyze.number_disordered_residues      ? 
_refine_analyze.occupancy_sum_hydrogen          ? 
_refine_analyze.occupancy_sum_non_hydrogen      ? 
_refine_analyze.pdbx_Luzzati_d_res_high_obs     ? 
_refine_analyze.pdbx_refine_id                  'X-RAY DIFFRACTION' 
# 
_refine_hist.pdbx_refine_id                   'X-RAY DIFFRACTION' 
_refine_hist.cycle_id                         LAST 
_refine_hist.pdbx_number_atoms_protein        971 
_refine_hist.pdbx_number_atoms_nucleic_acid   0 
_refine_hist.pdbx_number_atoms_ligand         41 
_refine_hist.number_atoms_solvent             97 
_refine_hist.number_atoms_total               1109 
_refine_hist.d_res_high                       2.20 
_refine_hist.d_res_low                        27.08 
# 
loop_
_refine_ls_restr.type 
_refine_ls_restr.dev_ideal 
_refine_ls_restr.dev_ideal_target 
_refine_ls_restr.weight 
_refine_ls_restr.number 
_refine_ls_restr.pdbx_refine_id 
_refine_ls_restr.pdbx_restraint_function 
c_bond_d           0.005 ? ? ? 'X-RAY DIFFRACTION' ? 
c_angle_deg        1.1   ? ? ? 'X-RAY DIFFRACTION' ? 
c_dihedral_angle_d 21.6  ? ? ? 'X-RAY DIFFRACTION' ? 
c_improper_angle_d 0.77  ? ? ? 'X-RAY DIFFRACTION' ? 
c_mcbond_it        ?     ? ? ? 'X-RAY DIFFRACTION' ? 
c_mcangle_it       ?     ? ? ? 'X-RAY DIFFRACTION' ? 
c_scbond_it        ?     ? ? ? 'X-RAY DIFFRACTION' ? 
c_scangle_it       ?     ? ? ? 'X-RAY DIFFRACTION' ? 
# 
loop_
_pdbx_xplor_file.serial_no 
_pdbx_xplor_file.param_file 
_pdbx_xplor_file.topol_file 
_pdbx_xplor_file.pdbx_refine_id 
1 protein_rep.param protein.top 'X-RAY DIFFRACTION' 
2 water_rep.param   water.top   'X-RAY DIFFRACTION' 
3 ion.param         ion.top     'X-RAY DIFFRACTION' 
4 tch.par           tch.top     'X-RAY DIFFRACTION' 
# 
_struct.entry_id                  2AZZ 
_struct.title                     'Crystal Structure of Porcine Pancreatic Phospholipase A2 in Complex with Taurocholate' 
_struct.pdbx_model_details        ? 
_struct.pdbx_CASP_flag            ? 
_struct.pdbx_model_type_details   ? 
# 
_struct_keywords.entry_id        2AZZ 
_struct_keywords.pdbx_keywords   HYDROLASE 
_struct_keywords.text            'Bile Salt, Taurocholate, Carboxylic ester hydrolase, PLA2, Panceartic enzyme, HYDROLASE' 
# 
loop_
_struct_asym.id 
_struct_asym.pdbx_blank_PDB_chainid_flag 
_struct_asym.pdbx_modified 
_struct_asym.entity_id 
_struct_asym.details 
A N N 1 ? 
B N N 2 ? 
C N N 2 ? 
D N N 2 ? 
E N N 3 ? 
F N N 3 ? 
G N N 3 ? 
H N N 4 ? 
I N N 5 ? 
# 
_struct_ref.id                         1 
_struct_ref.db_name                    UNP 
_struct_ref.db_code                    PA21B_PIG 
_struct_ref.pdbx_db_accession          P00592 
_struct_ref.entity_id                  1 
_struct_ref.pdbx_align_begin           23 
_struct_ref.pdbx_db_isoform            ? 
_struct_ref.pdbx_seq_one_letter_code   ? 
# 
_struct_ref_seq.align_id                      1 
_struct_ref_seq.ref_id                        1 
_struct_ref_seq.pdbx_PDB_id_code              2AZZ 
_struct_ref_seq.pdbx_strand_id                A 
_struct_ref_seq.seq_align_beg                 1 
_struct_ref_seq.pdbx_seq_align_beg_ins_code   ? 
_struct_ref_seq.seq_align_end                 124 
_struct_ref_seq.pdbx_seq_align_end_ins_code   ? 
_struct_ref_seq.pdbx_db_accession             P00592 
_struct_ref_seq.db_align_beg                  23 
_struct_ref_seq.pdbx_db_align_beg_ins_code    ? 
_struct_ref_seq.db_align_end                  146 
_struct_ref_seq.pdbx_db_align_end_ins_code    ? 
_struct_ref_seq.pdbx_auth_seq_align_beg       1 
_struct_ref_seq.pdbx_auth_seq_align_end       124 
# 
loop_
_pdbx_struct_assembly.id 
_pdbx_struct_assembly.details 
_pdbx_struct_assembly.method_details 
_pdbx_struct_assembly.oligomeric_details 
_pdbx_struct_assembly.oligomeric_count 
1 author_and_software_defined_assembly PQS  monomeric 1 
2 software_defined_assembly            PISA dimeric   2 
# 
loop_
_pdbx_struct_assembly_prop.biol_id 
_pdbx_struct_assembly_prop.type 
_pdbx_struct_assembly_prop.value 
_pdbx_struct_assembly_prop.details 
2 'ABSA (A^2)' 4830  ? 
2 MORE         -155  ? 
2 'SSA (A^2)'  13110 ? 
# 
loop_
_pdbx_struct_assembly_gen.assembly_id 
_pdbx_struct_assembly_gen.oper_expression 
_pdbx_struct_assembly_gen.asym_id_list 
1 1   A,B,C,D,E,F,G,H,I 
2 1,2 A,B,C,D,E,F,G,H,I 
# 
loop_
_pdbx_struct_oper_list.id 
_pdbx_struct_oper_list.type 
_pdbx_struct_oper_list.name 
_pdbx_struct_oper_list.symmetry_operation 
_pdbx_struct_oper_list.matrix[1][1] 
_pdbx_struct_oper_list.matrix[1][2] 
_pdbx_struct_oper_list.matrix[1][3] 
_pdbx_struct_oper_list.vector[1] 
_pdbx_struct_oper_list.matrix[2][1] 
_pdbx_struct_oper_list.matrix[2][2] 
_pdbx_struct_oper_list.matrix[2][3] 
_pdbx_struct_oper_list.vector[2] 
_pdbx_struct_oper_list.matrix[3][1] 
_pdbx_struct_oper_list.matrix[3][2] 
_pdbx_struct_oper_list.matrix[3][3] 
_pdbx_struct_oper_list.vector[3] 
1 'identity operation'         1_555 x,y,z         1.0000000000 0.0000000000 0.0000000000 0.0000000000  0.0000000000 1.0000000000  0.0000000000 0.0000000000  0.0000000000 0.0000000000 1.0000000000  0.0000000000  
2 'crystal symmetry operation' 5_555 x-y,-y,-z+2/3 0.8443599013 0.5330224347 0.0542534902 -0.2733968516 0.5330224347 -0.8459558161 0.0156793300 -2.3931713236 0.0542534902 0.0156793300 -0.9984040852 32.8062985221 
# 
_struct_biol.id                    1 
_struct_biol.pdbx_parent_biol_id   ? 
_struct_biol.details               ? 
# 
loop_
_struct_conf.conf_type_id 
_struct_conf.id 
_struct_conf.pdbx_PDB_helix_id 
_struct_conf.beg_label_comp_id 
_struct_conf.beg_label_asym_id 
_struct_conf.beg_label_seq_id 
_struct_conf.pdbx_beg_PDB_ins_code 
_struct_conf.end_label_comp_id 
_struct_conf.end_label_asym_id 
_struct_conf.end_label_seq_id 
_struct_conf.pdbx_end_PDB_ins_code 
_struct_conf.beg_auth_comp_id 
_struct_conf.beg_auth_asym_id 
_struct_conf.beg_auth_seq_id 
_struct_conf.end_auth_comp_id 
_struct_conf.end_auth_asym_id 
_struct_conf.end_auth_seq_id 
_struct_conf.pdbx_PDB_helix_class 
_struct_conf.details 
_struct_conf.pdbx_PDB_helix_length 
HELX_P HELX_P1 1 ALA A 1   ? ILE A 13  ? ALA A 1   ILE A 13  1 ? 13 
HELX_P HELX_P2 2 HIS A 17  ? ASN A 23  ? HIS A 17  ASN A 23  5 ? 7  
HELX_P HELX_P3 3 ASP A 39  ? ASN A 57  ? ASP A 39  ASN A 57  1 ? 19 
HELX_P HELX_P4 4 PHE A 63  ? GLU A 71  ? PHE A 63  GLU A 71  5 ? 9  
HELX_P HELX_P5 5 ASN A 89  ? ALA A 109 ? ASN A 89  ALA A 109 1 ? 21 
HELX_P HELX_P6 6 ASN A 112 ? LYS A 116 ? ASN A 112 LYS A 116 5 ? 5  
HELX_P HELX_P7 7 ASP A 119 ? CYS A 124 ? ASP A 119 CYS A 124 1 ? 6  
# 
_struct_conf_type.id          HELX_P 
_struct_conf_type.criteria    ? 
_struct_conf_type.reference   ? 
# 
loop_
_struct_conn.id 
_struct_conn.conn_type_id 
_struct_conn.pdbx_leaving_atom_flag 
_struct_conn.pdbx_PDB_id 
_struct_conn.ptnr1_label_asym_id 
_struct_conn.ptnr1_label_comp_id 
_struct_conn.ptnr1_label_seq_id 
_struct_conn.ptnr1_label_atom_id 
_struct_conn.pdbx_ptnr1_label_alt_id 
_struct_conn.pdbx_ptnr1_PDB_ins_code 
_struct_conn.pdbx_ptnr1_standard_comp_id 
_struct_conn.ptnr1_symmetry 
_struct_conn.ptnr2_label_asym_id 
_struct_conn.ptnr2_label_comp_id 
_struct_conn.ptnr2_label_seq_id 
_struct_conn.ptnr2_label_atom_id 
_struct_conn.pdbx_ptnr2_label_alt_id 
_struct_conn.pdbx_ptnr2_PDB_ins_code 
_struct_conn.ptnr1_auth_asym_id 
_struct_conn.ptnr1_auth_comp_id 
_struct_conn.ptnr1_auth_seq_id 
_struct_conn.ptnr2_auth_asym_id 
_struct_conn.ptnr2_auth_comp_id 
_struct_conn.ptnr2_auth_seq_id 
_struct_conn.ptnr2_symmetry 
_struct_conn.pdbx_ptnr3_label_atom_id 
_struct_conn.pdbx_ptnr3_label_seq_id 
_struct_conn.pdbx_ptnr3_label_comp_id 
_struct_conn.pdbx_ptnr3_label_asym_id 
_struct_conn.pdbx_ptnr3_label_alt_id 
_struct_conn.pdbx_ptnr3_PDB_ins_code 
_struct_conn.details 
_struct_conn.pdbx_dist_value 
_struct_conn.pdbx_value_order 
_struct_conn.pdbx_role 
disulf1  disulf ? ? A CYS 11 SG  ? ? ? 1_555 A CYS 77  SG ? ? A CYS 11  A CYS 77  1_555 ? ? ? ? ? ? ? 2.031 ? ? 
disulf2  disulf ? ? A CYS 27 SG  ? ? ? 1_555 A CYS 124 SG ? ? A CYS 27  A CYS 124 1_555 ? ? ? ? ? ? ? 2.029 ? ? 
disulf3  disulf ? ? A CYS 29 SG  ? ? ? 1_555 A CYS 45  SG ? ? A CYS 29  A CYS 45  1_555 ? ? ? ? ? ? ? 2.032 ? ? 
disulf4  disulf ? ? A CYS 44 SG  ? ? ? 1_555 A CYS 105 SG ? ? A CYS 44  A CYS 105 1_555 ? ? ? ? ? ? ? 2.029 ? ? 
disulf5  disulf ? ? A CYS 51 SG  ? ? ? 1_555 A CYS 98  SG ? ? A CYS 51  A CYS 98  1_555 ? ? ? ? ? ? ? 2.030 ? ? 
disulf6  disulf ? ? A CYS 61 SG  ? ? ? 1_555 A CYS 91  SG ? ? A CYS 61  A CYS 91  1_555 ? ? ? ? ? ? ? 2.030 ? ? 
disulf7  disulf ? ? A CYS 84 SG  ? ? ? 1_555 A CYS 96  SG ? ? A CYS 84  A CYS 96  1_555 ? ? ? ? ? ? ? 2.035 ? ? 
metalc1  metalc ? ? A TYR 28 O   ? ? ? 1_555 B CA  .   CA ? ? A TYR 28  A CA  125 1_555 ? ? ? ? ? ? ? 2.325 ? ? 
metalc2  metalc ? ? A GLY 30 O   ? ? ? 1_555 B CA  .   CA ? ? A GLY 30  A CA  125 1_555 ? ? ? ? ? ? ? 2.230 ? ? 
metalc3  metalc ? ? A GLY 32 O   ? ? ? 1_555 B CA  .   CA ? ? A GLY 32  A CA  125 1_555 ? ? ? ? ? ? ? 2.504 ? ? 
metalc4  metalc ? ? A ASP 49 OD1 ? ? ? 1_555 B CA  .   CA ? ? A ASP 49  A CA  125 1_555 ? ? ? ? ? ? ? 2.384 ? ? 
metalc5  metalc ? ? A ASP 49 OD2 ? ? ? 1_555 B CA  .   CA ? ? A ASP 49  A CA  125 1_555 ? ? ? ? ? ? ? 2.643 ? ? 
metalc6  metalc ? ? A LYS 62 O   ? ? ? 1_555 D CA  .   CA ? ? A LYS 62  A CA  127 1_555 ? ? ? ? ? ? ? 2.283 ? ? 
metalc7  metalc ? ? A LYS 62 O   ? ? ? 5_555 D CA  .   CA ? ? A LYS 62  A CA  127 1_555 ? ? ? ? ? ? ? 2.283 ? ? 
metalc8  metalc ? ? A GLU 71 OE1 ? ? ? 1_555 C CA  .   CA ? ? A GLU 71  A CA  126 1_555 ? ? ? ? ? ? ? 2.370 ? ? 
metalc9  metalc ? ? A GLU 71 OE1 ? ? ? 5_555 C CA  .   CA ? ? A GLU 71  A CA  126 1_555 ? ? ? ? ? ? ? 2.353 ? ? 
metalc10 metalc ? ? A SER 72 O   ? ? ? 1_555 C CA  .   CA ? ? A SER 72  A CA  126 1_555 ? ? ? ? ? ? ? 2.315 ? ? 
metalc11 metalc ? ? A SER 72 O   ? ? ? 5_555 C CA  .   CA ? ? A SER 72  A CA  126 1_555 ? ? ? ? ? ? ? 2.299 ? ? 
metalc12 metalc ? ? A GLU 92 OE1 ? ? ? 1_555 C CA  .   CA ? ? A GLU 92  A CA  126 1_555 ? ? ? ? ? ? ? 2.393 ? ? 
metalc13 metalc ? ? A GLU 92 OE1 ? ? ? 5_555 C CA  .   CA ? ? A GLU 92  A CA  126 1_555 ? ? ? ? ? ? ? 2.401 ? ? 
metalc14 metalc ? ? B CA  .  CA  ? ? ? 1_555 I HOH .   O  ? ? A CA  125 A HOH 144 1_555 ? ? ? ? ? ? ? 2.283 ? ? 
metalc15 metalc ? ? B CA  .  CA  ? ? ? 1_555 I HOH .   O  ? ? A CA  125 A HOH 189 1_555 ? ? ? ? ? ? ? 2.394 ? ? 
metalc16 metalc ? ? D CA  .  CA  ? ? ? 1_555 F CL  .   CL ? ? A CA  127 A CL  129 1_555 ? ? ? ? ? ? ? 3.007 ? ? 
metalc17 metalc ? ? D CA  .  CA  ? ? ? 1_555 F CL  .   CL ? ? A CA  127 A CL  129 5_555 ? ? ? ? ? ? ? 3.007 ? ? 
metalc18 metalc ? ? D CA  .  CA  ? ? ? 1_555 G CL  .   CL ? ? A CA  127 A CL  130 1_555 ? ? ? ? ? ? ? 2.858 ? ? 
metalc19 metalc ? ? D CA  .  CA  ? ? ? 1_555 G CL  .   CL ? ? A CA  127 A CL  130 5_555 ? ? ? ? ? ? ? 2.858 ? ? 
metalc20 metalc ? ? D CA  .  CA  ? ? ? 1_555 I HOH .   O  ? ? A CA  127 A HOH 172 1_555 ? ? ? ? ? ? ? 3.043 ? ? 
metalc21 metalc ? ? D CA  .  CA  ? ? ? 1_555 I HOH .   O  ? ? A CA  127 A HOH 172 5_555 ? ? ? ? ? ? ? 3.043 ? ? 
# 
loop_
_struct_conn_type.id 
_struct_conn_type.criteria 
_struct_conn_type.reference 
disulf ? ? 
metalc ? ? 
# 
loop_
_pdbx_struct_conn_angle.id 
_pdbx_struct_conn_angle.ptnr1_label_atom_id 
_pdbx_struct_conn_angle.ptnr1_label_alt_id 
_pdbx_struct_conn_angle.ptnr1_label_asym_id 
_pdbx_struct_conn_angle.ptnr1_label_comp_id 
_pdbx_struct_conn_angle.ptnr1_label_seq_id 
_pdbx_struct_conn_angle.ptnr1_auth_atom_id 
_pdbx_struct_conn_angle.ptnr1_auth_asym_id 
_pdbx_struct_conn_angle.ptnr1_auth_comp_id 
_pdbx_struct_conn_angle.ptnr1_auth_seq_id 
_pdbx_struct_conn_angle.ptnr1_PDB_ins_code 
_pdbx_struct_conn_angle.ptnr1_symmetry 
_pdbx_struct_conn_angle.ptnr2_label_atom_id 
_pdbx_struct_conn_angle.ptnr2_label_alt_id 
_pdbx_struct_conn_angle.ptnr2_label_asym_id 
_pdbx_struct_conn_angle.ptnr2_label_comp_id 
_pdbx_struct_conn_angle.ptnr2_label_seq_id 
_pdbx_struct_conn_angle.ptnr2_auth_atom_id 
_pdbx_struct_conn_angle.ptnr2_auth_asym_id 
_pdbx_struct_conn_angle.ptnr2_auth_comp_id 
_pdbx_struct_conn_angle.ptnr2_auth_seq_id 
_pdbx_struct_conn_angle.ptnr2_PDB_ins_code 
_pdbx_struct_conn_angle.ptnr2_symmetry 
_pdbx_struct_conn_angle.ptnr3_label_atom_id 
_pdbx_struct_conn_angle.ptnr3_label_alt_id 
_pdbx_struct_conn_angle.ptnr3_label_asym_id 
_pdbx_struct_conn_angle.ptnr3_label_comp_id 
_pdbx_struct_conn_angle.ptnr3_label_seq_id 
_pdbx_struct_conn_angle.ptnr3_auth_atom_id 
_pdbx_struct_conn_angle.ptnr3_auth_asym_id 
_pdbx_struct_conn_angle.ptnr3_auth_comp_id 
_pdbx_struct_conn_angle.ptnr3_auth_seq_id 
_pdbx_struct_conn_angle.ptnr3_PDB_ins_code 
_pdbx_struct_conn_angle.ptnr3_symmetry 
_pdbx_struct_conn_angle.value 
_pdbx_struct_conn_angle.value_esd 
1  O   ? A TYR 28 ? A TYR 28  ? 1_555 CA ? B CA . ? A CA 125 ? 1_555 O   ? A GLY 30 ? A GLY 30  ? 1_555 85.9  ? 
2  O   ? A TYR 28 ? A TYR 28  ? 1_555 CA ? B CA . ? A CA 125 ? 1_555 O   ? A GLY 32 ? A GLY 32  ? 1_555 89.5  ? 
3  O   ? A GLY 30 ? A GLY 30  ? 1_555 CA ? B CA . ? A CA 125 ? 1_555 O   ? A GLY 32 ? A GLY 32  ? 1_555 82.4  ? 
4  O   ? A TYR 28 ? A TYR 28  ? 1_555 CA ? B CA . ? A CA 125 ? 1_555 OD1 ? A ASP 49 ? A ASP 49  ? 1_555 100.5 ? 
5  O   ? A GLY 30 ? A GLY 30  ? 1_555 CA ? B CA . ? A CA 125 ? 1_555 OD1 ? A ASP 49 ? A ASP 49  ? 1_555 158.5 ? 
6  O   ? A GLY 32 ? A GLY 32  ? 1_555 CA ? B CA . ? A CA 125 ? 1_555 OD1 ? A ASP 49 ? A ASP 49  ? 1_555 77.3  ? 
7  O   ? A TYR 28 ? A TYR 28  ? 1_555 CA ? B CA . ? A CA 125 ? 1_555 OD2 ? A ASP 49 ? A ASP 49  ? 1_555 109.2 ? 
8  O   ? A GLY 30 ? A GLY 30  ? 1_555 CA ? B CA . ? A CA 125 ? 1_555 OD2 ? A ASP 49 ? A ASP 49  ? 1_555 145.4 ? 
9  O   ? A GLY 32 ? A GLY 32  ? 1_555 CA ? B CA . ? A CA 125 ? 1_555 OD2 ? A ASP 49 ? A ASP 49  ? 1_555 127.1 ? 
10 OD1 ? A ASP 49 ? A ASP 49  ? 1_555 CA ? B CA . ? A CA 125 ? 1_555 OD2 ? A ASP 49 ? A ASP 49  ? 1_555 51.3  ? 
11 O   ? A TYR 28 ? A TYR 28  ? 1_555 CA ? B CA . ? A CA 125 ? 1_555 O   ? I HOH .  ? A HOH 144 ? 1_555 77.8  ? 
12 O   ? A GLY 30 ? A GLY 30  ? 1_555 CA ? B CA . ? A CA 125 ? 1_555 O   ? I HOH .  ? A HOH 144 ? 1_555 71.4  ? 
13 O   ? A GLY 32 ? A GLY 32  ? 1_555 CA ? B CA . ? A CA 125 ? 1_555 O   ? I HOH .  ? A HOH 144 ? 1_555 151.4 ? 
14 OD1 ? A ASP 49 ? A ASP 49  ? 1_555 CA ? B CA . ? A CA 125 ? 1_555 O   ? I HOH .  ? A HOH 144 ? 1_555 129.9 ? 
15 OD2 ? A ASP 49 ? A ASP 49  ? 1_555 CA ? B CA . ? A CA 125 ? 1_555 O   ? I HOH .  ? A HOH 144 ? 1_555 81.4  ? 
16 O   ? A TYR 28 ? A TYR 28  ? 1_555 CA ? B CA . ? A CA 125 ? 1_555 O   ? I HOH .  ? A HOH 189 ? 1_555 169.3 ? 
17 O   ? A GLY 30 ? A GLY 30  ? 1_555 CA ? B CA . ? A CA 125 ? 1_555 O   ? I HOH .  ? A HOH 189 ? 1_555 85.2  ? 
18 O   ? A GLY 32 ? A GLY 32  ? 1_555 CA ? B CA . ? A CA 125 ? 1_555 O   ? I HOH .  ? A HOH 189 ? 1_555 95.1  ? 
19 OD1 ? A ASP 49 ? A ASP 49  ? 1_555 CA ? B CA . ? A CA 125 ? 1_555 O   ? I HOH .  ? A HOH 189 ? 1_555 89.9  ? 
20 OD2 ? A ASP 49 ? A ASP 49  ? 1_555 CA ? B CA . ? A CA 125 ? 1_555 O   ? I HOH .  ? A HOH 189 ? 1_555 75.6  ? 
21 O   ? I HOH .  ? A HOH 144 ? 1_555 CA ? B CA . ? A CA 125 ? 1_555 O   ? I HOH .  ? A HOH 189 ? 1_555 93.9  ? 
22 O   ? A LYS 62 ? A LYS 62  ? 1_555 CA ? D CA . ? A CA 127 ? 1_555 O   ? A LYS 62 ? A LYS 62  ? 5_555 179.1 ? 
23 O   ? A LYS 62 ? A LYS 62  ? 1_555 CA ? D CA . ? A CA 127 ? 1_555 CL  ? F CL  .  ? A CL  129 ? 1_555 84.7  ? 
24 O   ? A LYS 62 ? A LYS 62  ? 5_555 CA ? D CA . ? A CA 127 ? 1_555 CL  ? F CL  .  ? A CL  129 ? 1_555 95.8  ? 
25 O   ? A LYS 62 ? A LYS 62  ? 1_555 CA ? D CA . ? A CA 127 ? 1_555 CL  ? F CL  .  ? A CL  129 ? 5_555 95.8  ? 
26 O   ? A LYS 62 ? A LYS 62  ? 5_555 CA ? D CA . ? A CA 127 ? 1_555 CL  ? F CL  .  ? A CL  129 ? 5_555 84.7  ? 
27 CL  ? F CL  .  ? A CL  129 ? 1_555 CA ? D CA . ? A CA 127 ? 1_555 CL  ? F CL  .  ? A CL  129 ? 5_555 108.4 ? 
28 O   ? A LYS 62 ? A LYS 62  ? 1_555 CA ? D CA . ? A CA 127 ? 1_555 CL  ? G CL  .  ? A CL  130 ? 1_555 90.1  ? 
29 O   ? A LYS 62 ? A LYS 62  ? 5_555 CA ? D CA . ? A CA 127 ? 1_555 CL  ? G CL  .  ? A CL  130 ? 1_555 89.0  ? 
30 CL  ? F CL  .  ? A CL  129 ? 1_555 CA ? D CA . ? A CA 127 ? 1_555 CL  ? G CL  .  ? A CL  130 ? 1_555 102.1 ? 
31 CL  ? F CL  .  ? A CL  129 ? 5_555 CA ? D CA . ? A CA 127 ? 1_555 CL  ? G CL  .  ? A CL  130 ? 1_555 149.3 ? 
32 O   ? A LYS 62 ? A LYS 62  ? 1_555 CA ? D CA . ? A CA 127 ? 1_555 CL  ? G CL  .  ? A CL  130 ? 5_555 89.0  ? 
33 O   ? A LYS 62 ? A LYS 62  ? 5_555 CA ? D CA . ? A CA 127 ? 1_555 CL  ? G CL  .  ? A CL  130 ? 5_555 90.1  ? 
34 CL  ? F CL  .  ? A CL  129 ? 1_555 CA ? D CA . ? A CA 127 ? 1_555 CL  ? G CL  .  ? A CL  130 ? 5_555 149.3 ? 
35 CL  ? F CL  .  ? A CL  129 ? 5_555 CA ? D CA . ? A CA 127 ? 1_555 CL  ? G CL  .  ? A CL  130 ? 5_555 102.1 ? 
36 CL  ? G CL  .  ? A CL  130 ? 1_555 CA ? D CA . ? A CA 127 ? 1_555 CL  ? G CL  .  ? A CL  130 ? 5_555 47.8  ? 
37 O   ? A LYS 62 ? A LYS 62  ? 1_555 CA ? D CA . ? A CA 127 ? 1_555 O   ? I HOH .  ? A HOH 172 ? 1_555 85.9  ? 
38 O   ? A LYS 62 ? A LYS 62  ? 5_555 CA ? D CA . ? A CA 127 ? 1_555 O   ? I HOH .  ? A HOH 172 ? 1_555 93.9  ? 
39 CL  ? F CL  .  ? A CL  129 ? 1_555 CA ? D CA . ? A CA 127 ? 1_555 O   ? I HOH .  ? A HOH 172 ? 1_555 49.3  ? 
40 CL  ? F CL  .  ? A CL  129 ? 5_555 CA ? D CA . ? A CA 127 ? 1_555 O   ? I HOH .  ? A HOH 172 ? 1_555 157.5 ? 
41 CL  ? G CL  .  ? A CL  130 ? 1_555 CA ? D CA . ? A CA 127 ? 1_555 O   ? I HOH .  ? A HOH 172 ? 1_555 52.8  ? 
42 CL  ? G CL  .  ? A CL  130 ? 5_555 CA ? D CA . ? A CA 127 ? 1_555 O   ? I HOH .  ? A HOH 172 ? 1_555 100.4 ? 
43 O   ? A LYS 62 ? A LYS 62  ? 1_555 CA ? D CA . ? A CA 127 ? 1_555 O   ? I HOH .  ? A HOH 172 ? 5_555 93.9  ? 
44 O   ? A LYS 62 ? A LYS 62  ? 5_555 CA ? D CA . ? A CA 127 ? 1_555 O   ? I HOH .  ? A HOH 172 ? 5_555 85.9  ? 
45 CL  ? F CL  .  ? A CL  129 ? 1_555 CA ? D CA . ? A CA 127 ? 1_555 O   ? I HOH .  ? A HOH 172 ? 5_555 157.5 ? 
46 CL  ? F CL  .  ? A CL  129 ? 5_555 CA ? D CA . ? A CA 127 ? 1_555 O   ? I HOH .  ? A HOH 172 ? 5_555 49.3  ? 
47 CL  ? G CL  .  ? A CL  130 ? 1_555 CA ? D CA . ? A CA 127 ? 1_555 O   ? I HOH .  ? A HOH 172 ? 5_555 100.4 ? 
48 CL  ? G CL  .  ? A CL  130 ? 5_555 CA ? D CA . ? A CA 127 ? 1_555 O   ? I HOH .  ? A HOH 172 ? 5_555 52.8  ? 
49 O   ? I HOH .  ? A HOH 172 ? 1_555 CA ? D CA . ? A CA 127 ? 1_555 O   ? I HOH .  ? A HOH 172 ? 5_555 153.2 ? 
50 OE1 ? A GLU 71 ? A GLU 71  ? 1_555 CA ? C CA . ? A CA 126 ? 1_555 OE1 ? A GLU 71 ? A GLU 71  ? 5_555 90.1  ? 
51 OE1 ? A GLU 71 ? A GLU 71  ? 1_555 CA ? C CA . ? A CA 126 ? 1_555 O   ? A SER 72 ? A SER 72  ? 1_555 88.1  ? 
52 OE1 ? A GLU 71 ? A GLU 71  ? 5_555 CA ? C CA . ? A CA 126 ? 1_555 O   ? A SER 72 ? A SER 72  ? 1_555 168.2 ? 
53 OE1 ? A GLU 71 ? A GLU 71  ? 1_555 CA ? C CA . ? A CA 126 ? 1_555 O   ? A SER 72 ? A SER 72  ? 5_555 168.0 ? 
54 OE1 ? A GLU 71 ? A GLU 71  ? 5_555 CA ? C CA . ? A CA 126 ? 1_555 O   ? A SER 72 ? A SER 72  ? 5_555 88.9  ? 
55 O   ? A SER 72 ? A SER 72  ? 1_555 CA ? C CA . ? A CA 126 ? 1_555 O   ? A SER 72 ? A SER 72  ? 5_555 95.2  ? 
56 OE1 ? A GLU 71 ? A GLU 71  ? 1_555 CA ? C CA . ? A CA 126 ? 1_555 OE1 ? A GLU 92 ? A GLU 92  ? 1_555 94.6  ? 
57 OE1 ? A GLU 71 ? A GLU 71  ? 5_555 CA ? C CA . ? A CA 126 ? 1_555 OE1 ? A GLU 92 ? A GLU 92  ? 1_555 79.7  ? 
58 O   ? A SER 72 ? A SER 72  ? 1_555 CA ? C CA . ? A CA 126 ? 1_555 OE1 ? A GLU 92 ? A GLU 92  ? 1_555 88.8  ? 
59 O   ? A SER 72 ? A SER 72  ? 5_555 CA ? C CA . ? A CA 126 ? 1_555 OE1 ? A GLU 92 ? A GLU 92  ? 1_555 97.0  ? 
60 OE1 ? A GLU 71 ? A GLU 71  ? 1_555 CA ? C CA . ? A CA 126 ? 1_555 OE1 ? A GLU 92 ? A GLU 92  ? 5_555 79.2  ? 
61 OE1 ? A GLU 71 ? A GLU 71  ? 5_555 CA ? C CA . ? A CA 126 ? 1_555 OE1 ? A GLU 92 ? A GLU 92  ? 5_555 94.8  ? 
62 O   ? A SER 72 ? A SER 72  ? 1_555 CA ? C CA . ? A CA 126 ? 1_555 OE1 ? A GLU 92 ? A GLU 92  ? 5_555 96.4  ? 
63 O   ? A SER 72 ? A SER 72  ? 5_555 CA ? C CA . ? A CA 126 ? 1_555 OE1 ? A GLU 92 ? A GLU 92  ? 5_555 88.9  ? 
64 OE1 ? A GLU 92 ? A GLU 92  ? 1_555 CA ? C CA . ? A CA 126 ? 1_555 OE1 ? A GLU 92 ? A GLU 92  ? 5_555 171.8 ? 
# 
loop_
_pdbx_modification_feature.ordinal 
_pdbx_modification_feature.label_comp_id 
_pdbx_modification_feature.label_asym_id 
_pdbx_modification_feature.label_seq_id 
_pdbx_modification_feature.label_alt_id 
_pdbx_modification_feature.modified_residue_label_comp_id 
_pdbx_modification_feature.modified_residue_label_asym_id 
_pdbx_modification_feature.modified_residue_label_seq_id 
_pdbx_modification_feature.modified_residue_label_alt_id 
_pdbx_modification_feature.auth_comp_id 
_pdbx_modification_feature.auth_asym_id 
_pdbx_modification_feature.auth_seq_id 
_pdbx_modification_feature.PDB_ins_code 
_pdbx_modification_feature.symmetry 
_pdbx_modification_feature.modified_residue_auth_comp_id 
_pdbx_modification_feature.modified_residue_auth_asym_id 
_pdbx_modification_feature.modified_residue_auth_seq_id 
_pdbx_modification_feature.modified_residue_PDB_ins_code 
_pdbx_modification_feature.modified_residue_symmetry 
_pdbx_modification_feature.comp_id_linking_atom 
_pdbx_modification_feature.modified_residue_id_linking_atom 
_pdbx_modification_feature.modified_residue_id 
_pdbx_modification_feature.ref_pcm_id 
_pdbx_modification_feature.ref_comp_id 
_pdbx_modification_feature.type 
_pdbx_modification_feature.category 
1 CYS A 11 ? CYS A 77  ? CYS A 11 ? 1_555 CYS A 77  ? 1_555 SG SG . . . None 'Disulfide bridge' 
2 CYS A 27 ? CYS A 124 ? CYS A 27 ? 1_555 CYS A 124 ? 1_555 SG SG . . . None 'Disulfide bridge' 
3 CYS A 29 ? CYS A 45  ? CYS A 29 ? 1_555 CYS A 45  ? 1_555 SG SG . . . None 'Disulfide bridge' 
4 CYS A 44 ? CYS A 105 ? CYS A 44 ? 1_555 CYS A 105 ? 1_555 SG SG . . . None 'Disulfide bridge' 
5 CYS A 51 ? CYS A 98  ? CYS A 51 ? 1_555 CYS A 98  ? 1_555 SG SG . . . None 'Disulfide bridge' 
6 CYS A 61 ? CYS A 91  ? CYS A 61 ? 1_555 CYS A 91  ? 1_555 SG SG . . . None 'Disulfide bridge' 
7 CYS A 84 ? CYS A 96  ? CYS A 84 ? 1_555 CYS A 96  ? 1_555 SG SG . . . None 'Disulfide bridge' 
# 
_struct_sheet.id               A 
_struct_sheet.type             ? 
_struct_sheet.number_strands   2 
_struct_sheet.details          ? 
# 
_struct_sheet_order.sheet_id     A 
_struct_sheet_order.range_id_1   1 
_struct_sheet_order.range_id_2   2 
_struct_sheet_order.offset       ? 
_struct_sheet_order.sense        anti-parallel 
# 
loop_
_struct_sheet_range.sheet_id 
_struct_sheet_range.id 
_struct_sheet_range.beg_label_comp_id 
_struct_sheet_range.beg_label_asym_id 
_struct_sheet_range.beg_label_seq_id 
_struct_sheet_range.pdbx_beg_PDB_ins_code 
_struct_sheet_range.end_label_comp_id 
_struct_sheet_range.end_label_asym_id 
_struct_sheet_range.end_label_seq_id 
_struct_sheet_range.pdbx_end_PDB_ins_code 
_struct_sheet_range.beg_auth_comp_id 
_struct_sheet_range.beg_auth_asym_id 
_struct_sheet_range.beg_auth_seq_id 
_struct_sheet_range.end_auth_comp_id 
_struct_sheet_range.end_auth_asym_id 
_struct_sheet_range.end_auth_seq_id 
A 1 TYR A 75 ? SER A 78 ? TYR A 75 SER A 78 
A 2 GLU A 81 ? CYS A 84 ? GLU A 81 CYS A 84 
# 
_pdbx_struct_sheet_hbond.sheet_id                A 
_pdbx_struct_sheet_hbond.range_id_1              1 
_pdbx_struct_sheet_hbond.range_id_2              2 
_pdbx_struct_sheet_hbond.range_1_label_atom_id   N 
_pdbx_struct_sheet_hbond.range_1_label_comp_id   SER 
_pdbx_struct_sheet_hbond.range_1_label_asym_id   A 
_pdbx_struct_sheet_hbond.range_1_label_seq_id    76 
_pdbx_struct_sheet_hbond.range_1_PDB_ins_code    ? 
_pdbx_struct_sheet_hbond.range_1_auth_atom_id    N 
_pdbx_struct_sheet_hbond.range_1_auth_comp_id    SER 
_pdbx_struct_sheet_hbond.range_1_auth_asym_id    A 
_pdbx_struct_sheet_hbond.range_1_auth_seq_id     76 
_pdbx_struct_sheet_hbond.range_2_label_atom_id   O 
_pdbx_struct_sheet_hbond.range_2_label_comp_id   THR 
_pdbx_struct_sheet_hbond.range_2_label_asym_id   A 
_pdbx_struct_sheet_hbond.range_2_label_seq_id    83 
_pdbx_struct_sheet_hbond.range_2_PDB_ins_code    ? 
_pdbx_struct_sheet_hbond.range_2_auth_atom_id    O 
_pdbx_struct_sheet_hbond.range_2_auth_comp_id    THR 
_pdbx_struct_sheet_hbond.range_2_auth_asym_id    A 
_pdbx_struct_sheet_hbond.range_2_auth_seq_id     83 
# 
loop_
_struct_site.id 
_struct_site.pdbx_evidence_code 
_struct_site.pdbx_auth_asym_id 
_struct_site.pdbx_auth_comp_id 
_struct_site.pdbx_auth_seq_id 
_struct_site.pdbx_auth_ins_code 
_struct_site.pdbx_num_residues 
_struct_site.details 
AC1 Software A CA  125 ? 6  'BINDING SITE FOR RESIDUE CA A 125'  
AC2 Software A CA  126 ? 6  'BINDING SITE FOR RESIDUE CA A 126'  
AC3 Software A CA  127 ? 8  'BINDING SITE FOR RESIDUE CA A 127'  
AC4 Software A CL  128 ? 4  'BINDING SITE FOR RESIDUE CL A 128'  
AC5 Software A CL  129 ? 5  'BINDING SITE FOR RESIDUE CL A 129'  
AC6 Software A CL  130 ? 5  'BINDING SITE FOR RESIDUE CL A 130'  
AC7 Software A TCH 131 ? 10 'BINDING SITE FOR RESIDUE TCH A 131' 
# 
loop_
_struct_site_gen.id 
_struct_site_gen.site_id 
_struct_site_gen.pdbx_num_res 
_struct_site_gen.label_comp_id 
_struct_site_gen.label_asym_id 
_struct_site_gen.label_seq_id 
_struct_site_gen.pdbx_auth_ins_code 
_struct_site_gen.auth_comp_id 
_struct_site_gen.auth_asym_id 
_struct_site_gen.auth_seq_id 
_struct_site_gen.label_atom_id 
_struct_site_gen.label_alt_id 
_struct_site_gen.symmetry 
_struct_site_gen.details 
1  AC1 6  TYR A 28 ? TYR A 28  . ? 1_555 ? 
2  AC1 6  GLY A 30 ? GLY A 30  . ? 1_555 ? 
3  AC1 6  GLY A 32 ? GLY A 32  . ? 1_555 ? 
4  AC1 6  ASP A 49 ? ASP A 49  . ? 1_555 ? 
5  AC1 6  HOH I .  ? HOH A 144 . ? 1_555 ? 
6  AC1 6  HOH I .  ? HOH A 189 . ? 1_555 ? 
7  AC2 6  GLU A 71 ? GLU A 71  . ? 1_555 ? 
8  AC2 6  GLU A 71 ? GLU A 71  . ? 5_555 ? 
9  AC2 6  SER A 72 ? SER A 72  . ? 5_555 ? 
10 AC2 6  SER A 72 ? SER A 72  . ? 1_555 ? 
11 AC2 6  GLU A 92 ? GLU A 92  . ? 5_555 ? 
12 AC2 6  GLU A 92 ? GLU A 92  . ? 1_555 ? 
13 AC3 8  LYS A 62 ? LYS A 62  . ? 5_555 ? 
14 AC3 8  LYS A 62 ? LYS A 62  . ? 1_555 ? 
15 AC3 8  CL  F .  ? CL  A 129 . ? 1_555 ? 
16 AC3 8  CL  F .  ? CL  A 129 . ? 5_555 ? 
17 AC3 8  CL  G .  ? CL  A 130 . ? 1_555 ? 
18 AC3 8  CL  G .  ? CL  A 130 . ? 5_555 ? 
19 AC3 8  HOH I .  ? HOH A 172 . ? 1_555 ? 
20 AC3 8  HOH I .  ? HOH A 172 . ? 5_555 ? 
21 AC4 4  GLY A 30 ? GLY A 30  . ? 1_555 ? 
22 AC4 4  ARG A 43 ? ARG A 43  . ? 2_655 ? 
23 AC4 4  TYR A 69 ? TYR A 69  . ? 1_555 ? 
24 AC4 4  HOH I .  ? HOH A 144 . ? 1_555 ? 
25 AC5 5  LYS A 62 ? LYS A 62  . ? 5_555 ? 
26 AC5 5  LYS A 62 ? LYS A 62  . ? 1_555 ? 
27 AC5 5  CA  D .  ? CA  A 127 . ? 5_555 ? 
28 AC5 5  CA  D .  ? CA  A 127 . ? 1_555 ? 
29 AC5 5  HOH I .  ? HOH A 172 . ? 1_555 ? 
30 AC6 5  LYS A 62 ? LYS A 62  . ? 1_555 ? 
31 AC6 5  LYS A 62 ? LYS A 62  . ? 5_555 ? 
32 AC6 5  CA  D .  ? CA  A 127 . ? 5_555 ? 
33 AC6 5  CA  D .  ? CA  A 127 . ? 1_555 ? 
34 AC6 5  HOH I .  ? HOH A 172 . ? 1_555 ? 
35 AC7 10 ARG A 6  ? ARG A 6   . ? 1_555 ? 
36 AC7 10 ILE A 9  ? ILE A 9   . ? 1_555 ? 
37 AC7 10 MET A 20 ? MET A 20  . ? 1_555 ? 
38 AC7 10 ASP A 21 ? ASP A 21  . ? 1_555 ? 
39 AC7 10 ASN A 23 ? ASN A 23  . ? 1_555 ? 
40 AC7 10 TYR A 25 ? TYR A 25  . ? 1_555 ? 
41 AC7 10 HOH I .  ? HOH A 180 . ? 1_555 ? 
42 AC7 10 HOH I .  ? HOH A 193 . ? 1_555 ? 
43 AC7 10 HOH I .  ? HOH A 199 . ? 1_555 ? 
44 AC7 10 HOH I .  ? HOH A 200 . ? 1_555 ? 
# 
_pdbx_entry_details.entry_id                   2AZZ 
_pdbx_entry_details.compound_details           ? 
_pdbx_entry_details.source_details             ? 
_pdbx_entry_details.nonpolymer_details         ? 
_pdbx_entry_details.sequence_details           ? 
_pdbx_entry_details.has_ligand_of_interest     ? 
_pdbx_entry_details.has_protein_modification   Y 
# 
loop_
_pdbx_struct_special_symmetry.id 
_pdbx_struct_special_symmetry.PDB_model_num 
_pdbx_struct_special_symmetry.auth_asym_id 
_pdbx_struct_special_symmetry.auth_comp_id 
_pdbx_struct_special_symmetry.auth_seq_id 
_pdbx_struct_special_symmetry.PDB_ins_code 
_pdbx_struct_special_symmetry.label_asym_id 
_pdbx_struct_special_symmetry.label_comp_id 
_pdbx_struct_special_symmetry.label_seq_id 
1 1 A CA  126 ? C CA  . 
2 1 A CA  127 ? D CA  . 
3 1 A HOH 175 ? I HOH . 
4 1 A HOH 202 ? I HOH . 
# 
loop_
_chem_comp_atom.comp_id 
_chem_comp_atom.atom_id 
_chem_comp_atom.type_symbol 
_chem_comp_atom.pdbx_aromatic_flag 
_chem_comp_atom.pdbx_stereo_config 
_chem_comp_atom.pdbx_ordinal 
ALA N    N  N N 1   
ALA CA   C  N S 2   
ALA C    C  N N 3   
ALA O    O  N N 4   
ALA CB   C  N N 5   
ALA OXT  O  N N 6   
ALA H    H  N N 7   
ALA H2   H  N N 8   
ALA HA   H  N N 9   
ALA HB1  H  N N 10  
ALA HB2  H  N N 11  
ALA HB3  H  N N 12  
ALA HXT  H  N N 13  
ARG N    N  N N 14  
ARG CA   C  N S 15  
ARG C    C  N N 16  
ARG O    O  N N 17  
ARG CB   C  N N 18  
ARG CG   C  N N 19  
ARG CD   C  N N 20  
ARG NE   N  N N 21  
ARG CZ   C  N N 22  
ARG NH1  N  N N 23  
ARG NH2  N  N N 24  
ARG OXT  O  N N 25  
ARG H    H  N N 26  
ARG H2   H  N N 27  
ARG HA   H  N N 28  
ARG HB2  H  N N 29  
ARG HB3  H  N N 30  
ARG HG2  H  N N 31  
ARG HG3  H  N N 32  
ARG HD2  H  N N 33  
ARG HD3  H  N N 34  
ARG HE   H  N N 35  
ARG HH11 H  N N 36  
ARG HH12 H  N N 37  
ARG HH21 H  N N 38  
ARG HH22 H  N N 39  
ARG HXT  H  N N 40  
ASN N    N  N N 41  
ASN CA   C  N S 42  
ASN C    C  N N 43  
ASN O    O  N N 44  
ASN CB   C  N N 45  
ASN CG   C  N N 46  
ASN OD1  O  N N 47  
ASN ND2  N  N N 48  
ASN OXT  O  N N 49  
ASN H    H  N N 50  
ASN H2   H  N N 51  
ASN HA   H  N N 52  
ASN HB2  H  N N 53  
ASN HB3  H  N N 54  
ASN HD21 H  N N 55  
ASN HD22 H  N N 56  
ASN HXT  H  N N 57  
ASP N    N  N N 58  
ASP CA   C  N S 59  
ASP C    C  N N 60  
ASP O    O  N N 61  
ASP CB   C  N N 62  
ASP CG   C  N N 63  
ASP OD1  O  N N 64  
ASP OD2  O  N N 65  
ASP OXT  O  N N 66  
ASP H    H  N N 67  
ASP H2   H  N N 68  
ASP HA   H  N N 69  
ASP HB2  H  N N 70  
ASP HB3  H  N N 71  
ASP HD2  H  N N 72  
ASP HXT  H  N N 73  
CA  CA   CA N N 74  
CL  CL   CL N N 75  
CYS N    N  N N 76  
CYS CA   C  N R 77  
CYS C    C  N N 78  
CYS O    O  N N 79  
CYS CB   C  N N 80  
CYS SG   S  N N 81  
CYS OXT  O  N N 82  
CYS H    H  N N 83  
CYS H2   H  N N 84  
CYS HA   H  N N 85  
CYS HB2  H  N N 86  
CYS HB3  H  N N 87  
CYS HG   H  N N 88  
CYS HXT  H  N N 89  
GLN N    N  N N 90  
GLN CA   C  N S 91  
GLN C    C  N N 92  
GLN O    O  N N 93  
GLN CB   C  N N 94  
GLN CG   C  N N 95  
GLN CD   C  N N 96  
GLN OE1  O  N N 97  
GLN NE2  N  N N 98  
GLN OXT  O  N N 99  
GLN H    H  N N 100 
GLN H2   H  N N 101 
GLN HA   H  N N 102 
GLN HB2  H  N N 103 
GLN HB3  H  N N 104 
GLN HG2  H  N N 105 
GLN HG3  H  N N 106 
GLN HE21 H  N N 107 
GLN HE22 H  N N 108 
GLN HXT  H  N N 109 
GLU N    N  N N 110 
GLU CA   C  N S 111 
GLU C    C  N N 112 
GLU O    O  N N 113 
GLU CB   C  N N 114 
GLU CG   C  N N 115 
GLU CD   C  N N 116 
GLU OE1  O  N N 117 
GLU OE2  O  N N 118 
GLU OXT  O  N N 119 
GLU H    H  N N 120 
GLU H2   H  N N 121 
GLU HA   H  N N 122 
GLU HB2  H  N N 123 
GLU HB3  H  N N 124 
GLU HG2  H  N N 125 
GLU HG3  H  N N 126 
GLU HE2  H  N N 127 
GLU HXT  H  N N 128 
GLY N    N  N N 129 
GLY CA   C  N N 130 
GLY C    C  N N 131 
GLY O    O  N N 132 
GLY OXT  O  N N 133 
GLY H    H  N N 134 
GLY H2   H  N N 135 
GLY HA2  H  N N 136 
GLY HA3  H  N N 137 
GLY HXT  H  N N 138 
HIS N    N  N N 139 
HIS CA   C  N S 140 
HIS C    C  N N 141 
HIS O    O  N N 142 
HIS CB   C  N N 143 
HIS CG   C  Y N 144 
HIS ND1  N  Y N 145 
HIS CD2  C  Y N 146 
HIS CE1  C  Y N 147 
HIS NE2  N  Y N 148 
HIS OXT  O  N N 149 
HIS H    H  N N 150 
HIS H2   H  N N 151 
HIS HA   H  N N 152 
HIS HB2  H  N N 153 
HIS HB3  H  N N 154 
HIS HD1  H  N N 155 
HIS HD2  H  N N 156 
HIS HE1  H  N N 157 
HIS HE2  H  N N 158 
HIS HXT  H  N N 159 
HOH O    O  N N 160 
HOH H1   H  N N 161 
HOH H2   H  N N 162 
ILE N    N  N N 163 
ILE CA   C  N S 164 
ILE C    C  N N 165 
ILE O    O  N N 166 
ILE CB   C  N S 167 
ILE CG1  C  N N 168 
ILE CG2  C  N N 169 
ILE CD1  C  N N 170 
ILE OXT  O  N N 171 
ILE H    H  N N 172 
ILE H2   H  N N 173 
ILE HA   H  N N 174 
ILE HB   H  N N 175 
ILE HG12 H  N N 176 
ILE HG13 H  N N 177 
ILE HG21 H  N N 178 
ILE HG22 H  N N 179 
ILE HG23 H  N N 180 
ILE HD11 H  N N 181 
ILE HD12 H  N N 182 
ILE HD13 H  N N 183 
ILE HXT  H  N N 184 
LEU N    N  N N 185 
LEU CA   C  N S 186 
LEU C    C  N N 187 
LEU O    O  N N 188 
LEU CB   C  N N 189 
LEU CG   C  N N 190 
LEU CD1  C  N N 191 
LEU CD2  C  N N 192 
LEU OXT  O  N N 193 
LEU H    H  N N 194 
LEU H2   H  N N 195 
LEU HA   H  N N 196 
LEU HB2  H  N N 197 
LEU HB3  H  N N 198 
LEU HG   H  N N 199 
LEU HD11 H  N N 200 
LEU HD12 H  N N 201 
LEU HD13 H  N N 202 
LEU HD21 H  N N 203 
LEU HD22 H  N N 204 
LEU HD23 H  N N 205 
LEU HXT  H  N N 206 
LYS N    N  N N 207 
LYS CA   C  N S 208 
LYS C    C  N N 209 
LYS O    O  N N 210 
LYS CB   C  N N 211 
LYS CG   C  N N 212 
LYS CD   C  N N 213 
LYS CE   C  N N 214 
LYS NZ   N  N N 215 
LYS OXT  O  N N 216 
LYS H    H  N N 217 
LYS H2   H  N N 218 
LYS HA   H  N N 219 
LYS HB2  H  N N 220 
LYS HB3  H  N N 221 
LYS HG2  H  N N 222 
LYS HG3  H  N N 223 
LYS HD2  H  N N 224 
LYS HD3  H  N N 225 
LYS HE2  H  N N 226 
LYS HE3  H  N N 227 
LYS HZ1  H  N N 228 
LYS HZ2  H  N N 229 
LYS HZ3  H  N N 230 
LYS HXT  H  N N 231 
MET N    N  N N 232 
MET CA   C  N S 233 
MET C    C  N N 234 
MET O    O  N N 235 
MET CB   C  N N 236 
MET CG   C  N N 237 
MET SD   S  N N 238 
MET CE   C  N N 239 
MET OXT  O  N N 240 
MET H    H  N N 241 
MET H2   H  N N 242 
MET HA   H  N N 243 
MET HB2  H  N N 244 
MET HB3  H  N N 245 
MET HG2  H  N N 246 
MET HG3  H  N N 247 
MET HE1  H  N N 248 
MET HE2  H  N N 249 
MET HE3  H  N N 250 
MET HXT  H  N N 251 
PHE N    N  N N 252 
PHE CA   C  N S 253 
PHE C    C  N N 254 
PHE O    O  N N 255 
PHE CB   C  N N 256 
PHE CG   C  Y N 257 
PHE CD1  C  Y N 258 
PHE CD2  C  Y N 259 
PHE CE1  C  Y N 260 
PHE CE2  C  Y N 261 
PHE CZ   C  Y N 262 
PHE OXT  O  N N 263 
PHE H    H  N N 264 
PHE H2   H  N N 265 
PHE HA   H  N N 266 
PHE HB2  H  N N 267 
PHE HB3  H  N N 268 
PHE HD1  H  N N 269 
PHE HD2  H  N N 270 
PHE HE1  H  N N 271 
PHE HE2  H  N N 272 
PHE HZ   H  N N 273 
PHE HXT  H  N N 274 
PRO N    N  N N 275 
PRO CA   C  N S 276 
PRO C    C  N N 277 
PRO O    O  N N 278 
PRO CB   C  N N 279 
PRO CG   C  N N 280 
PRO CD   C  N N 281 
PRO OXT  O  N N 282 
PRO H    H  N N 283 
PRO HA   H  N N 284 
PRO HB2  H  N N 285 
PRO HB3  H  N N 286 
PRO HG2  H  N N 287 
PRO HG3  H  N N 288 
PRO HD2  H  N N 289 
PRO HD3  H  N N 290 
PRO HXT  H  N N 291 
SER N    N  N N 292 
SER CA   C  N S 293 
SER C    C  N N 294 
SER O    O  N N 295 
SER CB   C  N N 296 
SER OG   O  N N 297 
SER OXT  O  N N 298 
SER H    H  N N 299 
SER H2   H  N N 300 
SER HA   H  N N 301 
SER HB2  H  N N 302 
SER HB3  H  N N 303 
SER HG   H  N N 304 
SER HXT  H  N N 305 
TCH C1   C  N N 306 
TCH C2   C  N N 307 
TCH C3   C  N R 308 
TCH O3   O  N N 309 
TCH C4   C  N N 310 
TCH C5   C  N S 311 
TCH C6   C  N N 312 
TCH C7   C  N R 313 
TCH O7   O  N N 314 
TCH C8   C  N R 315 
TCH C9   C  N S 316 
TCH C10  C  N S 317 
TCH C11  C  N N 318 
TCH C12  C  N S 319 
TCH O12  O  N N 320 
TCH C13  C  N R 321 
TCH C14  C  N S 322 
TCH C15  C  N N 323 
TCH C16  C  N N 324 
TCH C17  C  N R 325 
TCH C18  C  N N 326 
TCH C19  C  N N 327 
TCH O1S  O  N N 328 
TCH C20  C  N R 329 
TCH C21  C  N N 330 
TCH C22  C  N N 331 
TCH C23  C  N N 332 
TCH C24  C  N N 333 
TCH N24  N  N N 334 
TCH O24  O  N N 335 
TCH C25  C  N N 336 
TCH C26  C  N N 337 
TCH S26  S  N N 338 
TCH O2S  O  N N 339 
TCH O3S  O  N N 340 
TCH H1   H  N N 341 
TCH H1A  H  N N 342 
TCH H2   H  N N 343 
TCH H2A  H  N N 344 
TCH H3   H  N N 345 
TCH HO3  H  N N 346 
TCH H4   H  N N 347 
TCH H4A  H  N N 348 
TCH H5   H  N N 349 
TCH H6   H  N N 350 
TCH H6A  H  N N 351 
TCH H7   H  N N 352 
TCH HO7  H  N N 353 
TCH H8   H  N N 354 
TCH H9   H  N N 355 
TCH H11  H  N N 356 
TCH H11A H  N N 357 
TCH H12  H  N N 358 
TCH HO12 H  N N 359 
TCH H14  H  N N 360 
TCH H15  H  N N 361 
TCH H15A H  N N 362 
TCH H16  H  N N 363 
TCH H16A H  N N 364 
TCH H17  H  N N 365 
TCH H18  H  N N 366 
TCH H18A H  N N 367 
TCH H18B H  N N 368 
TCH H19  H  N N 369 
TCH H19A H  N N 370 
TCH H19B H  N N 371 
TCH H20  H  N N 372 
TCH H21  H  N N 373 
TCH H21A H  N N 374 
TCH H21B H  N N 375 
TCH H22  H  N N 376 
TCH H37  H  N N 377 
TCH H23  H  N N 378 
TCH H39  H  N N 379 
TCH HN24 H  N N 380 
TCH H25  H  N N 381 
TCH H25A H  N N 382 
TCH H26  H  N N 383 
TCH H26A H  N N 384 
TCH HO3S H  N N 385 
THR N    N  N N 386 
THR CA   C  N S 387 
THR C    C  N N 388 
THR O    O  N N 389 
THR CB   C  N R 390 
THR OG1  O  N N 391 
THR CG2  C  N N 392 
THR OXT  O  N N 393 
THR H    H  N N 394 
THR H2   H  N N 395 
THR HA   H  N N 396 
THR HB   H  N N 397 
THR HG1  H  N N 398 
THR HG21 H  N N 399 
THR HG22 H  N N 400 
THR HG23 H  N N 401 
THR HXT  H  N N 402 
TRP N    N  N N 403 
TRP CA   C  N S 404 
TRP C    C  N N 405 
TRP O    O  N N 406 
TRP CB   C  N N 407 
TRP CG   C  Y N 408 
TRP CD1  C  Y N 409 
TRP CD2  C  Y N 410 
TRP NE1  N  Y N 411 
TRP CE2  C  Y N 412 
TRP CE3  C  Y N 413 
TRP CZ2  C  Y N 414 
TRP CZ3  C  Y N 415 
TRP CH2  C  Y N 416 
TRP OXT  O  N N 417 
TRP H    H  N N 418 
TRP H2   H  N N 419 
TRP HA   H  N N 420 
TRP HB2  H  N N 421 
TRP HB3  H  N N 422 
TRP HD1  H  N N 423 
TRP HE1  H  N N 424 
TRP HE3  H  N N 425 
TRP HZ2  H  N N 426 
TRP HZ3  H  N N 427 
TRP HH2  H  N N 428 
TRP HXT  H  N N 429 
TYR N    N  N N 430 
TYR CA   C  N S 431 
TYR C    C  N N 432 
TYR O    O  N N 433 
TYR CB   C  N N 434 
TYR CG   C  Y N 435 
TYR CD1  C  Y N 436 
TYR CD2  C  Y N 437 
TYR CE1  C  Y N 438 
TYR CE2  C  Y N 439 
TYR CZ   C  Y N 440 
TYR OH   O  N N 441 
TYR OXT  O  N N 442 
TYR H    H  N N 443 
TYR H2   H  N N 444 
TYR HA   H  N N 445 
TYR HB2  H  N N 446 
TYR HB3  H  N N 447 
TYR HD1  H  N N 448 
TYR HD2  H  N N 449 
TYR HE1  H  N N 450 
TYR HE2  H  N N 451 
TYR HH   H  N N 452 
TYR HXT  H  N N 453 
VAL N    N  N N 454 
VAL CA   C  N S 455 
VAL C    C  N N 456 
VAL O    O  N N 457 
VAL CB   C  N N 458 
VAL CG1  C  N N 459 
VAL CG2  C  N N 460 
VAL OXT  O  N N 461 
VAL H    H  N N 462 
VAL H2   H  N N 463 
VAL HA   H  N N 464 
VAL HB   H  N N 465 
VAL HG11 H  N N 466 
VAL HG12 H  N N 467 
VAL HG13 H  N N 468 
VAL HG21 H  N N 469 
VAL HG22 H  N N 470 
VAL HG23 H  N N 471 
VAL HXT  H  N N 472 
# 
loop_
_chem_comp_bond.comp_id 
_chem_comp_bond.atom_id_1 
_chem_comp_bond.atom_id_2 
_chem_comp_bond.value_order 
_chem_comp_bond.pdbx_aromatic_flag 
_chem_comp_bond.pdbx_stereo_config 
_chem_comp_bond.pdbx_ordinal 
ALA N   CA   sing N N 1   
ALA N   H    sing N N 2   
ALA N   H2   sing N N 3   
ALA CA  C    sing N N 4   
ALA CA  CB   sing N N 5   
ALA CA  HA   sing N N 6   
ALA C   O    doub N N 7   
ALA C   OXT  sing N N 8   
ALA CB  HB1  sing N N 9   
ALA CB  HB2  sing N N 10  
ALA CB  HB3  sing N N 11  
ALA OXT HXT  sing N N 12  
ARG N   CA   sing N N 13  
ARG N   H    sing N N 14  
ARG N   H2   sing N N 15  
ARG CA  C    sing N N 16  
ARG CA  CB   sing N N 17  
ARG CA  HA   sing N N 18  
ARG C   O    doub N N 19  
ARG C   OXT  sing N N 20  
ARG CB  CG   sing N N 21  
ARG CB  HB2  sing N N 22  
ARG CB  HB3  sing N N 23  
ARG CG  CD   sing N N 24  
ARG CG  HG2  sing N N 25  
ARG CG  HG3  sing N N 26  
ARG CD  NE   sing N N 27  
ARG CD  HD2  sing N N 28  
ARG CD  HD3  sing N N 29  
ARG NE  CZ   sing N N 30  
ARG NE  HE   sing N N 31  
ARG CZ  NH1  sing N N 32  
ARG CZ  NH2  doub N N 33  
ARG NH1 HH11 sing N N 34  
ARG NH1 HH12 sing N N 35  
ARG NH2 HH21 sing N N 36  
ARG NH2 HH22 sing N N 37  
ARG OXT HXT  sing N N 38  
ASN N   CA   sing N N 39  
ASN N   H    sing N N 40  
ASN N   H2   sing N N 41  
ASN CA  C    sing N N 42  
ASN CA  CB   sing N N 43  
ASN CA  HA   sing N N 44  
ASN C   O    doub N N 45  
ASN C   OXT  sing N N 46  
ASN CB  CG   sing N N 47  
ASN CB  HB2  sing N N 48  
ASN CB  HB3  sing N N 49  
ASN CG  OD1  doub N N 50  
ASN CG  ND2  sing N N 51  
ASN ND2 HD21 sing N N 52  
ASN ND2 HD22 sing N N 53  
ASN OXT HXT  sing N N 54  
ASP N   CA   sing N N 55  
ASP N   H    sing N N 56  
ASP N   H2   sing N N 57  
ASP CA  C    sing N N 58  
ASP CA  CB   sing N N 59  
ASP CA  HA   sing N N 60  
ASP C   O    doub N N 61  
ASP C   OXT  sing N N 62  
ASP CB  CG   sing N N 63  
ASP CB  HB2  sing N N 64  
ASP CB  HB3  sing N N 65  
ASP CG  OD1  doub N N 66  
ASP CG  OD2  sing N N 67  
ASP OD2 HD2  sing N N 68  
ASP OXT HXT  sing N N 69  
CYS N   CA   sing N N 70  
CYS N   H    sing N N 71  
CYS N   H2   sing N N 72  
CYS CA  C    sing N N 73  
CYS CA  CB   sing N N 74  
CYS CA  HA   sing N N 75  
CYS C   O    doub N N 76  
CYS C   OXT  sing N N 77  
CYS CB  SG   sing N N 78  
CYS CB  HB2  sing N N 79  
CYS CB  HB3  sing N N 80  
CYS SG  HG   sing N N 81  
CYS OXT HXT  sing N N 82  
GLN N   CA   sing N N 83  
GLN N   H    sing N N 84  
GLN N   H2   sing N N 85  
GLN CA  C    sing N N 86  
GLN CA  CB   sing N N 87  
GLN CA  HA   sing N N 88  
GLN C   O    doub N N 89  
GLN C   OXT  sing N N 90  
GLN CB  CG   sing N N 91  
GLN CB  HB2  sing N N 92  
GLN CB  HB3  sing N N 93  
GLN CG  CD   sing N N 94  
GLN CG  HG2  sing N N 95  
GLN CG  HG3  sing N N 96  
GLN CD  OE1  doub N N 97  
GLN CD  NE2  sing N N 98  
GLN NE2 HE21 sing N N 99  
GLN NE2 HE22 sing N N 100 
GLN OXT HXT  sing N N 101 
GLU N   CA   sing N N 102 
GLU N   H    sing N N 103 
GLU N   H2   sing N N 104 
GLU CA  C    sing N N 105 
GLU CA  CB   sing N N 106 
GLU CA  HA   sing N N 107 
GLU C   O    doub N N 108 
GLU C   OXT  sing N N 109 
GLU CB  CG   sing N N 110 
GLU CB  HB2  sing N N 111 
GLU CB  HB3  sing N N 112 
GLU CG  CD   sing N N 113 
GLU CG  HG2  sing N N 114 
GLU CG  HG3  sing N N 115 
GLU CD  OE1  doub N N 116 
GLU CD  OE2  sing N N 117 
GLU OE2 HE2  sing N N 118 
GLU OXT HXT  sing N N 119 
GLY N   CA   sing N N 120 
GLY N   H    sing N N 121 
GLY N   H2   sing N N 122 
GLY CA  C    sing N N 123 
GLY CA  HA2  sing N N 124 
GLY CA  HA3  sing N N 125 
GLY C   O    doub N N 126 
GLY C   OXT  sing N N 127 
GLY OXT HXT  sing N N 128 
HIS N   CA   sing N N 129 
HIS N   H    sing N N 130 
HIS N   H2   sing N N 131 
HIS CA  C    sing N N 132 
HIS CA  CB   sing N N 133 
HIS CA  HA   sing N N 134 
HIS C   O    doub N N 135 
HIS C   OXT  sing N N 136 
HIS CB  CG   sing N N 137 
HIS CB  HB2  sing N N 138 
HIS CB  HB3  sing N N 139 
HIS CG  ND1  sing Y N 140 
HIS CG  CD2  doub Y N 141 
HIS ND1 CE1  doub Y N 142 
HIS ND1 HD1  sing N N 143 
HIS CD2 NE2  sing Y N 144 
HIS CD2 HD2  sing N N 145 
HIS CE1 NE2  sing Y N 146 
HIS CE1 HE1  sing N N 147 
HIS NE2 HE2  sing N N 148 
HIS OXT HXT  sing N N 149 
HOH O   H1   sing N N 150 
HOH O   H2   sing N N 151 
ILE N   CA   sing N N 152 
ILE N   H    sing N N 153 
ILE N   H2   sing N N 154 
ILE CA  C    sing N N 155 
ILE CA  CB   sing N N 156 
ILE CA  HA   sing N N 157 
ILE C   O    doub N N 158 
ILE C   OXT  sing N N 159 
ILE CB  CG1  sing N N 160 
ILE CB  CG2  sing N N 161 
ILE CB  HB   sing N N 162 
ILE CG1 CD1  sing N N 163 
ILE CG1 HG12 sing N N 164 
ILE CG1 HG13 sing N N 165 
ILE CG2 HG21 sing N N 166 
ILE CG2 HG22 sing N N 167 
ILE CG2 HG23 sing N N 168 
ILE CD1 HD11 sing N N 169 
ILE CD1 HD12 sing N N 170 
ILE CD1 HD13 sing N N 171 
ILE OXT HXT  sing N N 172 
LEU N   CA   sing N N 173 
LEU N   H    sing N N 174 
LEU N   H2   sing N N 175 
LEU CA  C    sing N N 176 
LEU CA  CB   sing N N 177 
LEU CA  HA   sing N N 178 
LEU C   O    doub N N 179 
LEU C   OXT  sing N N 180 
LEU CB  CG   sing N N 181 
LEU CB  HB2  sing N N 182 
LEU CB  HB3  sing N N 183 
LEU CG  CD1  sing N N 184 
LEU CG  CD2  sing N N 185 
LEU CG  HG   sing N N 186 
LEU CD1 HD11 sing N N 187 
LEU CD1 HD12 sing N N 188 
LEU CD1 HD13 sing N N 189 
LEU CD2 HD21 sing N N 190 
LEU CD2 HD22 sing N N 191 
LEU CD2 HD23 sing N N 192 
LEU OXT HXT  sing N N 193 
LYS N   CA   sing N N 194 
LYS N   H    sing N N 195 
LYS N   H2   sing N N 196 
LYS CA  C    sing N N 197 
LYS CA  CB   sing N N 198 
LYS CA  HA   sing N N 199 
LYS C   O    doub N N 200 
LYS C   OXT  sing N N 201 
LYS CB  CG   sing N N 202 
LYS CB  HB2  sing N N 203 
LYS CB  HB3  sing N N 204 
LYS CG  CD   sing N N 205 
LYS CG  HG2  sing N N 206 
LYS CG  HG3  sing N N 207 
LYS CD  CE   sing N N 208 
LYS CD  HD2  sing N N 209 
LYS CD  HD3  sing N N 210 
LYS CE  NZ   sing N N 211 
LYS CE  HE2  sing N N 212 
LYS CE  HE3  sing N N 213 
LYS NZ  HZ1  sing N N 214 
LYS NZ  HZ2  sing N N 215 
LYS NZ  HZ3  sing N N 216 
LYS OXT HXT  sing N N 217 
MET N   CA   sing N N 218 
MET N   H    sing N N 219 
MET N   H2   sing N N 220 
MET CA  C    sing N N 221 
MET CA  CB   sing N N 222 
MET CA  HA   sing N N 223 
MET C   O    doub N N 224 
MET C   OXT  sing N N 225 
MET CB  CG   sing N N 226 
MET CB  HB2  sing N N 227 
MET CB  HB3  sing N N 228 
MET CG  SD   sing N N 229 
MET CG  HG2  sing N N 230 
MET CG  HG3  sing N N 231 
MET SD  CE   sing N N 232 
MET CE  HE1  sing N N 233 
MET CE  HE2  sing N N 234 
MET CE  HE3  sing N N 235 
MET OXT HXT  sing N N 236 
PHE N   CA   sing N N 237 
PHE N   H    sing N N 238 
PHE N   H2   sing N N 239 
PHE CA  C    sing N N 240 
PHE CA  CB   sing N N 241 
PHE CA  HA   sing N N 242 
PHE C   O    doub N N 243 
PHE C   OXT  sing N N 244 
PHE CB  CG   sing N N 245 
PHE CB  HB2  sing N N 246 
PHE CB  HB3  sing N N 247 
PHE CG  CD1  doub Y N 248 
PHE CG  CD2  sing Y N 249 
PHE CD1 CE1  sing Y N 250 
PHE CD1 HD1  sing N N 251 
PHE CD2 CE2  doub Y N 252 
PHE CD2 HD2  sing N N 253 
PHE CE1 CZ   doub Y N 254 
PHE CE1 HE1  sing N N 255 
PHE CE2 CZ   sing Y N 256 
PHE CE2 HE2  sing N N 257 
PHE CZ  HZ   sing N N 258 
PHE OXT HXT  sing N N 259 
PRO N   CA   sing N N 260 
PRO N   CD   sing N N 261 
PRO N   H    sing N N 262 
PRO CA  C    sing N N 263 
PRO CA  CB   sing N N 264 
PRO CA  HA   sing N N 265 
PRO C   O    doub N N 266 
PRO C   OXT  sing N N 267 
PRO CB  CG   sing N N 268 
PRO CB  HB2  sing N N 269 
PRO CB  HB3  sing N N 270 
PRO CG  CD   sing N N 271 
PRO CG  HG2  sing N N 272 
PRO CG  HG3  sing N N 273 
PRO CD  HD2  sing N N 274 
PRO CD  HD3  sing N N 275 
PRO OXT HXT  sing N N 276 
SER N   CA   sing N N 277 
SER N   H    sing N N 278 
SER N   H2   sing N N 279 
SER CA  C    sing N N 280 
SER CA  CB   sing N N 281 
SER CA  HA   sing N N 282 
SER C   O    doub N N 283 
SER C   OXT  sing N N 284 
SER CB  OG   sing N N 285 
SER CB  HB2  sing N N 286 
SER CB  HB3  sing N N 287 
SER OG  HG   sing N N 288 
SER OXT HXT  sing N N 289 
TCH C1  C2   sing N N 290 
TCH C2  C3   sing N N 291 
TCH C3  O3   sing N N 292 
TCH C4  C3   sing N N 293 
TCH C5  C4   sing N N 294 
TCH C6  C5   sing N N 295 
TCH C7  C6   sing N N 296 
TCH C7  O7   sing N N 297 
TCH C8  C7   sing N N 298 
TCH C8  C9   sing N N 299 
TCH C9  C10  sing N N 300 
TCH C10 C1   sing N N 301 
TCH C10 C5   sing N N 302 
TCH C11 C9   sing N N 303 
TCH C12 C11  sing N N 304 
TCH C12 O12  sing N N 305 
TCH C13 C12  sing N N 306 
TCH C13 C14  sing N N 307 
TCH C14 C8   sing N N 308 
TCH C15 C14  sing N N 309 
TCH C16 C15  sing N N 310 
TCH C16 C17  sing N N 311 
TCH C17 C13  sing N N 312 
TCH C18 C13  sing N N 313 
TCH C19 C10  sing N N 314 
TCH O1S S26  doub N N 315 
TCH C20 C17  sing N N 316 
TCH C21 C20  sing N N 317 
TCH C22 C20  sing N N 318 
TCH C23 C22  sing N N 319 
TCH C23 C24  sing N N 320 
TCH C24 O24  doub N N 321 
TCH N24 C24  sing N N 322 
TCH N24 C25  sing N N 323 
TCH C25 C26  sing N N 324 
TCH C26 S26  sing N N 325 
TCH S26 O3S  sing N N 326 
TCH O2S S26  doub N N 327 
TCH C1  H1   sing N N 328 
TCH C1  H1A  sing N N 329 
TCH C2  H2   sing N N 330 
TCH C2  H2A  sing N N 331 
TCH C3  H3   sing N N 332 
TCH O3  HO3  sing N N 333 
TCH C4  H4   sing N N 334 
TCH C4  H4A  sing N N 335 
TCH C5  H5   sing N N 336 
TCH C6  H6   sing N N 337 
TCH C6  H6A  sing N N 338 
TCH C7  H7   sing N N 339 
TCH O7  HO7  sing N N 340 
TCH C8  H8   sing N N 341 
TCH C9  H9   sing N N 342 
TCH C11 H11  sing N N 343 
TCH C11 H11A sing N N 344 
TCH C12 H12  sing N N 345 
TCH O12 HO12 sing N N 346 
TCH C14 H14  sing N N 347 
TCH C15 H15  sing N N 348 
TCH C15 H15A sing N N 349 
TCH C16 H16  sing N N 350 
TCH C16 H16A sing N N 351 
TCH C17 H17  sing N N 352 
TCH C18 H18  sing N N 353 
TCH C18 H18A sing N N 354 
TCH C18 H18B sing N N 355 
TCH C19 H19  sing N N 356 
TCH C19 H19A sing N N 357 
TCH C19 H19B sing N N 358 
TCH C20 H20  sing N N 359 
TCH C21 H21  sing N N 360 
TCH C21 H21A sing N N 361 
TCH C21 H21B sing N N 362 
TCH C22 H22  sing N N 363 
TCH C22 H37  sing N N 364 
TCH C23 H23  sing N N 365 
TCH C23 H39  sing N N 366 
TCH N24 HN24 sing N N 367 
TCH C25 H25  sing N N 368 
TCH C25 H25A sing N N 369 
TCH C26 H26  sing N N 370 
TCH C26 H26A sing N N 371 
TCH O3S HO3S sing N N 372 
THR N   CA   sing N N 373 
THR N   H    sing N N 374 
THR N   H2   sing N N 375 
THR CA  C    sing N N 376 
THR CA  CB   sing N N 377 
THR CA  HA   sing N N 378 
THR C   O    doub N N 379 
THR C   OXT  sing N N 380 
THR CB  OG1  sing N N 381 
THR CB  CG2  sing N N 382 
THR CB  HB   sing N N 383 
THR OG1 HG1  sing N N 384 
THR CG2 HG21 sing N N 385 
THR CG2 HG22 sing N N 386 
THR CG2 HG23 sing N N 387 
THR OXT HXT  sing N N 388 
TRP N   CA   sing N N 389 
TRP N   H    sing N N 390 
TRP N   H2   sing N N 391 
TRP CA  C    sing N N 392 
TRP CA  CB   sing N N 393 
TRP CA  HA   sing N N 394 
TRP C   O    doub N N 395 
TRP C   OXT  sing N N 396 
TRP CB  CG   sing N N 397 
TRP CB  HB2  sing N N 398 
TRP CB  HB3  sing N N 399 
TRP CG  CD1  doub Y N 400 
TRP CG  CD2  sing Y N 401 
TRP CD1 NE1  sing Y N 402 
TRP CD1 HD1  sing N N 403 
TRP CD2 CE2  doub Y N 404 
TRP CD2 CE3  sing Y N 405 
TRP NE1 CE2  sing Y N 406 
TRP NE1 HE1  sing N N 407 
TRP CE2 CZ2  sing Y N 408 
TRP CE3 CZ3  doub Y N 409 
TRP CE3 HE3  sing N N 410 
TRP CZ2 CH2  doub Y N 411 
TRP CZ2 HZ2  sing N N 412 
TRP CZ3 CH2  sing Y N 413 
TRP CZ3 HZ3  sing N N 414 
TRP CH2 HH2  sing N N 415 
TRP OXT HXT  sing N N 416 
TYR N   CA   sing N N 417 
TYR N   H    sing N N 418 
TYR N   H2   sing N N 419 
TYR CA  C    sing N N 420 
TYR CA  CB   sing N N 421 
TYR CA  HA   sing N N 422 
TYR C   O    doub N N 423 
TYR C   OXT  sing N N 424 
TYR CB  CG   sing N N 425 
TYR CB  HB2  sing N N 426 
TYR CB  HB3  sing N N 427 
TYR CG  CD1  doub Y N 428 
TYR CG  CD2  sing Y N 429 
TYR CD1 CE1  sing Y N 430 
TYR CD1 HD1  sing N N 431 
TYR CD2 CE2  doub Y N 432 
TYR CD2 HD2  sing N N 433 
TYR CE1 CZ   doub Y N 434 
TYR CE1 HE1  sing N N 435 
TYR CE2 CZ   sing Y N 436 
TYR CE2 HE2  sing N N 437 
TYR CZ  OH   sing N N 438 
TYR OH  HH   sing N N 439 
TYR OXT HXT  sing N N 440 
VAL N   CA   sing N N 441 
VAL N   H    sing N N 442 
VAL N   H2   sing N N 443 
VAL CA  C    sing N N 444 
VAL CA  CB   sing N N 445 
VAL CA  HA   sing N N 446 
VAL C   O    doub N N 447 
VAL C   OXT  sing N N 448 
VAL CB  CG1  sing N N 449 
VAL CB  CG2  sing N N 450 
VAL CB  HB   sing N N 451 
VAL CG1 HG11 sing N N 452 
VAL CG1 HG12 sing N N 453 
VAL CG1 HG13 sing N N 454 
VAL CG2 HG21 sing N N 455 
VAL CG2 HG22 sing N N 456 
VAL CG2 HG23 sing N N 457 
VAL OXT HXT  sing N N 458 
# 
_pdbx_initial_refinement_model.id               1 
_pdbx_initial_refinement_model.entity_id_list   ? 
_pdbx_initial_refinement_model.type             'experimental model' 
_pdbx_initial_refinement_model.source_name      PDB 
_pdbx_initial_refinement_model.accession_code   2BO1 
_pdbx_initial_refinement_model.details          'PDb entry 2BO1' 
# 
_atom_sites.entry_id                    2AZZ 
_atom_sites.fract_transf_matrix[1][1]   -0.01272447 
_atom_sites.fract_transf_matrix[1][2]   -0.00765505 
_atom_sites.fract_transf_matrix[1][3]   -0.00790022 
_atom_sites.fract_transf_matrix[2][1]   0.00252849 
_atom_sites.fract_transf_matrix[2][2]   -0.00722459 
_atom_sites.fract_transf_matrix[2][3]   -0.01497746 
_atom_sites.fract_transf_matrix[3][1]   0.00358295 
_atom_sites.fract_transf_matrix[3][2]   -0.01310255 
_atom_sites.fract_transf_matrix[3][3]   0.00692507 
_atom_sites.fract_transf_vector[1]      0.638338 
_atom_sites.fract_transf_vector[2]      0.237378 
_atom_sites.fract_transf_vector[3]      0.204548 
# 
loop_
_atom_type.symbol 
C  
CA 
CL 
N  
O  
S  
# 
loop_
_atom_site.group_PDB 
_atom_site.id 
_atom_site.type_symbol 
_atom_site.label_atom_id 
_atom_site.label_alt_id 
_atom_site.label_comp_id 
_atom_site.label_asym_id 
_atom_site.label_entity_id 
_atom_site.label_seq_id 
_atom_site.pdbx_PDB_ins_code 
_atom_site.Cartn_x 
_atom_site.Cartn_y 
_atom_site.Cartn_z 
_atom_site.occupancy 
_atom_site.B_iso_or_equiv 
_atom_site.pdbx_formal_charge 
_atom_site.auth_seq_id 
_atom_site.auth_comp_id 
_atom_site.auth_asym_id 
_atom_site.auth_atom_id 
_atom_site.pdbx_PDB_model_num 
ATOM   1    N  N   . ALA A 1 1   ? 0.845   -2.008  9.704   1.00 27.02 ? 1   ALA A N   1 
ATOM   2    C  CA  . ALA A 1 1   ? 1.624   -3.230  9.348   1.00 28.32 ? 1   ALA A CA  1 
ATOM   3    C  C   . ALA A 1 1   ? 1.017   -3.859  8.106   1.00 28.38 ? 1   ALA A C   1 
ATOM   4    O  O   . ALA A 1 1   ? -0.173  -3.699  7.842   1.00 29.32 ? 1   ALA A O   1 
ATOM   5    C  CB  . ALA A 1 1   ? 1.613   -4.237  10.518  1.00 26.75 ? 1   ALA A CB  1 
ATOM   6    N  N   . LEU A 1 2   ? 1.844   -4.582  7.359   1.00 27.18 ? 2   LEU A N   1 
ATOM   7    C  CA  . LEU A 1 2   ? 1.425   -5.229  6.124   1.00 28.01 ? 2   LEU A CA  1 
ATOM   8    C  C   . LEU A 1 2   ? 0.062   -5.919  6.163   1.00 29.08 ? 2   LEU A C   1 
ATOM   9    O  O   . LEU A 1 2   ? -0.779  -5.685  5.287   1.00 28.18 ? 2   LEU A O   1 
ATOM   10   C  CB  . LEU A 1 2   ? 2.485   -6.244  5.679   1.00 28.65 ? 2   LEU A CB  1 
ATOM   11   C  CG  . LEU A 1 2   ? 2.137   -7.081  4.437   1.00 29.02 ? 2   LEU A CG  1 
ATOM   12   C  CD1 . LEU A 1 2   ? 2.075   -6.182  3.210   1.00 27.38 ? 2   LEU A CD1 1 
ATOM   13   C  CD2 . LEU A 1 2   ? 3.180   -8.185  4.239   1.00 30.46 ? 2   LEU A CD2 1 
ATOM   14   N  N   . TRP A 1 3   ? -0.162  -6.772  7.162   1.00 28.79 ? 3   TRP A N   1 
ATOM   15   C  CA  . TRP A 1 3   ? -1.431  -7.485  7.238   1.00 29.30 ? 3   TRP A CA  1 
ATOM   16   C  C   . TRP A 1 3   ? -2.611  -6.543  7.405   1.00 28.61 ? 3   TRP A C   1 
ATOM   17   O  O   . TRP A 1 3   ? -3.721  -6.855  6.975   1.00 29.13 ? 3   TRP A O   1 
ATOM   18   C  CB  . TRP A 1 3   ? -1.427  -8.521  8.375   1.00 29.59 ? 3   TRP A CB  1 
ATOM   19   C  CG  . TRP A 1 3   ? -1.579  -7.968  9.758   1.00 30.13 ? 3   TRP A CG  1 
ATOM   20   C  CD1 . TRP A 1 3   ? -0.583  -7.564  10.591  1.00 31.29 ? 3   TRP A CD1 1 
ATOM   21   C  CD2 . TRP A 1 3   ? -2.805  -7.785  10.476  1.00 30.57 ? 3   TRP A CD2 1 
ATOM   22   N  NE1 . TRP A 1 3   ? -1.110  -7.144  11.795  1.00 31.27 ? 3   TRP A NE1 1 
ATOM   23   C  CE2 . TRP A 1 3   ? -2.473  -7.269  11.747  1.00 31.10 ? 3   TRP A CE2 1 
ATOM   24   C  CE3 . TRP A 1 3   ? -4.152  -8.007  10.169  1.00 31.81 ? 3   TRP A CE3 1 
ATOM   25   C  CZ2 . TRP A 1 3   ? -3.440  -6.974  12.713  1.00 31.47 ? 3   TRP A CZ2 1 
ATOM   26   C  CZ3 . TRP A 1 3   ? -5.116  -7.712  11.134  1.00 32.88 ? 3   TRP A CZ3 1 
ATOM   27   C  CH2 . TRP A 1 3   ? -4.753  -7.203  12.387  1.00 31.24 ? 3   TRP A CH2 1 
ATOM   28   N  N   . GLN A 1 4   ? -2.373  -5.391  8.023   1.00 28.09 ? 4   GLN A N   1 
ATOM   29   C  CA  . GLN A 1 4   ? -3.438  -4.415  8.224   1.00 28.98 ? 4   GLN A CA  1 
ATOM   30   C  C   . GLN A 1 4   ? -3.723  -3.688  6.915   1.00 30.03 ? 4   GLN A C   1 
ATOM   31   O  O   . GLN A 1 4   ? -4.858  -3.295  6.635   1.00 30.64 ? 4   GLN A O   1 
ATOM   32   C  CB  . GLN A 1 4   ? -3.034  -3.415  9.304   1.00 29.83 ? 4   GLN A CB  1 
ATOM   33   C  CG  . GLN A 1 4   ? -2.783  -4.061  10.646  1.00 28.25 ? 4   GLN A CG  1 
ATOM   34   C  CD  . GLN A 1 4   ? -2.352  -3.067  11.690  1.00 28.98 ? 4   GLN A CD  1 
ATOM   35   O  OE1 . GLN A 1 4   ? -1.318  -2.409  11.553  1.00 28.90 ? 4   GLN A OE1 1 
ATOM   36   N  NE2 . GLN A 1 4   ? -3.144  -2.947  12.749  1.00 29.08 ? 4   GLN A NE2 1 
ATOM   37   N  N   . PHE A 1 5   ? -2.684  -3.514  6.111   1.00 29.46 ? 5   PHE A N   1 
ATOM   38   C  CA  . PHE A 1 5   ? -2.841  -2.860  4.826   1.00 29.98 ? 5   PHE A CA  1 
ATOM   39   C  C   . PHE A 1 5   ? -3.768  -3.745  3.989   1.00 31.22 ? 5   PHE A C   1 
ATOM   40   O  O   . PHE A 1 5   ? -4.677  -3.250  3.321   1.00 31.41 ? 5   PHE A O   1 
ATOM   41   C  CB  . PHE A 1 5   ? -1.469  -2.693  4.160   1.00 28.54 ? 5   PHE A CB  1 
ATOM   42   C  CG  . PHE A 1 5   ? -1.502  -1.970  2.841   1.00 27.34 ? 5   PHE A CG  1 
ATOM   43   C  CD1 . PHE A 1 5   ? -2.352  -0.887  2.639   1.00 27.66 ? 5   PHE A CD1 1 
ATOM   44   C  CD2 . PHE A 1 5   ? -0.644  -2.349  1.812   1.00 26.50 ? 5   PHE A CD2 1 
ATOM   45   C  CE1 . PHE A 1 5   ? -2.347  -0.183  1.427   1.00 28.70 ? 5   PHE A CE1 1 
ATOM   46   C  CE2 . PHE A 1 5   ? -0.627  -1.656  0.601   1.00 28.48 ? 5   PHE A CE2 1 
ATOM   47   C  CZ  . PHE A 1 5   ? -1.482  -0.569  0.407   1.00 27.15 ? 5   PHE A CZ  1 
ATOM   48   N  N   . ARG A 1 6   ? -3.551  -5.055  4.049   1.00 30.70 ? 6   ARG A N   1 
ATOM   49   C  CA  . ARG A 1 6   ? -4.390  -5.988  3.298   1.00 32.43 ? 6   ARG A CA  1 
ATOM   50   C  C   . ARG A 1 6   ? -5.852  -5.955  3.754   1.00 31.82 ? 6   ARG A C   1 
ATOM   51   O  O   . ARG A 1 6   ? -6.764  -6.018  2.932   1.00 32.44 ? 6   ARG A O   1 
ATOM   52   C  CB  . ARG A 1 6   ? -3.837  -7.417  3.404   1.00 32.66 ? 6   ARG A CB  1 
ATOM   53   C  CG  . ARG A 1 6   ? -2.474  -7.597  2.735   1.00 34.10 ? 6   ARG A CG  1 
ATOM   54   C  CD  . ARG A 1 6   ? -2.076  -9.063  2.626   1.00 33.40 ? 6   ARG A CD  1 
ATOM   55   N  NE  . ARG A 1 6   ? -2.018  -9.717  3.926   1.00 34.73 ? 6   ARG A NE  1 
ATOM   56   C  CZ  . ARG A 1 6   ? -0.897  -10.141 4.505   1.00 35.57 ? 6   ARG A CZ  1 
ATOM   57   N  NH1 . ARG A 1 6   ? -0.945  -10.728 5.699   1.00 34.11 ? 6   ARG A NH1 1 
ATOM   58   N  NH2 . ARG A 1 6   ? 0.268   -9.984  3.892   1.00 35.03 ? 6   ARG A NH2 1 
ATOM   59   N  N   . SER A 1 7   ? -6.087  -5.850  5.056   1.00 32.01 ? 7   SER A N   1 
ATOM   60   C  CA  . SER A 1 7   ? -7.463  -5.800  5.535   1.00 33.25 ? 7   SER A CA  1 
ATOM   61   C  C   . SER A 1 7   ? -8.088  -4.460  5.140   1.00 33.15 ? 7   SER A C   1 
ATOM   62   O  O   . SER A 1 7   ? -9.267  -4.386  4.791   1.00 31.25 ? 7   SER A O   1 
ATOM   63   C  CB  . SER A 1 7   ? -7.506  -5.978  7.053   1.00 35.40 ? 7   SER A CB  1 
ATOM   64   O  OG  . SER A 1 7   ? -6.738  -4.980  7.694   1.00 41.87 ? 7   SER A OG  1 
ATOM   65   N  N   . MET A 1 8   ? -7.285  -3.405  5.189   1.00 32.88 ? 8   MET A N   1 
ATOM   66   C  CA  . MET A 1 8   ? -7.740  -2.074  4.823   1.00 33.65 ? 8   MET A CA  1 
ATOM   67   C  C   . MET A 1 8   ? -8.235  -2.117  3.376   1.00 34.49 ? 8   MET A C   1 
ATOM   68   O  O   . MET A 1 8   ? -9.265  -1.532  3.034   1.00 34.59 ? 8   MET A O   1 
ATOM   69   C  CB  . MET A 1 8   ? -6.580  -1.086  4.948   1.00 33.73 ? 8   MET A CB  1 
ATOM   70   C  CG  . MET A 1 8   ? -6.940  0.242   5.580   1.00 33.00 ? 8   MET A CG  1 
ATOM   71   S  SD  . MET A 1 8   ? -5.548  1.394   5.579   1.00 30.06 ? 8   MET A SD  1 
ATOM   72   C  CE  . MET A 1 8   ? -5.392  1.784   7.327   1.00 27.39 ? 8   MET A CE  1 
ATOM   73   N  N   . ILE A 1 9   ? -7.491  -2.821  2.530   1.00 34.58 ? 9   ILE A N   1 
ATOM   74   C  CA  . ILE A 1 9   ? -7.839  -2.951  1.120   1.00 35.89 ? 9   ILE A CA  1 
ATOM   75   C  C   . ILE A 1 9   ? -9.116  -3.779  0.954   1.00 37.83 ? 9   ILE A C   1 
ATOM   76   O  O   . ILE A 1 9   ? -9.931  -3.500  0.077   1.00 39.12 ? 9   ILE A O   1 
ATOM   77   C  CB  . ILE A 1 9   ? -6.670  -3.597  0.327   1.00 34.54 ? 9   ILE A CB  1 
ATOM   78   C  CG1 . ILE A 1 9   ? -5.440  -2.691  0.409   1.00 33.52 ? 9   ILE A CG1 1 
ATOM   79   C  CG2 . ILE A 1 9   ? -7.057  -3.806  -1.125  1.00 34.33 ? 9   ILE A CG2 1 
ATOM   80   C  CD1 . ILE A 1 9   ? -4.195  -3.290  -0.189  1.00 34.31 ? 9   ILE A CD1 1 
ATOM   81   N  N   . LYS A 1 10  ? -9.288  -4.799  1.789   1.00 40.48 ? 10  LYS A N   1 
ATOM   82   C  CA  . LYS A 1 10  ? -10.496 -5.622  1.732   1.00 43.59 ? 10  LYS A CA  1 
ATOM   83   C  C   . LYS A 1 10  ? -11.673 -4.718  2.093   1.00 44.13 ? 10  LYS A C   1 
ATOM   84   O  O   . LYS A 1 10  ? -12.750 -4.808  1.501   1.00 45.42 ? 10  LYS A O   1 
ATOM   85   C  CB  . LYS A 1 10  ? -10.412 -6.782  2.733   1.00 45.27 ? 10  LYS A CB  1 
ATOM   86   C  CG  . LYS A 1 10  ? -9.798  -8.067  2.191   1.00 48.55 ? 10  LYS A CG  1 
ATOM   87   C  CD  . LYS A 1 10  ? -10.775 -8.797  1.274   1.00 52.59 ? 10  LYS A CD  1 
ATOM   88   C  CE  . LYS A 1 10  ? -10.176 -10.078 0.687   1.00 55.46 ? 10  LYS A CE  1 
ATOM   89   N  NZ  . LYS A 1 10  ? -9.827  -11.102 1.715   1.00 57.81 ? 10  LYS A NZ  1 
ATOM   90   N  N   . CYS A 1 11  ? -11.442 -3.842  3.066   1.00 44.17 ? 11  CYS A N   1 
ATOM   91   C  CA  . CYS A 1 11  ? -12.442 -2.893  3.549   1.00 45.12 ? 11  CYS A CA  1 
ATOM   92   C  C   . CYS A 1 11  ? -12.914 -1.930  2.465   1.00 45.57 ? 11  CYS A C   1 
ATOM   93   O  O   . CYS A 1 11  ? -14.098 -1.600  2.386   1.00 45.27 ? 11  CYS A O   1 
ATOM   94   C  CB  . CYS A 1 11  ? -11.866 -2.087  4.718   1.00 46.00 ? 11  CYS A CB  1 
ATOM   95   S  SG  . CYS A 1 11  ? -12.871 -0.657  5.226   1.00 49.08 ? 11  CYS A SG  1 
ATOM   96   N  N   . ALA A 1 12  ? -11.983 -1.472  1.634   1.00 45.65 ? 12  ALA A N   1 
ATOM   97   C  CA  . ALA A 1 12  ? -12.315 -0.535  0.569   1.00 45.46 ? 12  ALA A CA  1 
ATOM   98   C  C   . ALA A 1 12  ? -12.773 -1.241  -0.697  1.00 45.57 ? 12  ALA A C   1 
ATOM   99   O  O   . ALA A 1 12  ? -13.493 -0.665  -1.509  1.00 46.38 ? 12  ALA A O   1 
ATOM   100  C  CB  . ALA A 1 12  ? -11.115 0.350   0.264   1.00 45.54 ? 12  ALA A CB  1 
ATOM   101  N  N   . ILE A 1 13  ? -12.351 -2.489  -0.862  1.00 45.89 ? 13  ILE A N   1 
ATOM   102  C  CA  . ILE A 1 13  ? -12.713 -3.265  -2.043  1.00 46.51 ? 13  ILE A CA  1 
ATOM   103  C  C   . ILE A 1 13  ? -13.134 -4.674  -1.625  1.00 48.92 ? 13  ILE A C   1 
ATOM   104  O  O   . ILE A 1 13  ? -12.384 -5.637  -1.793  1.00 48.68 ? 13  ILE A O   1 
ATOM   105  C  CB  . ILE A 1 13  ? -11.523 -3.354  -3.012  1.00 45.69 ? 13  ILE A CB  1 
ATOM   106  C  CG1 . ILE A 1 13  ? -10.946 -1.952  -3.242  1.00 42.99 ? 13  ILE A CG1 1 
ATOM   107  C  CG2 . ILE A 1 13  ? -11.966 -3.976  -4.330  1.00 44.65 ? 13  ILE A CG2 1 
ATOM   108  C  CD1 . ILE A 1 13  ? -9.649  -1.937  -4.010  1.00 41.32 ? 13  ILE A CD1 1 
ATOM   109  N  N   . PRO A 1 14  ? -14.351 -4.808  -1.072  1.00 50.21 ? 14  PRO A N   1 
ATOM   110  C  CA  . PRO A 1 14  ? -14.910 -6.084  -0.611  1.00 52.28 ? 14  PRO A CA  1 
ATOM   111  C  C   . PRO A 1 14  ? -14.727 -7.259  -1.574  1.00 53.65 ? 14  PRO A C   1 
ATOM   112  O  O   . PRO A 1 14  ? -14.460 -8.386  -1.148  1.00 54.24 ? 14  PRO A O   1 
ATOM   113  C  CB  . PRO A 1 14  ? -16.380 -5.747  -0.383  1.00 51.83 ? 14  PRO A CB  1 
ATOM   114  C  CG  . PRO A 1 14  ? -16.313 -4.325  0.084   1.00 51.40 ? 14  PRO A CG  1 
ATOM   115  C  CD  . PRO A 1 14  ? -15.323 -3.716  -0.883  1.00 49.99 ? 14  PRO A CD  1 
ATOM   116  N  N   . GLY A 1 15  ? -14.865 -6.990  -2.870  1.00 54.99 ? 15  GLY A N   1 
ATOM   117  C  CA  . GLY A 1 15  ? -14.726 -8.040  -3.865  1.00 56.55 ? 15  GLY A CA  1 
ATOM   118  C  C   . GLY A 1 15  ? -13.306 -8.346  -4.305  1.00 57.40 ? 15  GLY A C   1 
ATOM   119  O  O   . GLY A 1 15  ? -13.091 -8.838  -5.414  1.00 57.30 ? 15  GLY A O   1 
ATOM   120  N  N   . SER A 1 16  ? -12.335 -8.057  -3.446  1.00 58.30 ? 16  SER A N   1 
ATOM   121  C  CA  . SER A 1 16  ? -10.936 -8.328  -3.768  1.00 59.34 ? 16  SER A CA  1 
ATOM   122  C  C   . SER A 1 16  ? -10.692 -9.833  -3.807  1.00 59.90 ? 16  SER A C   1 
ATOM   123  O  O   . SER A 1 16  ? -11.400 -10.600 -3.153  1.00 59.72 ? 16  SER A O   1 
ATOM   124  C  CB  . SER A 1 16  ? -10.012 -7.690  -2.726  1.00 59.11 ? 16  SER A CB  1 
ATOM   125  O  OG  . SER A 1 16  ? -10.072 -6.278  -2.781  1.00 59.51 ? 16  SER A OG  1 
ATOM   126  N  N   . HIS A 1 17  ? -9.687  -10.246 -4.575  1.00 60.97 ? 17  HIS A N   1 
ATOM   127  C  CA  . HIS A 1 17  ? -9.343  -11.658 -4.706  1.00 61.85 ? 17  HIS A CA  1 
ATOM   128  C  C   . HIS A 1 17  ? -8.291  -12.010 -3.651  1.00 61.69 ? 17  HIS A C   1 
ATOM   129  O  O   . HIS A 1 17  ? -7.186  -11.467 -3.661  1.00 61.64 ? 17  HIS A O   1 
ATOM   130  C  CB  . HIS A 1 17  ? -8.786  -11.927 -6.108  1.00 64.14 ? 17  HIS A CB  1 
ATOM   131  C  CG  . HIS A 1 17  ? -8.907  -13.353 -6.548  1.00 66.96 ? 17  HIS A CG  1 
ATOM   132  N  ND1 . HIS A 1 17  ? -8.440  -14.410 -5.794  1.00 68.25 ? 17  HIS A ND1 1 
ATOM   133  C  CD2 . HIS A 1 17  ? -9.435  -13.897 -7.671  1.00 67.60 ? 17  HIS A CD2 1 
ATOM   134  C  CE1 . HIS A 1 17  ? -8.677  -15.542 -6.433  1.00 68.97 ? 17  HIS A CE1 1 
ATOM   135  N  NE2 . HIS A 1 17  ? -9.280  -15.259 -7.574  1.00 68.36 ? 17  HIS A NE2 1 
ATOM   136  N  N   . PRO A 1 18  ? -8.624  -12.924 -2.724  1.00 61.36 ? 18  PRO A N   1 
ATOM   137  C  CA  . PRO A 1 18  ? -7.709  -13.349 -1.657  1.00 60.64 ? 18  PRO A CA  1 
ATOM   138  C  C   . PRO A 1 18  ? -6.378  -13.915 -2.153  1.00 59.72 ? 18  PRO A C   1 
ATOM   139  O  O   . PRO A 1 18  ? -5.331  -13.704 -1.532  1.00 60.07 ? 18  PRO A O   1 
ATOM   140  C  CB  . PRO A 1 18  ? -8.529  -14.389 -0.897  1.00 61.26 ? 18  PRO A CB  1 
ATOM   141  C  CG  . PRO A 1 18  ? -9.933  -13.895 -1.073  1.00 60.81 ? 18  PRO A CG  1 
ATOM   142  C  CD  . PRO A 1 18  ? -9.953  -13.535 -2.540  1.00 61.15 ? 18  PRO A CD  1 
ATOM   143  N  N   . LEU A 1 19  ? -6.419  -14.633 -3.270  1.00 57.89 ? 19  LEU A N   1 
ATOM   144  C  CA  . LEU A 1 19  ? -5.215  -15.232 -3.839  1.00 56.51 ? 19  LEU A CA  1 
ATOM   145  C  C   . LEU A 1 19  ? -4.337  -14.214 -4.560  1.00 54.99 ? 19  LEU A C   1 
ATOM   146  O  O   . LEU A 1 19  ? -3.272  -14.558 -5.076  1.00 54.06 ? 19  LEU A O   1 
ATOM   147  C  CB  . LEU A 1 19  ? -5.592  -16.355 -4.811  1.00 56.35 ? 19  LEU A CB  1 
ATOM   148  C  CG  . LEU A 1 19  ? -6.304  -17.575 -4.219  1.00 56.90 ? 19  LEU A CG  1 
ATOM   149  C  CD1 . LEU A 1 19  ? -6.633  -18.563 -5.333  1.00 56.96 ? 19  LEU A CD1 1 
ATOM   150  C  CD2 . LEU A 1 19  ? -5.422  -18.230 -3.171  1.00 56.04 ? 19  LEU A CD2 1 
ATOM   151  N  N   . MET A 1 20  ? -4.779  -12.960 -4.595  1.00 53.53 ? 20  MET A N   1 
ATOM   152  C  CA  . MET A 1 20  ? -4.021  -11.911 -5.268  1.00 52.59 ? 20  MET A CA  1 
ATOM   153  C  C   . MET A 1 20  ? -2.723  -11.615 -4.530  1.00 51.40 ? 20  MET A C   1 
ATOM   154  O  O   . MET A 1 20  ? -1.771  -11.105 -5.117  1.00 51.57 ? 20  MET A O   1 
ATOM   155  C  CB  . MET A 1 20  ? -4.855  -10.630 -5.363  1.00 52.85 ? 20  MET A CB  1 
ATOM   156  C  CG  . MET A 1 20  ? -4.215  -9.517  -6.187  1.00 53.04 ? 20  MET A CG  1 
ATOM   157  S  SD  . MET A 1 20  ? -4.134  -9.883  -7.960  1.00 53.54 ? 20  MET A SD  1 
ATOM   158  C  CE  . MET A 1 20  ? -2.467  -10.457 -8.104  1.00 54.72 ? 20  MET A CE  1 
ATOM   159  N  N   . ASP A 1 21  ? -2.682  -11.940 -3.242  1.00 50.27 ? 21  ASP A N   1 
ATOM   160  C  CA  . ASP A 1 21  ? -1.492  -11.687 -2.443  1.00 49.29 ? 21  ASP A CA  1 
ATOM   161  C  C   . ASP A 1 21  ? -0.287  -12.523 -2.868  1.00 48.00 ? 21  ASP A C   1 
ATOM   162  O  O   . ASP A 1 21  ? 0.838   -12.266 -2.432  1.00 47.81 ? 21  ASP A O   1 
ATOM   163  C  CB  . ASP A 1 21  ? -1.791  -11.908 -0.957  1.00 50.52 ? 21  ASP A CB  1 
ATOM   164  C  CG  . ASP A 1 21  ? -2.750  -10.866 -0.397  1.00 52.80 ? 21  ASP A CG  1 
ATOM   165  O  OD1 . ASP A 1 21  ? -2.572  -9.661  -0.700  1.00 53.10 ? 21  ASP A OD1 1 
ATOM   166  O  OD2 . ASP A 1 21  ? -3.675  -11.246 0.353   1.00 53.01 ? 21  ASP A OD2 1 
ATOM   167  N  N   . PHE A 1 22  ? -0.520  -13.514 -3.723  1.00 46.57 ? 22  PHE A N   1 
ATOM   168  C  CA  . PHE A 1 22  ? 0.563   -14.366 -4.216  1.00 46.02 ? 22  PHE A CA  1 
ATOM   169  C  C   . PHE A 1 22  ? 1.257   -13.743 -5.427  1.00 46.30 ? 22  PHE A C   1 
ATOM   170  O  O   . PHE A 1 22  ? 2.371   -14.133 -5.780  1.00 46.22 ? 22  PHE A O   1 
ATOM   171  C  CB  . PHE A 1 22  ? 0.028   -15.746 -4.624  1.00 43.47 ? 22  PHE A CB  1 
ATOM   172  C  CG  . PHE A 1 22  ? 0.006   -16.759 -3.509  1.00 40.76 ? 22  PHE A CG  1 
ATOM   173  C  CD1 . PHE A 1 22  ? 1.183   -17.116 -2.851  1.00 41.10 ? 22  PHE A CD1 1 
ATOM   174  C  CD2 . PHE A 1 22  ? -1.180  -17.392 -3.153  1.00 39.70 ? 22  PHE A CD2 1 
ATOM   175  C  CE1 . PHE A 1 22  ? 1.178   -18.100 -1.848  1.00 39.92 ? 22  PHE A CE1 1 
ATOM   176  C  CE2 . PHE A 1 22  ? -1.198  -18.374 -2.157  1.00 40.80 ? 22  PHE A CE2 1 
ATOM   177  C  CZ  . PHE A 1 22  ? -0.013  -18.729 -1.503  1.00 40.05 ? 22  PHE A CZ  1 
ATOM   178  N  N   . ASN A 1 23  ? 0.604   -12.771 -6.058  1.00 46.39 ? 23  ASN A N   1 
ATOM   179  C  CA  . ASN A 1 23  ? 1.161   -12.146 -7.254  1.00 46.86 ? 23  ASN A CA  1 
ATOM   180  C  C   . ASN A 1 23  ? 1.565   -10.681 -7.104  1.00 45.78 ? 23  ASN A C   1 
ATOM   181  O  O   . ASN A 1 23  ? 1.203   -10.013 -6.137  1.00 44.58 ? 23  ASN A O   1 
ATOM   182  C  CB  . ASN A 1 23  ? 0.156   -12.256 -8.407  1.00 48.51 ? 23  ASN A CB  1 
ATOM   183  C  CG  . ASN A 1 23  ? -0.427  -13.652 -8.548  1.00 50.32 ? 23  ASN A CG  1 
ATOM   184  O  OD1 . ASN A 1 23  ? 0.301   -14.626 -8.724  1.00 51.55 ? 23  ASN A OD1 1 
ATOM   185  N  ND2 . ASN A 1 23  ? -1.748  -13.750 -8.475  1.00 52.18 ? 23  ASN A ND2 1 
ATOM   186  N  N   . ASN A 1 24  ? 2.334   -10.203 -8.080  1.00 44.79 ? 24  ASN A N   1 
ATOM   187  C  CA  . ASN A 1 24  ? 2.778   -8.815  -8.128  1.00 43.38 ? 24  ASN A CA  1 
ATOM   188  C  C   . ASN A 1 24  ? 1.972   -8.169  -9.246  1.00 41.75 ? 24  ASN A C   1 
ATOM   189  O  O   . ASN A 1 24  ? 1.340   -8.869  -10.039 1.00 42.50 ? 24  ASN A O   1 
ATOM   190  C  CB  . ASN A 1 24  ? 4.271   -8.720  -8.458  1.00 44.30 ? 24  ASN A CB  1 
ATOM   191  C  CG  . ASN A 1 24  ? 5.153   -9.209  -7.329  1.00 45.77 ? 24  ASN A CG  1 
ATOM   192  O  OD1 . ASN A 1 24  ? 5.041   -8.749  -6.194  1.00 45.46 ? 24  ASN A OD1 1 
ATOM   193  N  ND2 . ASN A 1 24  ? 6.043   -10.146 -7.637  1.00 48.85 ? 24  ASN A ND2 1 
ATOM   194  N  N   . TYR A 1 25  ? 1.985   -6.844  -9.313  1.00 38.65 ? 25  TYR A N   1 
ATOM   195  C  CA  . TYR A 1 25  ? 1.243   -6.146  -10.355 1.00 35.59 ? 25  TYR A CA  1 
ATOM   196  C  C   . TYR A 1 25  ? 2.002   -4.913  -10.816 1.00 34.63 ? 25  TYR A C   1 
ATOM   197  O  O   . TYR A 1 25  ? 2.541   -4.161  -10.002 1.00 34.45 ? 25  TYR A O   1 
ATOM   198  C  CB  . TYR A 1 25  ? -0.143  -5.750  -9.833  1.00 34.16 ? 25  TYR A CB  1 
ATOM   199  C  CG  . TYR A 1 25  ? -1.028  -5.022  -10.832 1.00 33.81 ? 25  TYR A CG  1 
ATOM   200  C  CD1 . TYR A 1 25  ? -0.836  -3.664  -11.116 1.00 33.96 ? 25  TYR A CD1 1 
ATOM   201  C  CD2 . TYR A 1 25  ? -2.072  -5.687  -11.476 1.00 32.17 ? 25  TYR A CD2 1 
ATOM   202  C  CE1 . TYR A 1 25  ? -1.669  -2.985  -12.015 1.00 33.80 ? 25  TYR A CE1 1 
ATOM   203  C  CE2 . TYR A 1 25  ? -2.906  -5.025  -12.373 1.00 33.02 ? 25  TYR A CE2 1 
ATOM   204  C  CZ  . TYR A 1 25  ? -2.704  -3.673  -12.641 1.00 34.93 ? 25  TYR A CZ  1 
ATOM   205  O  OH  . TYR A 1 25  ? -3.537  -3.019  -13.527 1.00 34.62 ? 25  TYR A OH  1 
ATOM   206  N  N   . GLY A 1 26  ? 2.050   -4.720  -12.127 1.00 33.68 ? 26  GLY A N   1 
ATOM   207  C  CA  . GLY A 1 26  ? 2.738   -3.570  -12.676 1.00 32.11 ? 26  GLY A CA  1 
ATOM   208  C  C   . GLY A 1 26  ? 4.193   -3.482  -12.265 1.00 31.33 ? 26  GLY A C   1 
ATOM   209  O  O   . GLY A 1 26  ? 4.835   -4.495  -11.972 1.00 31.29 ? 26  GLY A O   1 
ATOM   210  N  N   . CYS A 1 27  ? 4.705   -2.257  -12.220 1.00 30.08 ? 27  CYS A N   1 
ATOM   211  C  CA  . CYS A 1 27  ? 6.100   -2.009  -11.881 1.00 30.04 ? 27  CYS A CA  1 
ATOM   212  C  C   . CYS A 1 27  ? 6.354   -1.733  -10.409 1.00 29.70 ? 27  CYS A C   1 
ATOM   213  O  O   . CYS A 1 27  ? 7.475   -1.890  -9.934  1.00 29.84 ? 27  CYS A O   1 
ATOM   214  C  CB  . CYS A 1 27  ? 6.631   -0.820  -12.694 1.00 30.37 ? 27  CYS A CB  1 
ATOM   215  S  SG  . CYS A 1 27  ? 6.686   -1.088  -14.493 1.00 31.37 ? 27  CYS A SG  1 
ATOM   216  N  N   . TYR A 1 28  ? 5.323   -1.321  -9.684  1.00 28.86 ? 28  TYR A N   1 
ATOM   217  C  CA  . TYR A 1 28  ? 5.507   -1.004  -8.280  1.00 28.45 ? 28  TYR A CA  1 
ATOM   218  C  C   . TYR A 1 28  ? 4.689   -1.796  -7.269  1.00 28.41 ? 28  TYR A C   1 
ATOM   219  O  O   . TYR A 1 28  ? 5.053   -1.845  -6.100  1.00 27.76 ? 28  TYR A O   1 
ATOM   220  C  CB  . TYR A 1 28  ? 5.302   0.501   -8.082  1.00 27.75 ? 28  TYR A CB  1 
ATOM   221  C  CG  . TYR A 1 28  ? 6.516   1.294   -8.515  1.00 28.12 ? 28  TYR A CG  1 
ATOM   222  C  CD1 . TYR A 1 28  ? 7.544   1.572   -7.615  1.00 27.11 ? 28  TYR A CD1 1 
ATOM   223  C  CD2 . TYR A 1 28  ? 6.684   1.686   -9.847  1.00 28.38 ? 28  TYR A CD2 1 
ATOM   224  C  CE1 . TYR A 1 28  ? 8.717   2.213   -8.028  1.00 27.48 ? 28  TYR A CE1 1 
ATOM   225  C  CE2 . TYR A 1 28  ? 7.855   2.327   -10.272 1.00 27.21 ? 28  TYR A CE2 1 
ATOM   226  C  CZ  . TYR A 1 28  ? 8.866   2.584   -9.355  1.00 27.41 ? 28  TYR A CZ  1 
ATOM   227  O  OH  . TYR A 1 28  ? 10.033  3.191   -9.763  1.00 26.41 ? 28  TYR A OH  1 
ATOM   228  N  N   . CYS A 1 29  ? 3.590   -2.412  -7.699  1.00 29.39 ? 29  CYS A N   1 
ATOM   229  C  CA  . CYS A 1 29  ? 2.784   -3.186  -6.762  1.00 30.14 ? 29  CYS A CA  1 
ATOM   230  C  C   . CYS A 1 29  ? 3.530   -4.478  -6.444  1.00 30.50 ? 29  CYS A C   1 
ATOM   231  O  O   . CYS A 1 29  ? 3.544   -5.433  -7.229  1.00 31.74 ? 29  CYS A O   1 
ATOM   232  C  CB  . CYS A 1 29  ? 1.401   -3.496  -7.341  1.00 30.09 ? 29  CYS A CB  1 
ATOM   233  S  SG  . CYS A 1 29  ? 0.365   -2.050  -7.748  1.00 31.17 ? 29  CYS A SG  1 
ATOM   234  N  N   . GLY A 1 30  ? 4.163   -4.486  -5.281  1.00 31.00 ? 30  GLY A N   1 
ATOM   235  C  CA  . GLY A 1 30  ? 4.940   -5.631  -4.853  1.00 31.23 ? 30  GLY A CA  1 
ATOM   236  C  C   . GLY A 1 30  ? 6.165   -5.072  -4.164  1.00 32.01 ? 30  GLY A C   1 
ATOM   237  O  O   . GLY A 1 30  ? 6.369   -3.855  -4.136  1.00 30.12 ? 30  GLY A O   1 
ATOM   238  N  N   . LEU A 1 31  ? 6.987   -5.948  -3.608  1.00 32.30 ? 31  LEU A N   1 
ATOM   239  C  CA  . LEU A 1 31  ? 8.176   -5.495  -2.922  1.00 33.75 ? 31  LEU A CA  1 
ATOM   240  C  C   . LEU A 1 31  ? 9.038   -4.744  -3.929  1.00 33.28 ? 31  LEU A C   1 
ATOM   241  O  O   . LEU A 1 31  ? 9.217   -5.192  -5.063  1.00 32.86 ? 31  LEU A O   1 
ATOM   242  C  CB  . LEU A 1 31  ? 8.921   -6.693  -2.336  1.00 36.33 ? 31  LEU A CB  1 
ATOM   243  C  CG  . LEU A 1 31  ? 9.809   -6.437  -1.117  1.00 38.94 ? 31  LEU A CG  1 
ATOM   244  C  CD1 . LEU A 1 31  ? 9.106   -5.516  -0.129  1.00 39.20 ? 31  LEU A CD1 1 
ATOM   245  C  CD2 . LEU A 1 31  ? 10.141  -7.774  -0.461  1.00 40.93 ? 31  LEU A CD2 1 
ATOM   246  N  N   . GLY A 1 32  ? 9.540   -3.584  -3.520  1.00 34.70 ? 32  GLY A N   1 
ATOM   247  C  CA  . GLY A 1 32  ? 10.367  -2.782  -4.407  1.00 33.26 ? 32  GLY A CA  1 
ATOM   248  C  C   . GLY A 1 32  ? 9.621   -2.182  -5.589  1.00 32.92 ? 32  GLY A C   1 
ATOM   249  O  O   . GLY A 1 32  ? 8.407   -1.955  -5.546  1.00 31.56 ? 32  GLY A O   1 
ATOM   250  N  N   . GLY A 1 33  ? 10.369  -1.925  -6.657  1.00 33.41 ? 33  GLY A N   1 
ATOM   251  C  CA  . GLY A 1 33  ? 9.801   -1.336  -7.855  1.00 31.85 ? 33  GLY A CA  1 
ATOM   252  C  C   . GLY A 1 33  ? 10.912  -0.727  -8.685  1.00 31.83 ? 33  GLY A C   1 
ATOM   253  O  O   . GLY A 1 33  ? 12.029  -0.561  -8.193  1.00 30.85 ? 33  GLY A O   1 
ATOM   254  N  N   . SER A 1 34  ? 10.618  -0.397  -9.940  1.00 31.93 ? 34  SER A N   1 
ATOM   255  C  CA  . SER A 1 34  ? 11.620  0.194   -10.828 1.00 32.10 ? 34  SER A CA  1 
ATOM   256  C  C   . SER A 1 34  ? 10.944  0.915   -11.991 1.00 30.94 ? 34  SER A C   1 
ATOM   257  O  O   . SER A 1 34  ? 9.786   0.645   -12.298 1.00 29.91 ? 34  SER A O   1 
ATOM   258  C  CB  . SER A 1 34  ? 12.543  -0.902  -11.372 1.00 33.63 ? 34  SER A CB  1 
ATOM   259  O  OG  . SER A 1 34  ? 11.822  -1.807  -12.197 1.00 33.80 ? 34  SER A OG  1 
ATOM   260  N  N   . GLY A 1 35  ? 11.674  1.825   -12.637 1.00 31.20 ? 35  GLY A N   1 
ATOM   261  C  CA  . GLY A 1 35  ? 11.124  2.563   -13.764 1.00 30.07 ? 35  GLY A CA  1 
ATOM   262  C  C   . GLY A 1 35  ? 9.931   3.414   -13.372 1.00 31.78 ? 35  GLY A C   1 
ATOM   263  O  O   . GLY A 1 35  ? 9.902   3.970   -12.272 1.00 29.91 ? 35  GLY A O   1 
ATOM   264  N  N   . THR A 1 36  ? 8.948   3.529   -14.264 1.00 32.01 ? 36  THR A N   1 
ATOM   265  C  CA  . THR A 1 36  ? 7.759   4.316   -13.959 1.00 33.47 ? 36  THR A CA  1 
ATOM   266  C  C   . THR A 1 36  ? 6.505   3.454   -14.061 1.00 32.66 ? 36  THR A C   1 
ATOM   267  O  O   . THR A 1 36  ? 6.436   2.535   -14.874 1.00 32.62 ? 36  THR A O   1 
ATOM   268  C  CB  . THR A 1 36  ? 7.604   5.542   -14.903 1.00 34.66 ? 36  THR A CB  1 
ATOM   269  O  OG1 . THR A 1 36  ? 7.059   5.127   -16.155 1.00 39.65 ? 36  THR A OG1 1 
ATOM   270  C  CG2 . THR A 1 36  ? 8.938   6.192   -15.156 1.00 35.02 ? 36  THR A CG2 1 
ATOM   271  N  N   . PRO A 1 37  ? 5.495   3.746   -13.227 1.00 31.92 ? 37  PRO A N   1 
ATOM   272  C  CA  . PRO A 1 37  ? 4.213   3.032   -13.177 1.00 32.89 ? 37  PRO A CA  1 
ATOM   273  C  C   . PRO A 1 37  ? 3.612   2.864   -14.577 1.00 33.63 ? 37  PRO A C   1 
ATOM   274  O  O   . PRO A 1 37  ? 3.693   3.781   -15.394 1.00 33.14 ? 37  PRO A O   1 
ATOM   275  C  CB  . PRO A 1 37  ? 3.342   3.945   -12.315 1.00 33.33 ? 37  PRO A CB  1 
ATOM   276  C  CG  . PRO A 1 37  ? 4.327   4.663   -11.445 1.00 32.76 ? 37  PRO A CG  1 
ATOM   277  C  CD  . PRO A 1 37  ? 5.470   4.945   -12.371 1.00 31.49 ? 37  PRO A CD  1 
ATOM   278  N  N   . VAL A 1 38  ? 2.997   1.709   -14.842 1.00 33.46 ? 38  VAL A N   1 
ATOM   279  C  CA  . VAL A 1 38  ? 2.390   1.457   -16.148 1.00 34.95 ? 38  VAL A CA  1 
ATOM   280  C  C   . VAL A 1 38  ? 0.940   1.920   -16.253 1.00 35.15 ? 38  VAL A C   1 
ATOM   281  O  O   . VAL A 1 38  ? 0.431   2.111   -17.356 1.00 36.94 ? 38  VAL A O   1 
ATOM   282  C  CB  . VAL A 1 38  ? 2.439   -0.047  -16.540 1.00 36.23 ? 38  VAL A CB  1 
ATOM   283  C  CG1 . VAL A 1 38  ? 3.864   -0.458  -16.846 1.00 35.57 ? 38  VAL A CG1 1 
ATOM   284  C  CG2 . VAL A 1 38  ? 1.854   -0.908  -15.422 1.00 37.61 ? 38  VAL A CG2 1 
ATOM   285  N  N   . ASP A 1 39  ? 0.268   2.086   -15.117 1.00 34.71 ? 39  ASP A N   1 
ATOM   286  C  CA  . ASP A 1 39  ? -1.119  2.543   -15.130 1.00 34.46 ? 39  ASP A CA  1 
ATOM   287  C  C   . ASP A 1 39  ? -1.517  3.177   -13.807 1.00 35.06 ? 39  ASP A C   1 
ATOM   288  O  O   . ASP A 1 39  ? -0.707  3.280   -12.890 1.00 35.28 ? 39  ASP A O   1 
ATOM   289  C  CB  . ASP A 1 39  ? -2.081  1.392   -15.462 1.00 35.06 ? 39  ASP A CB  1 
ATOM   290  C  CG  . ASP A 1 39  ? -2.031  0.263   -14.440 1.00 35.00 ? 39  ASP A CG  1 
ATOM   291  O  OD1 . ASP A 1 39  ? -1.808  0.541   -13.242 1.00 34.77 ? 39  ASP A OD1 1 
ATOM   292  O  OD2 . ASP A 1 39  ? -2.231  -0.904  -14.834 1.00 35.78 ? 39  ASP A OD2 1 
ATOM   293  N  N   . GLU A 1 40  ? -2.773  3.602   -13.719 1.00 35.65 ? 40  GLU A N   1 
ATOM   294  C  CA  . GLU A 1 40  ? -3.297  4.236   -12.516 1.00 36.29 ? 40  GLU A CA  1 
ATOM   295  C  C   . GLU A 1 40  ? -3.047  3.390   -11.259 1.00 35.54 ? 40  GLU A C   1 
ATOM   296  O  O   . GLU A 1 40  ? -2.460  3.872   -10.286 1.00 34.51 ? 40  GLU A O   1 
ATOM   297  C  CB  . GLU A 1 40  ? -4.793  4.489   -12.688 1.00 40.44 ? 40  GLU A CB  1 
ATOM   298  C  CG  . GLU A 1 40  ? -5.431  5.290   -11.567 1.00 46.19 ? 40  GLU A CG  1 
ATOM   299  C  CD  . GLU A 1 40  ? -5.820  6.687   -12.000 1.00 49.69 ? 40  GLU A CD  1 
ATOM   300  O  OE1 . GLU A 1 40  ? -4.916  7.503   -12.294 1.00 53.21 ? 40  GLU A OE1 1 
ATOM   301  O  OE2 . GLU A 1 40  ? -7.038  6.967   -12.049 1.00 52.61 ? 40  GLU A OE2 1 
ATOM   302  N  N   . LEU A 1 41  ? -3.489  2.133   -11.288 1.00 33.22 ? 41  LEU A N   1 
ATOM   303  C  CA  . LEU A 1 41  ? -3.315  1.224   -10.154 1.00 32.12 ? 41  LEU A CA  1 
ATOM   304  C  C   . LEU A 1 41  ? -1.848  1.179   -9.746  1.00 31.59 ? 41  LEU A C   1 
ATOM   305  O  O   . LEU A 1 41  ? -1.506  1.307   -8.565  1.00 29.83 ? 41  LEU A O   1 
ATOM   306  C  CB  . LEU A 1 41  ? -3.773  -0.193  -10.528 1.00 32.10 ? 41  LEU A CB  1 
ATOM   307  C  CG  . LEU A 1 41  ? -4.722  -0.931  -9.569  1.00 35.03 ? 41  LEU A CG  1 
ATOM   308  C  CD1 . LEU A 1 41  ? -4.833  -2.391  -9.999  1.00 33.59 ? 41  LEU A CD1 1 
ATOM   309  C  CD2 . LEU A 1 41  ? -4.224  -0.843  -8.136  1.00 33.05 ? 41  LEU A CD2 1 
ATOM   310  N  N   . ASP A 1 42  ? -0.982  0.998   -10.736 1.00 29.87 ? 42  ASP A N   1 
ATOM   311  C  CA  . ASP A 1 42  ? 0.447   0.930   -10.487 1.00 30.12 ? 42  ASP A CA  1 
ATOM   312  C  C   . ASP A 1 42  ? 0.917   2.239   -9.844  1.00 30.16 ? 42  ASP A C   1 
ATOM   313  O  O   . ASP A 1 42  ? 1.740   2.223   -8.926  1.00 30.39 ? 42  ASP A O   1 
ATOM   314  C  CB  . ASP A 1 42  ? 1.186   0.659   -11.803 1.00 30.34 ? 42  ASP A CB  1 
ATOM   315  C  CG  . ASP A 1 42  ? 2.551   0.042   -11.592 1.00 29.36 ? 42  ASP A CG  1 
ATOM   316  O  OD1 . ASP A 1 42  ? 2.797   -0.499  -10.494 1.00 31.40 ? 42  ASP A OD1 1 
ATOM   317  O  OD2 . ASP A 1 42  ? 3.374   0.081   -12.530 1.00 30.86 ? 42  ASP A OD2 1 
ATOM   318  N  N   . ARG A 1 43  ? 0.390   3.368   -10.319 1.00 29.82 ? 43  ARG A N   1 
ATOM   319  C  CA  . ARG A 1 43  ? 0.757   4.667   -9.752  1.00 29.08 ? 43  ARG A CA  1 
ATOM   320  C  C   . ARG A 1 43  ? 0.398   4.709   -8.275  1.00 28.24 ? 43  ARG A C   1 
ATOM   321  O  O   . ARG A 1 43  ? 1.163   5.216   -7.453  1.00 27.58 ? 43  ARG A O   1 
ATOM   322  C  CB  . ARG A 1 43  ? 0.031   5.808   -10.461 1.00 28.40 ? 43  ARG A CB  1 
ATOM   323  C  CG  . ARG A 1 43  ? 0.636   6.210   -11.782 1.00 28.70 ? 43  ARG A CG  1 
ATOM   324  C  CD  . ARG A 1 43  ? 0.006   7.500   -12.272 1.00 28.70 ? 43  ARG A CD  1 
ATOM   325  N  NE  . ARG A 1 43  ? 0.601   7.946   -13.523 1.00 30.29 ? 43  ARG A NE  1 
ATOM   326  C  CZ  . ARG A 1 43  ? 0.480   9.176   -14.007 1.00 30.29 ? 43  ARG A CZ  1 
ATOM   327  N  NH1 . ARG A 1 43  ? 1.059   9.497   -15.155 1.00 31.29 ? 43  ARG A NH1 1 
ATOM   328  N  NH2 . ARG A 1 43  ? -0.210  10.087  -13.335 1.00 30.01 ? 43  ARG A NH2 1 
ATOM   329  N  N   . CYS A 1 44  ? -0.782  4.195   -7.944  1.00 28.64 ? 44  CYS A N   1 
ATOM   330  C  CA  . CYS A 1 44  ? -1.203  4.165   -6.550  1.00 30.67 ? 44  CYS A CA  1 
ATOM   331  C  C   . CYS A 1 44  ? -0.126  3.452   -5.725  1.00 30.33 ? 44  CYS A C   1 
ATOM   332  O  O   . CYS A 1 44  ? 0.218   3.896   -4.632  1.00 31.15 ? 44  CYS A O   1 
ATOM   333  C  CB  . CYS A 1 44  ? -2.530  3.414   -6.393  1.00 32.74 ? 44  CYS A CB  1 
ATOM   334  S  SG  . CYS A 1 44  ? -4.035  4.184   -7.085  1.00 33.47 ? 44  CYS A SG  1 
ATOM   335  N  N   . CYS A 1 45  ? 0.398   2.346   -6.252  1.00 29.61 ? 45  CYS A N   1 
ATOM   336  C  CA  . CYS A 1 45  ? 1.428   1.582   -5.546  1.00 30.07 ? 45  CYS A CA  1 
ATOM   337  C  C   . CYS A 1 45  ? 2.743   2.334   -5.450  1.00 30.46 ? 45  CYS A C   1 
ATOM   338  O  O   . CYS A 1 45  ? 3.388   2.329   -4.396  1.00 29.38 ? 45  CYS A O   1 
ATOM   339  C  CB  . CYS A 1 45  ? 1.672   0.227   -6.217  1.00 30.55 ? 45  CYS A CB  1 
ATOM   340  S  SG  . CYS A 1 45  ? 0.290   -0.947  -6.043  1.00 33.33 ? 45  CYS A SG  1 
ATOM   341  N  N   . GLU A 1 46  ? 3.148   2.980   -6.542  1.00 29.79 ? 46  GLU A N   1 
ATOM   342  C  CA  . GLU A 1 46  ? 4.394   3.736   -6.522  1.00 29.95 ? 46  GLU A CA  1 
ATOM   343  C  C   . GLU A 1 46  ? 4.302   4.827   -5.460  1.00 29.89 ? 46  GLU A C   1 
ATOM   344  O  O   . GLU A 1 46  ? 5.224   5.018   -4.663  1.00 28.77 ? 46  GLU A O   1 
ATOM   345  C  CB  . GLU A 1 46  ? 4.678   4.393   -7.875  1.00 30.66 ? 46  GLU A CB  1 
ATOM   346  C  CG  . GLU A 1 46  ? 6.113   4.911   -7.959  1.00 32.60 ? 46  GLU A CG  1 
ATOM   347  C  CD  . GLU A 1 46  ? 6.261   6.192   -8.758  1.00 32.25 ? 46  GLU A CD  1 
ATOM   348  O  OE1 . GLU A 1 46  ? 7.395   6.706   -8.833  1.00 33.35 ? 46  GLU A OE1 1 
ATOM   349  O  OE2 . GLU A 1 46  ? 5.254   6.689   -9.306  1.00 35.79 ? 46  GLU A OE2 1 
ATOM   350  N  N   . THR A 1 47  ? 3.181   5.541   -5.461  1.00 29.35 ? 47  THR A N   1 
ATOM   351  C  CA  . THR A 1 47  ? 2.955   6.618   -4.505  1.00 28.80 ? 47  THR A CA  1 
ATOM   352  C  C   . THR A 1 47  ? 3.065   6.074   -3.081  1.00 29.11 ? 47  THR A C   1 
ATOM   353  O  O   . THR A 1 47  ? 3.695   6.682   -2.213  1.00 28.37 ? 47  THR A O   1 
ATOM   354  C  CB  . THR A 1 47  ? 1.566   7.250   -4.731  1.00 28.61 ? 47  THR A CB  1 
ATOM   355  O  OG1 . THR A 1 47  ? 1.457   7.651   -6.101  1.00 31.01 ? 47  THR A OG1 1 
ATOM   356  C  CG2 . THR A 1 47  ? 1.372   8.472   -3.850  1.00 27.30 ? 47  THR A CG2 1 
ATOM   357  N  N   . HIS A 1 48  ? 2.454   4.918   -2.850  1.00 26.95 ? 48  HIS A N   1 
ATOM   358  C  CA  . HIS A 1 48  ? 2.505   4.287   -1.539  1.00 27.15 ? 48  HIS A CA  1 
ATOM   359  C  C   . HIS A 1 48  ? 3.969   3.970   -1.208  1.00 27.27 ? 48  HIS A C   1 
ATOM   360  O  O   . HIS A 1 48  ? 4.419   4.187   -0.078  1.00 27.29 ? 48  HIS A O   1 
ATOM   361  C  CB  . HIS A 1 48  ? 1.652   3.020   -1.555  1.00 25.62 ? 48  HIS A CB  1 
ATOM   362  C  CG  . HIS A 1 48  ? 1.603   2.301   -0.246  1.00 26.54 ? 48  HIS A CG  1 
ATOM   363  N  ND1 . HIS A 1 48  ? 2.260   1.109   -0.027  1.00 23.28 ? 48  HIS A ND1 1 
ATOM   364  C  CD2 . HIS A 1 48  ? 0.951   2.591   0.905   1.00 26.36 ? 48  HIS A CD2 1 
ATOM   365  C  CE1 . HIS A 1 48  ? 2.010   0.692   1.201   1.00 26.91 ? 48  HIS A CE1 1 
ATOM   366  N  NE2 . HIS A 1 48  ? 1.218   1.572   1.789   1.00 27.41 ? 48  HIS A NE2 1 
ATOM   367  N  N   . ASP A 1 49  ? 4.712   3.465   -2.193  1.00 27.61 ? 49  ASP A N   1 
ATOM   368  C  CA  . ASP A 1 49  ? 6.128   3.169   -1.985  1.00 29.33 ? 49  ASP A CA  1 
ATOM   369  C  C   . ASP A 1 49  ? 6.823   4.474   -1.578  1.00 30.40 ? 49  ASP A C   1 
ATOM   370  O  O   . ASP A 1 49  ? 7.560   4.519   -0.593  1.00 31.70 ? 49  ASP A O   1 
ATOM   371  C  CB  . ASP A 1 49  ? 6.793   2.636   -3.267  1.00 29.12 ? 49  ASP A CB  1 
ATOM   372  C  CG  . ASP A 1 49  ? 6.489   1.162   -3.545  1.00 29.62 ? 49  ASP A CG  1 
ATOM   373  O  OD1 . ASP A 1 49  ? 7.149   0.600   -4.444  1.00 27.68 ? 49  ASP A OD1 1 
ATOM   374  O  OD2 . ASP A 1 49  ? 5.608   0.564   -2.889  1.00 29.41 ? 49  ASP A OD2 1 
ATOM   375  N  N   . ASN A 1 50  ? 6.581   5.536   -2.341  1.00 31.21 ? 50  ASN A N   1 
ATOM   376  C  CA  . ASN A 1 50  ? 7.186   6.833   -2.050  1.00 31.43 ? 50  ASN A CA  1 
ATOM   377  C  C   . ASN A 1 50  ? 6.819   7.286   -0.635  1.00 31.12 ? 50  ASN A C   1 
ATOM   378  O  O   . ASN A 1 50  ? 7.646   7.834   0.088   1.00 30.44 ? 50  ASN A O   1 
ATOM   379  C  CB  . ASN A 1 50  ? 6.712   7.881   -3.067  1.00 32.30 ? 50  ASN A CB  1 
ATOM   380  C  CG  . ASN A 1 50  ? 7.236   7.622   -4.473  1.00 33.70 ? 50  ASN A CG  1 
ATOM   381  O  OD1 . ASN A 1 50  ? 6.771   8.229   -5.439  1.00 35.81 ? 50  ASN A OD1 1 
ATOM   382  N  ND2 . ASN A 1 50  ? 8.214   6.728   -4.593  1.00 34.20 ? 50  ASN A ND2 1 
ATOM   383  N  N   . CYS A 1 51  ? 5.569   7.056   -0.250  1.00 31.41 ? 51  CYS A N   1 
ATOM   384  C  CA  . CYS A 1 51  ? 5.091   7.444   1.071   1.00 31.52 ? 51  CYS A CA  1 
ATOM   385  C  C   . CYS A 1 51  ? 5.884   6.706   2.158   1.00 32.08 ? 51  CYS A C   1 
ATOM   386  O  O   . CYS A 1 51  ? 6.247   7.291   3.175   1.00 30.68 ? 51  CYS A O   1 
ATOM   387  C  CB  . CYS A 1 51  ? 3.599   7.131   1.184   1.00 30.25 ? 51  CYS A CB  1 
ATOM   388  S  SG  . CYS A 1 51  ? 2.676   7.973   2.512   1.00 32.80 ? 51  CYS A SG  1 
ATOM   389  N  N   . TYR A 1 52  ? 6.149   5.420   1.940   1.00 32.99 ? 52  TYR A N   1 
ATOM   390  C  CA  . TYR A 1 52  ? 6.911   4.629   2.902   1.00 33.73 ? 52  TYR A CA  1 
ATOM   391  C  C   . TYR A 1 52  ? 8.355   5.103   2.942   1.00 34.84 ? 52  TYR A C   1 
ATOM   392  O  O   . TYR A 1 52  ? 8.996   5.098   3.994   1.00 34.37 ? 52  TYR A O   1 
ATOM   393  C  CB  . TYR A 1 52  ? 6.856   3.139   2.540   1.00 31.87 ? 52  TYR A CB  1 
ATOM   394  C  CG  . TYR A 1 52  ? 5.732   2.382   3.219   1.00 32.45 ? 52  TYR A CG  1 
ATOM   395  C  CD1 . TYR A 1 52  ? 4.509   2.997   3.485   1.00 31.77 ? 52  TYR A CD1 1 
ATOM   396  C  CD2 . TYR A 1 52  ? 5.881   1.042   3.575   1.00 33.36 ? 52  TYR A CD2 1 
ATOM   397  C  CE1 . TYR A 1 52  ? 3.464   2.296   4.093   1.00 32.10 ? 52  TYR A CE1 1 
ATOM   398  C  CE2 . TYR A 1 52  ? 4.840   0.333   4.181   1.00 33.14 ? 52  TYR A CE2 1 
ATOM   399  C  CZ  . TYR A 1 52  ? 3.635   0.967   4.436   1.00 31.48 ? 52  TYR A CZ  1 
ATOM   400  O  OH  . TYR A 1 52  ? 2.600   0.272   5.027   1.00 30.63 ? 52  TYR A OH  1 
ATOM   401  N  N   . ARG A 1 53  ? 8.870   5.510   1.787   1.00 36.85 ? 53  ARG A N   1 
ATOM   402  C  CA  . ARG A 1 53  ? 10.234  6.002   1.709   1.00 38.49 ? 53  ARG A CA  1 
ATOM   403  C  C   . ARG A 1 53  ? 10.347  7.241   2.597   1.00 38.69 ? 53  ARG A C   1 
ATOM   404  O  O   . ARG A 1 53  ? 11.312  7.390   3.343   1.00 37.85 ? 53  ARG A O   1 
ATOM   405  C  CB  . ARG A 1 53  ? 10.586  6.343   0.260   1.00 40.47 ? 53  ARG A CB  1 
ATOM   406  C  CG  . ARG A 1 53  ? 11.990  6.884   0.068   1.00 43.92 ? 53  ARG A CG  1 
ATOM   407  C  CD  . ARG A 1 53  ? 11.942  8.224   -0.643  1.00 47.15 ? 53  ARG A CD  1 
ATOM   408  N  NE  . ARG A 1 53  ? 11.438  8.110   -2.009  1.00 49.46 ? 53  ARG A NE  1 
ATOM   409  C  CZ  . ARG A 1 53  ? 10.642  9.005   -2.588  1.00 50.19 ? 53  ARG A CZ  1 
ATOM   410  N  NH1 . ARG A 1 53  ? 10.236  8.826   -3.839  1.00 50.82 ? 53  ARG A NH1 1 
ATOM   411  N  NH2 . ARG A 1 53  ? 10.235  10.070  -1.909  1.00 50.37 ? 53  ARG A NH2 1 
ATOM   412  N  N   . ASP A 1 54  ? 9.352   8.122   2.525   1.00 38.86 ? 54  ASP A N   1 
ATOM   413  C  CA  . ASP A 1 54  ? 9.360   9.326   3.348   1.00 39.92 ? 54  ASP A CA  1 
ATOM   414  C  C   . ASP A 1 54  ? 9.285   8.925   4.818   1.00 41.44 ? 54  ASP A C   1 
ATOM   415  O  O   . ASP A 1 54  ? 9.836   9.603   5.688   1.00 41.73 ? 54  ASP A O   1 
ATOM   416  C  CB  . ASP A 1 54  ? 8.173   10.239  3.016   1.00 39.89 ? 54  ASP A CB  1 
ATOM   417  C  CG  . ASP A 1 54  ? 8.239   10.811  1.607   1.00 42.09 ? 54  ASP A CG  1 
ATOM   418  O  OD1 . ASP A 1 54  ? 9.347   10.898  1.032   1.00 43.41 ? 54  ASP A OD1 1 
ATOM   419  O  OD2 . ASP A 1 54  ? 7.174   11.192  1.077   1.00 42.51 ? 54  ASP A OD2 1 
ATOM   420  N  N   . ALA A 1 55  ? 8.594   7.821   5.089   1.00 41.29 ? 55  ALA A N   1 
ATOM   421  C  CA  . ALA A 1 55  ? 8.450   7.329   6.454   1.00 42.46 ? 55  ALA A CA  1 
ATOM   422  C  C   . ALA A 1 55  ? 9.817   6.937   6.997   1.00 43.11 ? 55  ALA A C   1 
ATOM   423  O  O   . ALA A 1 55  ? 10.151  7.244   8.142   1.00 43.26 ? 55  ALA A O   1 
ATOM   424  C  CB  . ALA A 1 55  ? 7.514   6.128   6.484   1.00 41.94 ? 55  ALA A CB  1 
ATOM   425  N  N   . LYS A 1 56  ? 10.604  6.261   6.166   1.00 43.58 ? 56  LYS A N   1 
ATOM   426  C  CA  . LYS A 1 56  ? 11.941  5.829   6.556   1.00 45.98 ? 56  LYS A CA  1 
ATOM   427  C  C   . LYS A 1 56  ? 12.875  7.017   6.777   1.00 46.94 ? 56  LYS A C   1 
ATOM   428  O  O   . LYS A 1 56  ? 13.916  6.880   7.418   1.00 47.52 ? 56  LYS A O   1 
ATOM   429  C  CB  . LYS A 1 56  ? 12.544  4.916   5.484   1.00 45.71 ? 56  LYS A CB  1 
ATOM   430  C  CG  . LYS A 1 56  ? 11.821  3.591   5.290   1.00 47.19 ? 56  LYS A CG  1 
ATOM   431  C  CD  . LYS A 1 56  ? 12.494  2.758   4.204   1.00 49.29 ? 56  LYS A CD  1 
ATOM   432  C  CE  . LYS A 1 56  ? 11.712  1.489   3.899   1.00 50.46 ? 56  LYS A CE  1 
ATOM   433  N  NZ  . LYS A 1 56  ? 12.347  0.681   2.821   1.00 51.71 ? 56  LYS A NZ  1 
ATOM   434  N  N   . ASN A 1 57  ? 12.511  8.180   6.244   1.00 48.03 ? 57  ASN A N   1 
ATOM   435  C  CA  . ASN A 1 57  ? 13.349  9.364   6.396   1.00 49.89 ? 57  ASN A CA  1 
ATOM   436  C  C   . ASN A 1 57  ? 12.971  10.251  7.575   1.00 50.25 ? 57  ASN A C   1 
ATOM   437  O  O   . ASN A 1 57  ? 13.621  11.263  7.821   1.00 52.22 ? 57  ASN A O   1 
ATOM   438  C  CB  . ASN A 1 57  ? 13.350  10.188  5.106   1.00 50.86 ? 57  ASN A CB  1 
ATOM   439  C  CG  . ASN A 1 57  ? 14.139  9.522   3.994   1.00 53.46 ? 57  ASN A CG  1 
ATOM   440  O  OD1 . ASN A 1 57  ? 15.293  9.138   4.183   1.00 55.24 ? 57  ASN A OD1 1 
ATOM   441  N  ND2 . ASN A 1 57  ? 13.522  9.385   2.826   1.00 55.81 ? 57  ASN A ND2 1 
ATOM   442  N  N   . LEU A 1 58  ? 11.925  9.881   8.304   1.00 50.39 ? 58  LEU A N   1 
ATOM   443  C  CA  . LEU A 1 58  ? 11.516  10.666  9.465   1.00 50.35 ? 58  LEU A CA  1 
ATOM   444  C  C   . LEU A 1 58  ? 12.584  10.500  10.542  1.00 50.43 ? 58  LEU A C   1 
ATOM   445  O  O   . LEU A 1 58  ? 12.874  9.384   10.977  1.00 49.37 ? 58  LEU A O   1 
ATOM   446  C  CB  . LEU A 1 58  ? 10.165  10.179  9.990   1.00 50.99 ? 58  LEU A CB  1 
ATOM   447  C  CG  . LEU A 1 58  ? 8.955   10.385  9.080   1.00 50.99 ? 58  LEU A CG  1 
ATOM   448  C  CD1 . LEU A 1 58  ? 7.771   9.592   9.614   1.00 51.08 ? 58  LEU A CD1 1 
ATOM   449  C  CD2 . LEU A 1 58  ? 8.626   11.867  8.992   1.00 50.24 ? 58  LEU A CD2 1 
ATOM   450  N  N   . ASP A 1 59  ? 13.164  11.613  10.971  1.00 50.39 ? 59  ASP A N   1 
ATOM   451  C  CA  . ASP A 1 59  ? 14.219  11.594  11.978  1.00 51.11 ? 59  ASP A CA  1 
ATOM   452  C  C   . ASP A 1 59  ? 13.836  10.933  13.296  1.00 49.83 ? 59  ASP A C   1 
ATOM   453  O  O   . ASP A 1 59  ? 14.655  10.237  13.902  1.00 49.90 ? 59  ASP A O   1 
ATOM   454  C  CB  . ASP A 1 59  ? 14.712  13.020  12.237  1.00 54.19 ? 59  ASP A CB  1 
ATOM   455  C  CG  . ASP A 1 59  ? 15.308  13.658  10.995  1.00 57.29 ? 59  ASP A CG  1 
ATOM   456  O  OD1 . ASP A 1 59  ? 16.284  13.092  10.454  1.00 59.28 ? 59  ASP A OD1 1 
ATOM   457  O  OD2 . ASP A 1 59  ? 14.801  14.717  10.556  1.00 58.66 ? 59  ASP A OD2 1 
ATOM   458  N  N   . SER A 1 60  ? 12.596  11.133  13.736  1.00 47.81 ? 60  SER A N   1 
ATOM   459  C  CA  . SER A 1 60  ? 12.141  10.558  15.000  1.00 46.40 ? 60  SER A CA  1 
ATOM   460  C  C   . SER A 1 60  ? 11.624  9.120   14.914  1.00 44.04 ? 60  SER A C   1 
ATOM   461  O  O   . SER A 1 60  ? 11.296  8.526   15.935  1.00 43.68 ? 60  SER A O   1 
ATOM   462  C  CB  . SER A 1 60  ? 11.061  11.450  15.625  1.00 47.50 ? 60  SER A CB  1 
ATOM   463  O  OG  . SER A 1 60  ? 9.937   11.573  14.770  1.00 51.33 ? 60  SER A OG  1 
ATOM   464  N  N   . CYS A 1 61  ? 11.561  8.558   13.708  1.00 43.33 ? 61  CYS A N   1 
ATOM   465  C  CA  . CYS A 1 61  ? 11.073  7.187   13.531  1.00 41.15 ? 61  CYS A CA  1 
ATOM   466  C  C   . CYS A 1 61  ? 12.115  6.228   12.958  1.00 40.05 ? 61  CYS A C   1 
ATOM   467  O  O   . CYS A 1 61  ? 12.821  6.550   12.004  1.00 38.71 ? 61  CYS A O   1 
ATOM   468  C  CB  . CYS A 1 61  ? 9.844   7.161   12.611  1.00 39.65 ? 61  CYS A CB  1 
ATOM   469  S  SG  . CYS A 1 61  ? 8.453   8.211   13.140  1.00 37.89 ? 61  CYS A SG  1 
ATOM   470  N  N   . LYS A 1 62  ? 12.186  5.040   13.546  1.00 39.92 ? 62  LYS A N   1 
ATOM   471  C  CA  . LYS A 1 62  ? 13.105  3.996   13.108  1.00 40.57 ? 62  LYS A CA  1 
ATOM   472  C  C   . LYS A 1 62  ? 12.343  2.691   13.340  1.00 39.27 ? 62  LYS A C   1 
ATOM   473  O  O   . LYS A 1 62  ? 12.055  2.335   14.478  1.00 38.74 ? 62  LYS A O   1 
ATOM   474  C  CB  . LYS A 1 62  ? 14.375  4.028   13.956  1.00 42.04 ? 62  LYS A CB  1 
ATOM   475  C  CG  . LYS A 1 62  ? 15.651  3.765   13.185  1.00 45.62 ? 62  LYS A CG  1 
ATOM   476  C  CD  . LYS A 1 62  ? 15.599  2.444   12.444  1.00 49.21 ? 62  LYS A CD  1 
ATOM   477  C  CE  . LYS A 1 62  ? 16.976  2.072   11.917  1.00 51.47 ? 62  LYS A CE  1 
ATOM   478  N  NZ  . LYS A 1 62  ? 17.946  1.937   13.045  1.00 51.50 ? 62  LYS A NZ  1 
ATOM   479  N  N   . PHE A 1 63  ? 12.012  1.979   12.269  1.00 38.00 ? 63  PHE A N   1 
ATOM   480  C  CA  . PHE A 1 63  ? 11.242  0.747   12.408  1.00 36.66 ? 63  PHE A CA  1 
ATOM   481  C  C   . PHE A 1 63  ? 12.044  -0.544  12.494  1.00 36.36 ? 63  PHE A C   1 
ATOM   482  O  O   . PHE A 1 63  ? 13.197  -0.610  12.061  1.00 35.57 ? 63  PHE A O   1 
ATOM   483  C  CB  . PHE A 1 63  ? 10.234  0.642   11.264  1.00 36.24 ? 63  PHE A CB  1 
ATOM   484  C  CG  . PHE A 1 63  ? 9.401   1.878   11.080  1.00 37.56 ? 63  PHE A CG  1 
ATOM   485  C  CD1 . PHE A 1 63  ? 9.745   2.826   10.121  1.00 38.68 ? 63  PHE A CD1 1 
ATOM   486  C  CD2 . PHE A 1 63  ? 8.285   2.104   11.878  1.00 37.04 ? 63  PHE A CD2 1 
ATOM   487  C  CE1 . PHE A 1 63  ? 8.986   3.984   9.957   1.00 39.69 ? 63  PHE A CE1 1 
ATOM   488  C  CE2 . PHE A 1 63  ? 7.519   3.259   11.724  1.00 37.08 ? 63  PHE A CE2 1 
ATOM   489  C  CZ  . PHE A 1 63  ? 7.869   4.199   10.763  1.00 39.52 ? 63  PHE A CZ  1 
ATOM   490  N  N   . LEU A 1 64  ? 11.413  -1.574  13.057  1.00 35.68 ? 64  LEU A N   1 
ATOM   491  C  CA  . LEU A 1 64  ? 12.050  -2.877  13.201  1.00 33.85 ? 64  LEU A CA  1 
ATOM   492  C  C   . LEU A 1 64  ? 12.617  -3.258  11.844  1.00 34.76 ? 64  LEU A C   1 
ATOM   493  O  O   . LEU A 1 64  ? 11.911  -3.202  10.829  1.00 32.34 ? 64  LEU A O   1 
ATOM   494  C  CB  . LEU A 1 64  ? 11.035  -3.923  13.658  1.00 34.04 ? 64  LEU A CB  1 
ATOM   495  C  CG  . LEU A 1 64  ? 11.611  -5.309  13.961  1.00 33.51 ? 64  LEU A CG  1 
ATOM   496  C  CD1 . LEU A 1 64  ? 12.653  -5.203  15.088  1.00 32.53 ? 64  LEU A CD1 1 
ATOM   497  C  CD2 . LEU A 1 64  ? 10.480  -6.252  14.352  1.00 30.68 ? 64  LEU A CD2 1 
ATOM   498  N  N   . VAL A 1 65  ? 13.892  -3.646  11.845  1.00 34.58 ? 65  VAL A N   1 
ATOM   499  C  CA  . VAL A 1 65  ? 14.620  -4.005  10.635  1.00 34.57 ? 65  VAL A CA  1 
ATOM   500  C  C   . VAL A 1 65  ? 14.385  -2.995  9.518   1.00 35.38 ? 65  VAL A C   1 
ATOM   501  O  O   . VAL A 1 65  ? 14.387  -3.345  8.335   1.00 35.27 ? 65  VAL A O   1 
ATOM   502  C  CB  . VAL A 1 65  ? 14.280  -5.442  10.131  1.00 34.71 ? 65  VAL A CB  1 
ATOM   503  C  CG1 . VAL A 1 65  ? 14.726  -6.462  11.165  1.00 33.89 ? 65  VAL A CG1 1 
ATOM   504  C  CG2 . VAL A 1 65  ? 12.793  -5.580  9.825   1.00 34.21 ? 65  VAL A CG2 1 
ATOM   505  N  N   . ASP A 1 66  ? 14.190  -1.738  9.909   1.00 36.15 ? 66  ASP A N   1 
ATOM   506  C  CA  . ASP A 1 66  ? 13.977  -0.649  8.954   1.00 38.09 ? 66  ASP A CA  1 
ATOM   507  C  C   . ASP A 1 66  ? 12.832  -0.865  7.986   1.00 36.45 ? 66  ASP A C   1 
ATOM   508  O  O   . ASP A 1 66  ? 12.861  -0.349  6.867   1.00 37.48 ? 66  ASP A O   1 
ATOM   509  C  CB  . ASP A 1 66  ? 15.252  -0.405  8.146   1.00 40.17 ? 66  ASP A CB  1 
ATOM   510  C  CG  . ASP A 1 66  ? 16.120  0.662   8.750   1.00 43.97 ? 66  ASP A CG  1 
ATOM   511  O  OD1 . ASP A 1 66  ? 15.748  1.851   8.640   1.00 46.25 ? 66  ASP A OD1 1 
ATOM   512  O  OD2 . ASP A 1 66  ? 17.164  0.314   9.343   1.00 46.29 ? 66  ASP A OD2 1 
ATOM   513  N  N   . ASN A 1 67  ? 11.823  -1.616  8.409   1.00 34.79 ? 67  ASN A N   1 
ATOM   514  C  CA  . ASN A 1 67  ? 10.693  -1.879  7.535   1.00 35.06 ? 67  ASN A CA  1 
ATOM   515  C  C   . ASN A 1 67  ? 9.372   -1.348  8.082   1.00 33.32 ? 67  ASN A C   1 
ATOM   516  O  O   . ASN A 1 67  ? 8.813   -1.894  9.036   1.00 33.74 ? 67  ASN A O   1 
ATOM   517  C  CB  . ASN A 1 67  ? 10.588  -3.380  7.258   1.00 35.26 ? 67  ASN A CB  1 
ATOM   518  C  CG  . ASN A 1 67  ? 9.520   -3.711  6.236   1.00 37.20 ? 67  ASN A CG  1 
ATOM   519  O  OD1 . ASN A 1 67  ? 8.990   -2.824  5.557   1.00 35.91 ? 67  ASN A OD1 1 
ATOM   520  N  ND2 . ASN A 1 67  ? 9.202   -4.998  6.111   1.00 37.55 ? 67  ASN A ND2 1 
ATOM   521  N  N   . PRO A 1 68  ? 8.859   -0.267  7.474   1.00 32.70 ? 68  PRO A N   1 
ATOM   522  C  CA  . PRO A 1 68  ? 7.601   0.382   7.856   1.00 31.80 ? 68  PRO A CA  1 
ATOM   523  C  C   . PRO A 1 68  ? 6.446   -0.610  7.885   1.00 31.02 ? 68  PRO A C   1 
ATOM   524  O  O   . PRO A 1 68  ? 5.465   -0.413  8.604   1.00 31.07 ? 68  PRO A O   1 
ATOM   525  C  CB  . PRO A 1 68  ? 7.415   1.440   6.771   1.00 31.21 ? 68  PRO A CB  1 
ATOM   526  C  CG  . PRO A 1 68  ? 8.818   1.810   6.433   1.00 32.01 ? 68  PRO A CG  1 
ATOM   527  C  CD  . PRO A 1 68  ? 9.496   0.458   6.360   1.00 31.88 ? 68  PRO A CD  1 
ATOM   528  N  N   . TYR A 1 69  ? 6.565   -1.672  7.094   1.00 29.76 ? 69  TYR A N   1 
ATOM   529  C  CA  . TYR A 1 69  ? 5.529   -2.692  7.040   1.00 29.66 ? 69  TYR A CA  1 
ATOM   530  C  C   . TYR A 1 69  ? 5.395   -3.468  8.341   1.00 29.33 ? 69  TYR A C   1 
ATOM   531  O  O   . TYR A 1 69  ? 4.401   -4.171  8.540   1.00 29.67 ? 69  TYR A O   1 
ATOM   532  C  CB  . TYR A 1 69  ? 5.792   -3.672  5.891   1.00 29.63 ? 69  TYR A CB  1 
ATOM   533  C  CG  . TYR A 1 69  ? 5.144   -3.268  4.585   1.00 30.23 ? 69  TYR A CG  1 
ATOM   534  C  CD1 . TYR A 1 69  ? 3.766   -3.040  4.512   1.00 29.56 ? 69  TYR A CD1 1 
ATOM   535  C  CD2 . TYR A 1 69  ? 5.902   -3.116  3.421   1.00 28.76 ? 69  TYR A CD2 1 
ATOM   536  C  CE1 . TYR A 1 69  ? 3.161   -2.670  3.315   1.00 31.25 ? 69  TYR A CE1 1 
ATOM   537  C  CE2 . TYR A 1 69  ? 5.307   -2.746  2.220   1.00 29.83 ? 69  TYR A CE2 1 
ATOM   538  C  CZ  . TYR A 1 69  ? 3.936   -2.526  2.172   1.00 31.60 ? 69  TYR A CZ  1 
ATOM   539  O  OH  . TYR A 1 69  ? 3.341   -2.179  0.979   1.00 31.99 ? 69  TYR A OH  1 
ATOM   540  N  N   . THR A 1 70  ? 6.386   -3.354  9.222   1.00 28.42 ? 70  THR A N   1 
ATOM   541  C  CA  . THR A 1 70  ? 6.328   -4.059  10.502  1.00 29.33 ? 70  THR A CA  1 
ATOM   542  C  C   . THR A 1 70  ? 5.556   -3.239  11.524  1.00 28.19 ? 70  THR A C   1 
ATOM   543  O  O   . THR A 1 70  ? 5.083   -3.772  12.523  1.00 29.74 ? 70  THR A O   1 
ATOM   544  C  CB  . THR A 1 70  ? 7.734   -4.328  11.098  1.00 30.55 ? 70  THR A CB  1 
ATOM   545  O  OG1 . THR A 1 70  ? 8.377   -3.078  11.389  1.00 31.22 ? 70  THR A OG1 1 
ATOM   546  C  CG2 . THR A 1 70  ? 8.589   -5.138  10.128  1.00 29.44 ? 70  THR A CG2 1 
ATOM   547  N  N   . GLU A 1 71  ? 5.426   -1.942  11.268  1.00 27.63 ? 71  GLU A N   1 
ATOM   548  C  CA  . GLU A 1 71  ? 4.728   -1.052  12.192  1.00 28.34 ? 71  GLU A CA  1 
ATOM   549  C  C   . GLU A 1 71  ? 3.218   -1.244  12.207  1.00 28.40 ? 71  GLU A C   1 
ATOM   550  O  O   . GLU A 1 71  ? 2.522   -0.869  11.262  1.00 28.17 ? 71  GLU A O   1 
ATOM   551  C  CB  . GLU A 1 71  ? 5.052   0.404   11.855  1.00 28.18 ? 71  GLU A CB  1 
ATOM   552  C  CG  . GLU A 1 71  ? 4.384   1.422   12.757  1.00 28.32 ? 71  GLU A CG  1 
ATOM   553  C  CD  . GLU A 1 71  ? 4.818   1.305   14.206  1.00 29.53 ? 71  GLU A CD  1 
ATOM   554  O  OE1 . GLU A 1 71  ? 4.438   0.317   14.877  1.00 29.23 ? 71  GLU A OE1 1 
ATOM   555  O  OE2 . GLU A 1 71  ? 5.542   2.214   14.673  1.00 30.63 ? 71  GLU A OE2 1 
ATOM   556  N  N   . SER A 1 72  ? 2.710   -1.822  13.290  1.00 27.51 ? 72  SER A N   1 
ATOM   557  C  CA  . SER A 1 72  ? 1.277   -2.034  13.417  1.00 28.19 ? 72  SER A CA  1 
ATOM   558  C  C   . SER A 1 72  ? 0.642   -0.779  13.995  1.00 28.22 ? 72  SER A C   1 
ATOM   559  O  O   . SER A 1 72  ? 1.211   -0.130  14.873  1.00 27.51 ? 72  SER A O   1 
ATOM   560  C  CB  . SER A 1 72  ? 0.979   -3.226  14.335  1.00 29.47 ? 72  SER A CB  1 
ATOM   561  O  OG  . SER A 1 72  ? 1.516   -4.429  13.807  1.00 32.94 ? 72  SER A OG  1 
ATOM   562  N  N   . TYR A 1 73  ? -0.543  -0.449  13.494  1.00 28.77 ? 73  TYR A N   1 
ATOM   563  C  CA  . TYR A 1 73  ? -1.276  0.719   13.954  1.00 30.31 ? 73  TYR A CA  1 
ATOM   564  C  C   . TYR A 1 73  ? -2.700  0.297   14.282  1.00 31.35 ? 73  TYR A C   1 
ATOM   565  O  O   . TYR A 1 73  ? -3.015  -0.892  14.306  1.00 30.43 ? 73  TYR A O   1 
ATOM   566  C  CB  . TYR A 1 73  ? -1.292  1.800   12.864  1.00 27.65 ? 73  TYR A CB  1 
ATOM   567  C  CG  . TYR A 1 73  ? -1.658  1.279   11.487  1.00 27.73 ? 73  TYR A CG  1 
ATOM   568  C  CD1 . TYR A 1 73  ? -2.938  0.790   11.218  1.00 28.00 ? 73  TYR A CD1 1 
ATOM   569  C  CD2 . TYR A 1 73  ? -0.712  1.246   10.461  1.00 27.19 ? 73  TYR A CD2 1 
ATOM   570  C  CE1 . TYR A 1 73  ? -3.264  0.277   9.961   1.00 27.04 ? 73  TYR A CE1 1 
ATOM   571  C  CE2 . TYR A 1 73  ? -1.031  0.736   9.201   1.00 26.79 ? 73  TYR A CE2 1 
ATOM   572  C  CZ  . TYR A 1 73  ? -2.306  0.252   8.958   1.00 28.33 ? 73  TYR A CZ  1 
ATOM   573  O  OH  . TYR A 1 73  ? -2.619  -0.263  7.716   1.00 25.07 ? 73  TYR A OH  1 
ATOM   574  N  N   . SER A 1 74  ? -3.553  1.279   14.532  1.00 31.30 ? 74  SER A N   1 
ATOM   575  C  CA  . SER A 1 74  ? -4.947  1.014   14.839  1.00 33.79 ? 74  SER A CA  1 
ATOM   576  C  C   . SER A 1 74  ? -5.798  1.777   13.845  1.00 34.69 ? 74  SER A C   1 
ATOM   577  O  O   . SER A 1 74  ? -5.490  2.916   13.501  1.00 35.06 ? 74  SER A O   1 
ATOM   578  C  CB  . SER A 1 74  ? -5.278  1.469   16.260  1.00 35.01 ? 74  SER A CB  1 
ATOM   579  O  OG  . SER A 1 74  ? -6.678  1.473   16.470  1.00 38.90 ? 74  SER A OG  1 
ATOM   580  N  N   . TYR A 1 75  ? -6.863  1.146   13.371  1.00 35.32 ? 75  TYR A N   1 
ATOM   581  C  CA  . TYR A 1 75  ? -7.751  1.790   12.423  1.00 36.27 ? 75  TYR A CA  1 
ATOM   582  C  C   . TYR A 1 75  ? -9.075  1.054   12.460  1.00 37.64 ? 75  TYR A C   1 
ATOM   583  O  O   . TYR A 1 75  ? -9.155  -0.059  12.974  1.00 37.80 ? 75  TYR A O   1 
ATOM   584  C  CB  . TYR A 1 75  ? -7.163  1.725   11.013  1.00 36.03 ? 75  TYR A CB  1 
ATOM   585  C  CG  . TYR A 1 75  ? -7.462  0.429   10.308  1.00 36.76 ? 75  TYR A CG  1 
ATOM   586  C  CD1 . TYR A 1 75  ? -8.534  0.330   9.422   1.00 36.79 ? 75  TYR A CD1 1 
ATOM   587  C  CD2 . TYR A 1 75  ? -6.711  -0.715  10.570  1.00 37.04 ? 75  TYR A CD2 1 
ATOM   588  C  CE1 . TYR A 1 75  ? -8.852  -0.881  8.820   1.00 39.16 ? 75  TYR A CE1 1 
ATOM   589  C  CE2 . TYR A 1 75  ? -7.020  -1.926  9.973   1.00 37.59 ? 75  TYR A CE2 1 
ATOM   590  C  CZ  . TYR A 1 75  ? -8.090  -2.002  9.103   1.00 38.46 ? 75  TYR A CZ  1 
ATOM   591  O  OH  . TYR A 1 75  ? -8.404  -3.204  8.522   1.00 42.38 ? 75  TYR A OH  1 
ATOM   592  N  N   . SER A 1 76  ? -10.106 1.675   11.909  1.00 38.97 ? 76  SER A N   1 
ATOM   593  C  CA  . SER A 1 76  ? -11.423 1.069   11.882  1.00 42.02 ? 76  SER A CA  1 
ATOM   594  C  C   . SER A 1 76  ? -12.007 1.136   10.474  1.00 43.77 ? 76  SER A C   1 
ATOM   595  O  O   . SER A 1 76  ? -11.629 1.986   9.663   1.00 43.34 ? 76  SER A O   1 
ATOM   596  C  CB  . SER A 1 76  ? -12.349 1.785   12.863  1.00 41.48 ? 76  SER A CB  1 
ATOM   597  O  OG  . SER A 1 76  ? -12.473 3.148   12.508  1.00 44.70 ? 76  SER A OG  1 
ATOM   598  N  N   . CYS A 1 77  ? -12.929 0.223   10.197  1.00 46.05 ? 77  CYS A N   1 
ATOM   599  C  CA  . CYS A 1 77  ? -13.582 0.148   8.904   1.00 48.67 ? 77  CYS A CA  1 
ATOM   600  C  C   . CYS A 1 77  ? -15.096 0.176   9.069   1.00 50.07 ? 77  CYS A C   1 
ATOM   601  O  O   . CYS A 1 77  ? -15.650 -0.539  9.903   1.00 50.81 ? 77  CYS A O   1 
ATOM   602  C  CB  . CYS A 1 77  ? -13.176 -1.140  8.198   1.00 48.58 ? 77  CYS A CB  1 
ATOM   603  S  SG  . CYS A 1 77  ? -14.091 -1.425  6.657   1.00 51.59 ? 77  CYS A SG  1 
ATOM   604  N  N   . SER A 1 78  ? -15.765 1.004   8.278   1.00 51.88 ? 78  SER A N   1 
ATOM   605  C  CA  . SER A 1 78  ? -17.218 1.096   8.344   1.00 54.58 ? 78  SER A CA  1 
ATOM   606  C  C   . SER A 1 78  ? -17.781 1.518   6.996   1.00 56.09 ? 78  SER A C   1 
ATOM   607  O  O   . SER A 1 78  ? -17.555 2.642   6.548   1.00 57.29 ? 78  SER A O   1 
ATOM   608  C  CB  . SER A 1 78  ? -17.639 2.103   9.413   1.00 53.90 ? 78  SER A CB  1 
ATOM   609  O  OG  . SER A 1 78  ? -17.196 3.403   9.075   1.00 55.31 ? 78  SER A OG  1 
ATOM   610  N  N   . ASN A 1 79  ? -18.507 0.611   6.351   1.00 57.53 ? 79  ASN A N   1 
ATOM   611  C  CA  . ASN A 1 79  ? -19.107 0.896   5.050   1.00 58.73 ? 79  ASN A CA  1 
ATOM   612  C  C   . ASN A 1 79  ? -18.035 1.261   4.027   1.00 58.37 ? 79  ASN A C   1 
ATOM   613  O  O   . ASN A 1 79  ? -18.151 2.273   3.333   1.00 58.60 ? 79  ASN A O   1 
ATOM   614  C  CB  . ASN A 1 79  ? -20.103 2.054   5.170   1.00 60.80 ? 79  ASN A CB  1 
ATOM   615  C  CG  . ASN A 1 79  ? -21.058 1.882   6.331   1.00 62.49 ? 79  ASN A CG  1 
ATOM   616  O  OD1 . ASN A 1 79  ? -21.711 0.847   6.464   1.00 63.63 ? 79  ASN A OD1 1 
ATOM   617  N  ND2 . ASN A 1 79  ? -21.149 2.902   7.180   1.00 63.57 ? 79  ASN A ND2 1 
ATOM   618  N  N   . THR A 1 80  ? -16.997 0.431   3.947   1.00 57.12 ? 80  THR A N   1 
ATOM   619  C  CA  . THR A 1 80  ? -15.877 0.639   3.028   1.00 55.45 ? 80  THR A CA  1 
ATOM   620  C  C   . THR A 1 80  ? -15.151 1.954   3.300   1.00 54.41 ? 80  THR A C   1 
ATOM   621  O  O   . THR A 1 80  ? -14.396 2.441   2.457   1.00 54.71 ? 80  THR A O   1 
ATOM   622  C  CB  . THR A 1 80  ? -16.330 0.628   1.545   1.00 55.26 ? 80  THR A CB  1 
ATOM   623  O  OG1 . THR A 1 80  ? -17.036 1.838   1.242   1.00 54.80 ? 80  THR A OG1 1 
ATOM   624  C  CG2 . THR A 1 80  ? -17.236 -0.566  1.273   1.00 54.54 ? 80  THR A CG2 1 
ATOM   625  N  N   . GLU A 1 81  ? -15.383 2.520   4.482   1.00 52.81 ? 81  GLU A N   1 
ATOM   626  C  CA  . GLU A 1 81  ? -14.751 3.774   4.884   1.00 51.38 ? 81  GLU A CA  1 
ATOM   627  C  C   . GLU A 1 81  ? -13.654 3.484   5.917   1.00 48.62 ? 81  GLU A C   1 
ATOM   628  O  O   . GLU A 1 81  ? -13.908 2.857   6.949   1.00 47.96 ? 81  GLU A O   1 
ATOM   629  C  CB  . GLU A 1 81  ? -15.797 4.715   5.483   1.00 54.21 ? 81  GLU A CB  1 
ATOM   630  C  CG  . GLU A 1 81  ? -15.334 6.150   5.627   1.00 59.65 ? 81  GLU A CG  1 
ATOM   631  C  CD  . GLU A 1 81  ? -16.354 7.011   6.349   1.00 63.75 ? 81  GLU A CD  1 
ATOM   632  O  OE1 . GLU A 1 81  ? -17.548 6.971   5.968   1.00 65.25 ? 81  GLU A OE1 1 
ATOM   633  O  OE2 . GLU A 1 81  ? -15.962 7.731   7.296   1.00 65.08 ? 81  GLU A OE2 1 
ATOM   634  N  N   . ILE A 1 82  ? -12.442 3.955   5.636   1.00 45.47 ? 82  ILE A N   1 
ATOM   635  C  CA  . ILE A 1 82  ? -11.294 3.728   6.515   1.00 42.47 ? 82  ILE A CA  1 
ATOM   636  C  C   . ILE A 1 82  ? -10.940 4.933   7.382   1.00 40.62 ? 82  ILE A C   1 
ATOM   637  O  O   . ILE A 1 82  ? -10.870 6.057   6.899   1.00 40.65 ? 82  ILE A O   1 
ATOM   638  C  CB  . ILE A 1 82  ? -10.054 3.352   5.681   1.00 41.90 ? 82  ILE A CB  1 
ATOM   639  C  CG1 . ILE A 1 82  ? -10.366 2.116   4.833   1.00 40.88 ? 82  ILE A CG1 1 
ATOM   640  C  CG2 . ILE A 1 82  ? -8.853  3.118   6.595   1.00 39.45 ? 82  ILE A CG2 1 
ATOM   641  C  CD1 . ILE A 1 82  ? -9.309  1.795   3.806   1.00 41.04 ? 82  ILE A CD1 1 
ATOM   642  N  N   . THR A 1 83  ? -10.700 4.686   8.666   1.00 39.73 ? 83  THR A N   1 
ATOM   643  C  CA  . THR A 1 83  ? -10.346 5.758   9.586   1.00 38.00 ? 83  THR A CA  1 
ATOM   644  C  C   . THR A 1 83  ? -9.174  5.369   10.486  1.00 36.89 ? 83  THR A C   1 
ATOM   645  O  O   . THR A 1 83  ? -9.252  4.392   11.235  1.00 36.77 ? 83  THR A O   1 
ATOM   646  C  CB  . THR A 1 83  ? -11.540 6.135   10.488  1.00 38.49 ? 83  THR A CB  1 
ATOM   647  O  OG1 . THR A 1 83  ? -12.708 6.343   9.679   1.00 37.64 ? 83  THR A OG1 1 
ATOM   648  C  CG2 . THR A 1 83  ? -11.235 7.412   11.261  1.00 39.26 ? 83  THR A CG2 1 
ATOM   649  N  N   . CYS A 1 84  ? -8.089  6.133   10.411  1.00 35.75 ? 84  CYS A N   1 
ATOM   650  C  CA  . CYS A 1 84  ? -6.922  5.869   11.244  1.00 34.76 ? 84  CYS A CA  1 
ATOM   651  C  C   . CYS A 1 84  ? -7.178  6.428   12.633  1.00 34.47 ? 84  CYS A C   1 
ATOM   652  O  O   . CYS A 1 84  ? -7.693  7.533   12.782  1.00 35.57 ? 84  CYS A O   1 
ATOM   653  C  CB  . CYS A 1 84  ? -5.671  6.505   10.635  1.00 33.03 ? 84  CYS A CB  1 
ATOM   654  S  SG  . CYS A 1 84  ? -5.116  5.616   9.149   1.00 35.23 ? 84  CYS A SG  1 
ATOM   655  N  N   . ASN A 1 85  ? -6.819  5.655   13.650  1.00 33.20 ? 85  ASN A N   1 
ATOM   656  C  CA  . ASN A 1 85  ? -7.030  6.070   15.027  1.00 31.98 ? 85  ASN A CA  1 
ATOM   657  C  C   . ASN A 1 85  ? -6.103  7.228   15.405  1.00 32.62 ? 85  ASN A C   1 
ATOM   658  O  O   . ASN A 1 85  ? -4.899  7.184   15.145  1.00 32.24 ? 85  ASN A O   1 
ATOM   659  C  CB  . ASN A 1 85  ? -6.791  4.882   15.958  1.00 31.82 ? 85  ASN A CB  1 
ATOM   660  C  CG  . ASN A 1 85  ? -7.351  5.107   17.343  1.00 31.38 ? 85  ASN A CG  1 
ATOM   661  O  OD1 . ASN A 1 85  ? -7.041  6.102   17.995  1.00 31.19 ? 85  ASN A OD1 1 
ATOM   662  N  ND2 . ASN A 1 85  ? -8.180  4.172   17.806  1.00 31.93 ? 85  ASN A ND2 1 
ATOM   663  N  N   . SER A 1 86  ? -6.667  8.262   16.023  1.00 32.15 ? 86  SER A N   1 
ATOM   664  C  CA  . SER A 1 86  ? -5.872  9.414   16.434  1.00 33.44 ? 86  SER A CA  1 
ATOM   665  C  C   . SER A 1 86  ? -4.886  9.023   17.532  1.00 32.99 ? 86  SER A C   1 
ATOM   666  O  O   . SER A 1 86  ? -3.923  9.743   17.794  1.00 33.18 ? 86  SER A O   1 
ATOM   667  C  CB  . SER A 1 86  ? -6.780  10.540  16.942  1.00 33.98 ? 86  SER A CB  1 
ATOM   668  O  OG  . SER A 1 86  ? -7.510  10.127  18.090  1.00 36.60 ? 86  SER A OG  1 
ATOM   669  N  N   . LYS A 1 87  ? -5.130  7.881   18.170  1.00 32.63 ? 87  LYS A N   1 
ATOM   670  C  CA  . LYS A 1 87  ? -4.265  7.405   19.247  1.00 32.79 ? 87  LYS A CA  1 
ATOM   671  C  C   . LYS A 1 87  ? -2.973  6.792   18.718  1.00 31.02 ? 87  LYS A C   1 
ATOM   672  O  O   . LYS A 1 87  ? -2.072  6.469   19.494  1.00 30.87 ? 87  LYS A O   1 
ATOM   673  C  CB  . LYS A 1 87  ? -4.991  6.365   20.104  1.00 35.51 ? 87  LYS A CB  1 
ATOM   674  C  CG  . LYS A 1 87  ? -6.276  6.844   20.764  1.00 37.82 ? 87  LYS A CG  1 
ATOM   675  C  CD  . LYS A 1 87  ? -6.018  7.748   21.948  1.00 37.93 ? 87  LYS A CD  1 
ATOM   676  C  CE  . LYS A 1 87  ? -7.319  8.034   22.692  1.00 37.64 ? 87  LYS A CE  1 
ATOM   677  N  NZ  . LYS A 1 87  ? -7.162  9.146   23.672  1.00 39.29 ? 87  LYS A NZ  1 
ATOM   678  N  N   . ASN A 1 88  ? -2.891  6.604   17.406  1.00 29.93 ? 88  ASN A N   1 
ATOM   679  C  CA  . ASN A 1 88  ? -1.680  6.050   16.804  1.00 28.65 ? 88  ASN A CA  1 
ATOM   680  C  C   . ASN A 1 88  ? -0.553  7.031   17.086  1.00 27.96 ? 88  ASN A C   1 
ATOM   681  O  O   . ASN A 1 88  ? -0.783  8.237   17.103  1.00 26.68 ? 88  ASN A O   1 
ATOM   682  C  CB  . ASN A 1 88  ? -1.830  5.909   15.282  1.00 28.50 ? 88  ASN A CB  1 
ATOM   683  C  CG  . ASN A 1 88  ? -2.742  4.763   14.879  1.00 29.56 ? 88  ASN A CG  1 
ATOM   684  O  OD1 . ASN A 1 88  ? -2.869  3.770   15.600  1.00 30.25 ? 88  ASN A OD1 1 
ATOM   685  N  ND2 . ASN A 1 88  ? -3.361  4.883   13.704  1.00 27.56 ? 88  ASN A ND2 1 
ATOM   686  N  N   . ASN A 1 89  ? 0.659   6.536   17.326  1.00 28.15 ? 89  ASN A N   1 
ATOM   687  C  CA  . ASN A 1 89  ? 1.760   7.460   17.560  1.00 27.32 ? 89  ASN A CA  1 
ATOM   688  C  C   . ASN A 1 89  ? 2.155   8.045   16.203  1.00 27.05 ? 89  ASN A C   1 
ATOM   689  O  O   . ASN A 1 89  ? 1.753   7.519   15.157  1.00 25.45 ? 89  ASN A O   1 
ATOM   690  C  CB  . ASN A 1 89  ? 2.948   6.768   18.259  1.00 27.97 ? 89  ASN A CB  1 
ATOM   691  C  CG  . ASN A 1 89  ? 3.599   5.679   17.421  1.00 29.64 ? 89  ASN A CG  1 
ATOM   692  O  OD1 . ASN A 1 89  ? 3.693   4.529   17.857  1.00 33.57 ? 89  ASN A OD1 1 
ATOM   693  N  ND2 . ASN A 1 89  ? 4.074   6.036   16.232  1.00 28.79 ? 89  ASN A ND2 1 
ATOM   694  N  N   . ALA A 1 90  ? 2.930   9.127   16.221  1.00 26.52 ? 90  ALA A N   1 
ATOM   695  C  CA  . ALA A 1 90  ? 3.340   9.809   14.992  1.00 28.82 ? 90  ALA A CA  1 
ATOM   696  C  C   . ALA A 1 90  ? 3.818   8.886   13.876  1.00 28.42 ? 90  ALA A C   1 
ATOM   697  O  O   . ALA A 1 90  ? 3.393   9.022   12.729  1.00 28.02 ? 90  ALA A O   1 
ATOM   698  C  CB  . ALA A 1 90  ? 4.416   10.859  15.303  1.00 28.90 ? 90  ALA A CB  1 
ATOM   699  N  N   . CYS A 1 91  ? 4.698   7.947   14.205  1.00 28.45 ? 91  CYS A N   1 
ATOM   700  C  CA  . CYS A 1 91  ? 5.209   7.030   13.196  1.00 29.21 ? 91  CYS A CA  1 
ATOM   701  C  C   . CYS A 1 91  ? 4.083   6.157   12.654  1.00 29.29 ? 91  CYS A C   1 
ATOM   702  O  O   . CYS A 1 91  ? 3.955   5.979   11.442  1.00 29.28 ? 91  CYS A O   1 
ATOM   703  C  CB  . CYS A 1 91  ? 6.323   6.169   13.793  1.00 30.28 ? 91  CYS A CB  1 
ATOM   704  S  SG  . CYS A 1 91  ? 7.584   7.167   14.649  1.00 34.85 ? 91  CYS A SG  1 
ATOM   705  N  N   . GLU A 1 92  ? 3.265   5.621   13.557  1.00 28.56 ? 92  GLU A N   1 
ATOM   706  C  CA  . GLU A 1 92  ? 2.137   4.772   13.179  1.00 28.37 ? 92  GLU A CA  1 
ATOM   707  C  C   . GLU A 1 92  ? 1.075   5.543   12.378  1.00 28.93 ? 92  GLU A C   1 
ATOM   708  O  O   . GLU A 1 92  ? 0.471   5.000   11.449  1.00 28.19 ? 92  GLU A O   1 
ATOM   709  C  CB  . GLU A 1 92  ? 1.497   4.172   14.436  1.00 28.26 ? 92  GLU A CB  1 
ATOM   710  C  CG  . GLU A 1 92  ? 2.388   3.188   15.193  1.00 27.24 ? 92  GLU A CG  1 
ATOM   711  C  CD  . GLU A 1 92  ? 1.860   2.866   16.577  1.00 28.01 ? 92  GLU A CD  1 
ATOM   712  O  OE1 . GLU A 1 92  ? 2.354   1.902   17.199  1.00 29.85 ? 92  GLU A OE1 1 
ATOM   713  O  OE2 . GLU A 1 92  ? 0.958   3.585   17.054  1.00 29.14 ? 92  GLU A OE2 1 
ATOM   714  N  N   . ALA A 1 93  ? 0.848   6.803   12.743  1.00 29.01 ? 93  ALA A N   1 
ATOM   715  C  CA  . ALA A 1 93  ? -0.137  7.632   12.052  1.00 29.01 ? 93  ALA A CA  1 
ATOM   716  C  C   . ALA A 1 93  ? 0.330   7.906   10.626  1.00 29.26 ? 93  ALA A C   1 
ATOM   717  O  O   . ALA A 1 93  ? -0.466  7.923   9.684   1.00 29.21 ? 93  ALA A O   1 
ATOM   718  C  CB  . ALA A 1 93  ? -0.336  8.946   12.800  1.00 28.93 ? 93  ALA A CB  1 
ATOM   719  N  N   . PHE A 1 94  ? 1.628   8.121   10.470  1.00 29.41 ? 94  PHE A N   1 
ATOM   720  C  CA  . PHE A 1 94  ? 2.187   8.376   9.154   1.00 29.76 ? 94  PHE A CA  1 
ATOM   721  C  C   . PHE A 1 94  ? 1.995   7.121   8.295   1.00 29.15 ? 94  PHE A C   1 
ATOM   722  O  O   . PHE A 1 94  ? 1.565   7.210   7.143   1.00 28.15 ? 94  PHE A O   1 
ATOM   723  C  CB  . PHE A 1 94  ? 3.673   8.736   9.276   1.00 31.58 ? 94  PHE A CB  1 
ATOM   724  C  CG  . PHE A 1 94  ? 4.288   9.231   7.993   1.00 33.64 ? 94  PHE A CG  1 
ATOM   725  C  CD1 . PHE A 1 94  ? 4.556   8.352   6.947   1.00 33.63 ? 94  PHE A CD1 1 
ATOM   726  C  CD2 . PHE A 1 94  ? 4.567   10.585  7.819   1.00 35.42 ? 94  PHE A CD2 1 
ATOM   727  C  CE1 . PHE A 1 94  ? 5.090   8.816   5.744   1.00 35.36 ? 94  PHE A CE1 1 
ATOM   728  C  CE2 . PHE A 1 94  ? 5.100   11.057  6.617   1.00 35.01 ? 94  PHE A CE2 1 
ATOM   729  C  CZ  . PHE A 1 94  ? 5.361   10.169  5.579   1.00 34.27 ? 94  PHE A CZ  1 
ATOM   730  N  N   . ILE A 1 95  ? 2.296   5.952   8.859   1.00 28.60 ? 95  ILE A N   1 
ATOM   731  C  CA  . ILE A 1 95  ? 2.142   4.710   8.111   1.00 28.56 ? 95  ILE A CA  1 
ATOM   732  C  C   . ILE A 1 95  ? 0.670   4.404   7.835   1.00 29.87 ? 95  ILE A C   1 
ATOM   733  O  O   . ILE A 1 95  ? 0.307   4.022   6.722   1.00 29.00 ? 95  ILE A O   1 
ATOM   734  C  CB  . ILE A 1 95  ? 2.774   3.508   8.852   1.00 29.55 ? 95  ILE A CB  1 
ATOM   735  C  CG1 . ILE A 1 95  ? 4.288   3.701   8.962   1.00 29.66 ? 95  ILE A CG1 1 
ATOM   736  C  CG2 . ILE A 1 95  ? 2.474   2.208   8.096   1.00 26.41 ? 95  ILE A CG2 1 
ATOM   737  C  CD1 . ILE A 1 95  ? 4.987   3.852   7.626   1.00 30.82 ? 95  ILE A CD1 1 
ATOM   738  N  N   . CYS A 1 96  ? -0.177  4.574   8.846   1.00 29.95 ? 96  CYS A N   1 
ATOM   739  C  CA  . CYS A 1 96  ? -1.605  4.317   8.676   1.00 31.06 ? 96  CYS A CA  1 
ATOM   740  C  C   . CYS A 1 96  ? -2.173  5.220   7.580   1.00 30.91 ? 96  CYS A C   1 
ATOM   741  O  O   . CYS A 1 96  ? -3.045  4.818   6.813   1.00 31.11 ? 96  CYS A O   1 
ATOM   742  C  CB  . CYS A 1 96  ? -2.365  4.574   9.982   1.00 31.55 ? 96  CYS A CB  1 
ATOM   743  S  SG  . CYS A 1 96  ? -4.099  4.023   9.903   1.00 30.35 ? 96  CYS A SG  1 
ATOM   744  N  N   . ASN A 1 97  ? -1.671  6.445   7.515   1.00 30.49 ? 97  ASN A N   1 
ATOM   745  C  CA  . ASN A 1 97  ? -2.128  7.402   6.518   1.00 31.77 ? 97  ASN A CA  1 
ATOM   746  C  C   . ASN A 1 97  ? -1.712  6.963   5.108   1.00 29.34 ? 97  ASN A C   1 
ATOM   747  O  O   . ASN A 1 97  ? -2.490  7.079   4.160   1.00 26.97 ? 97  ASN A O   1 
ATOM   748  C  CB  . ASN A 1 97  ? -1.555  8.785   6.833   1.00 36.67 ? 97  ASN A CB  1 
ATOM   749  C  CG  . ASN A 1 97  ? -2.140  9.871   5.957   1.00 42.08 ? 97  ASN A CG  1 
ATOM   750  O  OD1 . ASN A 1 97  ? -3.325  10.192  6.052   1.00 44.39 ? 97  ASN A OD1 1 
ATOM   751  N  ND2 . ASN A 1 97  ? -1.310  10.442  5.089   1.00 44.82 ? 97  ASN A ND2 1 
ATOM   752  N  N   . CYS A 1 98  ? -0.485  6.464   4.965   1.00 28.23 ? 98  CYS A N   1 
ATOM   753  C  CA  . CYS A 1 98  ? -0.027  6.013   3.655   1.00 28.54 ? 98  CYS A CA  1 
ATOM   754  C  C   . CYS A 1 98  ? -0.934  4.882   3.174   1.00 28.58 ? 98  CYS A C   1 
ATOM   755  O  O   . CYS A 1 98  ? -1.380  4.872   2.029   1.00 28.17 ? 98  CYS A O   1 
ATOM   756  C  CB  . CYS A 1 98  ? 1.409   5.485   3.714   1.00 28.88 ? 98  CYS A CB  1 
ATOM   757  S  SG  . CYS A 1 98  ? 2.755   6.666   4.063   1.00 31.09 ? 98  CYS A SG  1 
ATOM   758  N  N   . ASP A 1 99  ? -1.199  3.927   4.061   1.00 28.96 ? 99  ASP A N   1 
ATOM   759  C  CA  . ASP A 1 99  ? -2.040  2.777   3.734   1.00 29.87 ? 99  ASP A CA  1 
ATOM   760  C  C   . ASP A 1 99  ? -3.465  3.176   3.355   1.00 31.25 ? 99  ASP A C   1 
ATOM   761  O  O   . ASP A 1 99  ? -4.017  2.686   2.362   1.00 30.99 ? 99  ASP A O   1 
ATOM   762  C  CB  . ASP A 1 99  ? -2.076  1.803   4.915   1.00 29.47 ? 99  ASP A CB  1 
ATOM   763  C  CG  . ASP A 1 99  ? -0.785  1.010   5.068   1.00 30.42 ? 99  ASP A CG  1 
ATOM   764  O  OD1 . ASP A 1 99  ? 0.188   1.288   4.342   1.00 30.33 ? 99  ASP A OD1 1 
ATOM   765  O  OD2 . ASP A 1 99  ? -0.745  0.101   5.922   1.00 29.62 ? 99  ASP A OD2 1 
ATOM   766  N  N   . ARG A 1 100 ? -4.062  4.055   4.156   1.00 31.32 ? 100 ARG A N   1 
ATOM   767  C  CA  . ARG A 1 100 ? -5.422  4.519   3.903   1.00 32.92 ? 100 ARG A CA  1 
ATOM   768  C  C   . ARG A 1 100 ? -5.535  5.177   2.528   1.00 33.74 ? 100 ARG A C   1 
ATOM   769  O  O   . ARG A 1 100 ? -6.447  4.866   1.758   1.00 32.65 ? 100 ARG A O   1 
ATOM   770  C  CB  . ARG A 1 100 ? -5.845  5.506   4.991   1.00 34.08 ? 100 ARG A CB  1 
ATOM   771  C  CG  . ARG A 1 100 ? -7.224  6.121   4.795   1.00 34.82 ? 100 ARG A CG  1 
ATOM   772  C  CD  . ARG A 1 100 ? -7.590  6.978   5.996   1.00 38.04 ? 100 ARG A CD  1 
ATOM   773  N  NE  . ARG A 1 100 ? -8.841  7.706   5.805   1.00 43.17 ? 100 ARG A NE  1 
ATOM   774  C  CZ  . ARG A 1 100 ? -9.002  8.708   4.944   1.00 45.62 ? 100 ARG A CZ  1 
ATOM   775  N  NH1 . ARG A 1 100 ? -10.179 9.311   4.841   1.00 48.13 ? 100 ARG A NH1 1 
ATOM   776  N  NH2 . ARG A 1 100 ? -7.989  9.111   4.191   1.00 45.62 ? 100 ARG A NH2 1 
ATOM   777  N  N   . ASN A 1 101 ? -4.606  6.080   2.222   1.00 33.96 ? 101 ASN A N   1 
ATOM   778  C  CA  . ASN A 1 101 ? -4.614  6.770   0.937   1.00 34.38 ? 101 ASN A CA  1 
ATOM   779  C  C   . ASN A 1 101 ? -4.421  5.804   -0.215  1.00 34.28 ? 101 ASN A C   1 
ATOM   780  O  O   . ASN A 1 101 ? -5.067  5.930   -1.253  1.00 34.87 ? 101 ASN A O   1 
ATOM   781  C  CB  . ASN A 1 101 ? -3.521  7.841   0.881   1.00 36.31 ? 101 ASN A CB  1 
ATOM   782  C  CG  . ASN A 1 101 ? -3.890  9.089   1.651   1.00 38.13 ? 101 ASN A CG  1 
ATOM   783  O  OD1 . ASN A 1 101 ? -3.459  9.289   2.787   1.00 41.37 ? 101 ASN A OD1 1 
ATOM   784  N  ND2 . ASN A 1 101 ? -4.707  9.930   1.041   1.00 38.71 ? 101 ASN A ND2 1 
ATOM   785  N  N   . ALA A 1 102 ? -3.535  4.834   -0.036  1.00 33.09 ? 102 ALA A N   1 
ATOM   786  C  CA  . ALA A 1 102 ? -3.288  3.867   -1.091  1.00 32.94 ? 102 ALA A CA  1 
ATOM   787  C  C   . ALA A 1 102 ? -4.531  3.011   -1.324  1.00 32.45 ? 102 ALA A C   1 
ATOM   788  O  O   . ALA A 1 102 ? -4.920  2.757   -2.468  1.00 32.57 ? 102 ALA A O   1 
ATOM   789  C  CB  . ALA A 1 102 ? -2.088  2.992   -0.733  1.00 30.89 ? 102 ALA A CB  1 
ATOM   790  N  N   . ALA A 1 103 ? -5.161  2.575   -0.238  1.00 32.61 ? 103 ALA A N   1 
ATOM   791  C  CA  . ALA A 1 103 ? -6.361  1.749   -0.345  1.00 34.09 ? 103 ALA A CA  1 
ATOM   792  C  C   . ALA A 1 103 ? -7.456  2.500   -1.101  1.00 34.07 ? 103 ALA A C   1 
ATOM   793  O  O   . ALA A 1 103 ? -8.122  1.938   -1.977  1.00 34.05 ? 103 ALA A O   1 
ATOM   794  C  CB  . ALA A 1 103 ? -6.857  1.355   1.048   1.00 32.80 ? 103 ALA A CB  1 
ATOM   795  N  N   . ILE A 1 104 ? -7.638  3.771   -0.764  1.00 34.79 ? 104 ILE A N   1 
ATOM   796  C  CA  . ILE A 1 104 ? -8.651  4.586   -1.428  1.00 35.11 ? 104 ILE A CA  1 
ATOM   797  C  C   . ILE A 1 104 ? -8.303  4.702   -2.908  1.00 36.12 ? 104 ILE A C   1 
ATOM   798  O  O   . ILE A 1 104 ? -9.163  4.560   -3.778  1.00 36.98 ? 104 ILE A O   1 
ATOM   799  C  CB  . ILE A 1 104 ? -8.725  5.992   -0.795  1.00 35.23 ? 104 ILE A CB  1 
ATOM   800  C  CG1 . ILE A 1 104 ? -9.229  5.875   0.651   1.00 34.30 ? 104 ILE A CG1 1 
ATOM   801  C  CG2 . ILE A 1 104 ? -9.638  6.905   -1.623  1.00 34.12 ? 104 ILE A CG2 1 
ATOM   802  C  CD1 . ILE A 1 104 ? -9.181  7.180   1.434   1.00 31.28 ? 104 ILE A CD1 1 
ATOM   803  N  N   . CYS A 1 105 ? -7.030  4.949   -3.182  1.00 36.36 ? 105 CYS A N   1 
ATOM   804  C  CA  . CYS A 1 105 ? -6.546  5.080   -4.546  1.00 34.85 ? 105 CYS A CA  1 
ATOM   805  C  C   . CYS A 1 105 ? -6.819  3.780   -5.313  1.00 35.34 ? 105 CYS A C   1 
ATOM   806  O  O   . CYS A 1 105 ? -7.268  3.817   -6.457  1.00 35.24 ? 105 CYS A O   1 
ATOM   807  C  CB  . CYS A 1 105 ? -5.050  5.399   -4.507  1.00 35.19 ? 105 CYS A CB  1 
ATOM   808  S  SG  . CYS A 1 105 ? -4.219  5.919   -6.048  1.00 34.51 ? 105 CYS A SG  1 
ATOM   809  N  N   . PHE A 1 106 ? -6.565  2.634   -4.678  1.00 35.64 ? 106 PHE A N   1 
ATOM   810  C  CA  . PHE A 1 106 ? -6.793  1.345   -5.329  1.00 36.38 ? 106 PHE A CA  1 
ATOM   811  C  C   . PHE A 1 106 ? -8.256  1.166   -5.721  1.00 37.79 ? 106 PHE A C   1 
ATOM   812  O  O   . PHE A 1 106 ? -8.560  0.681   -6.812  1.00 38.14 ? 106 PHE A O   1 
ATOM   813  C  CB  . PHE A 1 106 ? -6.426  0.162   -4.417  1.00 36.48 ? 106 PHE A CB  1 
ATOM   814  C  CG  . PHE A 1 106 ? -4.959  0.052   -4.080  1.00 36.40 ? 106 PHE A CG  1 
ATOM   815  C  CD1 . PHE A 1 106 ? -3.979  0.505   -4.959  1.00 35.85 ? 106 PHE A CD1 1 
ATOM   816  C  CD2 . PHE A 1 106 ? -4.562  -0.556  -2.889  1.00 36.58 ? 106 PHE A CD2 1 
ATOM   817  C  CE1 . PHE A 1 106 ? -2.622  0.358   -4.656  1.00 35.38 ? 106 PHE A CE1 1 
ATOM   818  C  CE2 . PHE A 1 106 ? -3.215  -0.710  -2.577  1.00 36.30 ? 106 PHE A CE2 1 
ATOM   819  C  CZ  . PHE A 1 106 ? -2.241  -0.250  -3.464  1.00 37.27 ? 106 PHE A CZ  1 
ATOM   820  N  N   . SER A 1 107 ? -9.154  1.548   -4.817  1.00 37.19 ? 107 SER A N   1 
ATOM   821  C  CA  . SER A 1 107 ? -10.584 1.395   -5.045  1.00 39.08 ? 107 SER A CA  1 
ATOM   822  C  C   . SER A 1 107 ? -11.120 2.190   -6.227  1.00 40.02 ? 107 SER A C   1 
ATOM   823  O  O   . SER A 1 107 ? -12.183 1.865   -6.757  1.00 40.57 ? 107 SER A O   1 
ATOM   824  C  CB  . SER A 1 107 ? -11.367 1.778   -3.783  1.00 37.87 ? 107 SER A CB  1 
ATOM   825  O  OG  . SER A 1 107 ? -11.486 3.183   -3.658  1.00 38.00 ? 107 SER A OG  1 
ATOM   826  N  N   . LYS A 1 108 ? -10.392 3.224   -6.641  1.00 40.87 ? 108 LYS A N   1 
ATOM   827  C  CA  . LYS A 1 108 ? -10.825 4.061   -7.757  1.00 42.12 ? 108 LYS A CA  1 
ATOM   828  C  C   . LYS A 1 108 ? -10.125 3.747   -9.077  1.00 42.45 ? 108 LYS A C   1 
ATOM   829  O  O   . LYS A 1 108 ? -10.517 4.260   -10.122 1.00 43.75 ? 108 LYS A O   1 
ATOM   830  C  CB  . LYS A 1 108 ? -10.594 5.540   -7.437  1.00 43.20 ? 108 LYS A CB  1 
ATOM   831  C  CG  . LYS A 1 108 ? -11.271 6.038   -6.172  1.00 46.04 ? 108 LYS A CG  1 
ATOM   832  C  CD  . LYS A 1 108 ? -11.038 7.536   -5.986  1.00 47.96 ? 108 LYS A CD  1 
ATOM   833  C  CE  . LYS A 1 108 ? -9.548  7.880   -5.970  1.00 49.40 ? 108 LYS A CE  1 
ATOM   834  N  NZ  . LYS A 1 108 ? -9.307  9.342   -5.809  1.00 49.07 ? 108 LYS A NZ  1 
ATOM   835  N  N   . ALA A 1 109 ? -9.095  2.912   -9.043  1.00 42.39 ? 109 ALA A N   1 
ATOM   836  C  CA  . ALA A 1 109 ? -8.367  2.601   -10.265 1.00 42.65 ? 109 ALA A CA  1 
ATOM   837  C  C   . ALA A 1 109 ? -8.812  1.323   -10.954 1.00 43.02 ? 109 ALA A C   1 
ATOM   838  O  O   . ALA A 1 109 ? -9.271  0.378   -10.313 1.00 43.08 ? 109 ALA A O   1 
ATOM   839  C  CB  . ALA A 1 109 ? -6.872  2.540   -9.981  1.00 41.62 ? 109 ALA A CB  1 
ATOM   840  N  N   . PRO A 1 110 ? -8.692  1.290   -12.288 1.00 43.84 ? 110 PRO A N   1 
ATOM   841  C  CA  . PRO A 1 110 ? -9.068  0.135   -13.108 1.00 43.75 ? 110 PRO A CA  1 
ATOM   842  C  C   . PRO A 1 110 ? -8.036  -0.977  -12.947 1.00 44.54 ? 110 PRO A C   1 
ATOM   843  O  O   . PRO A 1 110 ? -6.836  -0.709  -12.878 1.00 44.89 ? 110 PRO A O   1 
ATOM   844  C  CB  . PRO A 1 110 ? -9.054  0.691   -14.535 1.00 43.61 ? 110 PRO A CB  1 
ATOM   845  C  CG  . PRO A 1 110 ? -9.229  2.180   -14.349 1.00 44.41 ? 110 PRO A CG  1 
ATOM   846  C  CD  . PRO A 1 110 ? -8.386  2.456   -13.137 1.00 43.55 ? 110 PRO A CD  1 
ATOM   847  N  N   . TYR A 1 111 ? -8.502  -2.218  -12.892 1.00 44.86 ? 111 TYR A N   1 
ATOM   848  C  CA  . TYR A 1 111 ? -7.601  -3.351  -12.773 1.00 46.44 ? 111 TYR A CA  1 
ATOM   849  C  C   . TYR A 1 111 ? -7.352  -3.930  -14.162 1.00 47.38 ? 111 TYR A C   1 
ATOM   850  O  O   . TYR A 1 111 ? -8.255  -4.513  -14.761 1.00 48.34 ? 111 TYR A O   1 
ATOM   851  C  CB  . TYR A 1 111 ? -8.206  -4.423  -11.859 1.00 46.21 ? 111 TYR A CB  1 
ATOM   852  C  CG  . TYR A 1 111 ? -7.386  -5.690  -11.792 1.00 46.43 ? 111 TYR A CG  1 
ATOM   853  C  CD1 . TYR A 1 111 ? -7.665  -6.770  -12.625 1.00 46.15 ? 111 TYR A CD1 1 
ATOM   854  C  CD2 . TYR A 1 111 ? -6.301  -5.793  -10.924 1.00 46.59 ? 111 TYR A CD2 1 
ATOM   855  C  CE1 . TYR A 1 111 ? -6.882  -7.923  -12.598 1.00 45.87 ? 111 TYR A CE1 1 
ATOM   856  C  CE2 . TYR A 1 111 ? -5.512  -6.938  -10.889 1.00 46.46 ? 111 TYR A CE2 1 
ATOM   857  C  CZ  . TYR A 1 111 ? -5.806  -7.999  -11.728 1.00 45.69 ? 111 TYR A CZ  1 
ATOM   858  O  OH  . TYR A 1 111 ? -5.020  -9.130  -11.700 1.00 47.12 ? 111 TYR A OH  1 
ATOM   859  N  N   . ASN A 1 112 ? -6.134  -3.759  -14.672 1.00 47.75 ? 112 ASN A N   1 
ATOM   860  C  CA  . ASN A 1 112 ? -5.765  -4.267  -15.994 1.00 48.00 ? 112 ASN A CA  1 
ATOM   861  C  C   . ASN A 1 112 ? -5.031  -5.606  -15.868 1.00 48.47 ? 112 ASN A C   1 
ATOM   862  O  O   . ASN A 1 112 ? -3.876  -5.660  -15.445 1.00 47.66 ? 112 ASN A O   1 
ATOM   863  C  CB  . ASN A 1 112 ? -4.874  -3.254  -16.719 1.00 48.20 ? 112 ASN A CB  1 
ATOM   864  C  CG  . ASN A 1 112 ? -5.541  -1.895  -16.883 1.00 48.91 ? 112 ASN A CG  1 
ATOM   865  O  OD1 . ASN A 1 112 ? -6.574  -1.772  -17.540 1.00 50.49 ? 112 ASN A OD1 1 
ATOM   866  N  ND2 . ASN A 1 112 ? -4.947  -0.867  -16.287 1.00 48.03 ? 112 ASN A ND2 1 
ATOM   867  N  N   . LYS A 1 113 ? -5.710  -6.682  -16.251 1.00 49.56 ? 113 LYS A N   1 
ATOM   868  C  CA  . LYS A 1 113 ? -5.159  -8.033  -16.165 1.00 51.06 ? 113 LYS A CA  1 
ATOM   869  C  C   . LYS A 1 113 ? -3.822  -8.248  -16.877 1.00 50.22 ? 113 LYS A C   1 
ATOM   870  O  O   . LYS A 1 113 ? -3.023  -9.084  -16.457 1.00 49.67 ? 113 LYS A O   1 
ATOM   871  C  CB  . LYS A 1 113 ? -6.183  -9.035  -16.704 1.00 53.60 ? 113 LYS A CB  1 
ATOM   872  C  CG  . LYS A 1 113 ? -7.589  -8.810  -16.163 1.00 56.92 ? 113 LYS A CG  1 
ATOM   873  C  CD  . LYS A 1 113 ? -8.595  -9.783  -16.766 1.00 59.05 ? 113 LYS A CD  1 
ATOM   874  C  CE  . LYS A 1 113 ? -10.021 -9.410  -16.370 1.00 59.30 ? 113 LYS A CE  1 
ATOM   875  N  NZ  . LYS A 1 113 ? -10.178 -9.329  -14.890 1.00 59.98 ? 113 LYS A NZ  1 
ATOM   876  N  N   . GLU A 1 114 ? -3.579  -7.500  -17.948 1.00 49.67 ? 114 GLU A N   1 
ATOM   877  C  CA  . GLU A 1 114 ? -2.337  -7.648  -18.705 1.00 49.71 ? 114 GLU A CA  1 
ATOM   878  C  C   . GLU A 1 114 ? -1.108  -7.233  -17.898 1.00 48.42 ? 114 GLU A C   1 
ATOM   879  O  O   . GLU A 1 114 ? 0.018   -7.595  -18.243 1.00 48.54 ? 114 GLU A O   1 
ATOM   880  C  CB  . GLU A 1 114 ? -2.385  -6.811  -19.991 1.00 52.25 ? 114 GLU A CB  1 
ATOM   881  C  CG  . GLU A 1 114 ? -3.764  -6.656  -20.603 1.00 56.51 ? 114 GLU A CG  1 
ATOM   882  C  CD  . GLU A 1 114 ? -4.569  -5.548  -19.947 1.00 59.85 ? 114 GLU A CD  1 
ATOM   883  O  OE1 . GLU A 1 114 ? -4.164  -4.369  -20.062 1.00 62.12 ? 114 GLU A OE1 1 
ATOM   884  O  OE2 . GLU A 1 114 ? -5.605  -5.855  -19.317 1.00 60.96 ? 114 GLU A OE2 1 
ATOM   885  N  N   . HIS A 1 115 ? -1.320  -6.477  -16.829 1.00 45.87 ? 115 HIS A N   1 
ATOM   886  C  CA  . HIS A 1 115 ? -0.212  -6.011  -16.004 1.00 44.88 ? 115 HIS A CA  1 
ATOM   887  C  C   . HIS A 1 115 ? 0.074   -6.906  -14.803 1.00 44.44 ? 115 HIS A C   1 
ATOM   888  O  O   . HIS A 1 115 ? 1.001   -6.652  -14.036 1.00 43.23 ? 115 HIS A O   1 
ATOM   889  C  CB  . HIS A 1 115 ? -0.488  -4.576  -15.549 1.00 44.68 ? 115 HIS A CB  1 
ATOM   890  C  CG  . HIS A 1 115 ? -0.567  -3.596  -16.680 1.00 44.02 ? 115 HIS A CG  1 
ATOM   891  N  ND1 . HIS A 1 115 ? -1.232  -2.394  -16.579 1.00 43.58 ? 115 HIS A ND1 1 
ATOM   892  C  CD2 . HIS A 1 115 ? -0.067  -3.645  -17.939 1.00 43.02 ? 115 HIS A CD2 1 
ATOM   893  C  CE1 . HIS A 1 115 ? -1.141  -1.746  -17.729 1.00 44.08 ? 115 HIS A CE1 1 
ATOM   894  N  NE2 . HIS A 1 115 ? -0.439  -2.485  -18.570 1.00 42.84 ? 115 HIS A NE2 1 
ATOM   895  N  N   . LYS A 1 116 ? -0.726  -7.955  -14.646 1.00 44.17 ? 116 LYS A N   1 
ATOM   896  C  CA  . LYS A 1 116 ? -0.542  -8.895  -13.548 1.00 44.03 ? 116 LYS A CA  1 
ATOM   897  C  C   . LYS A 1 116 ? 0.760   -9.665  -13.779 1.00 43.45 ? 116 LYS A C   1 
ATOM   898  O  O   . LYS A 1 116 ? 0.967   -10.235 -14.849 1.00 41.84 ? 116 LYS A O   1 
ATOM   899  C  CB  . LYS A 1 116 ? -1.726  -9.862  -13.497 1.00 45.64 ? 116 LYS A CB  1 
ATOM   900  C  CG  . LYS A 1 116 ? -1.641  -10.927 -12.423 1.00 48.57 ? 116 LYS A CG  1 
ATOM   901  C  CD  . LYS A 1 116 ? -2.840  -11.863 -12.514 1.00 51.87 ? 116 LYS A CD  1 
ATOM   902  C  CE  . LYS A 1 116 ? -2.760  -12.989 -11.497 1.00 52.53 ? 116 LYS A CE  1 
ATOM   903  N  NZ  . LYS A 1 116 ? -3.944  -13.894 -11.605 1.00 55.32 ? 116 LYS A NZ  1 
ATOM   904  N  N   . ASN A 1 117 ? 1.632   -9.671  -12.776 1.00 43.78 ? 117 ASN A N   1 
ATOM   905  C  CA  . ASN A 1 117 ? 2.917   -10.360 -12.874 1.00 44.60 ? 117 ASN A CA  1 
ATOM   906  C  C   . ASN A 1 117 ? 3.674   -9.921  -14.120 1.00 44.87 ? 117 ASN A C   1 
ATOM   907  O  O   . ASN A 1 117 ? 4.213   -10.739 -14.868 1.00 44.82 ? 117 ASN A O   1 
ATOM   908  C  CB  . ASN A 1 117 ? 2.715   -11.878 -12.896 1.00 45.85 ? 117 ASN A CB  1 
ATOM   909  C  CG  . ASN A 1 117 ? 2.219   -12.416 -11.567 1.00 46.41 ? 117 ASN A CG  1 
ATOM   910  O  OD1 . ASN A 1 117 ? 2.688   -12.000 -10.506 1.00 46.51 ? 117 ASN A OD1 1 
ATOM   911  N  ND2 . ASN A 1 117 ? 1.277   -13.353 -11.617 1.00 47.43 ? 117 ASN A ND2 1 
ATOM   912  N  N   . LEU A 1 118 ? 3.709   -8.611  -14.326 1.00 43.71 ? 118 LEU A N   1 
ATOM   913  C  CA  . LEU A 1 118 ? 4.379   -8.016  -15.470 1.00 43.47 ? 118 LEU A CA  1 
ATOM   914  C  C   . LEU A 1 118 ? 5.864   -8.371  -15.539 1.00 42.19 ? 118 LEU A C   1 
ATOM   915  O  O   . LEU A 1 118 ? 6.521   -8.556  -14.514 1.00 41.07 ? 118 LEU A O   1 
ATOM   916  C  CB  . LEU A 1 118 ? 4.207   -6.494  -15.416 1.00 43.41 ? 118 LEU A CB  1 
ATOM   917  C  CG  . LEU A 1 118 ? 4.686   -5.675  -16.612 1.00 44.33 ? 118 LEU A CG  1 
ATOM   918  C  CD1 . LEU A 1 118 ? 3.947   -6.118  -17.868 1.00 44.77 ? 118 LEU A CD1 1 
ATOM   919  C  CD2 . LEU A 1 118 ? 4.445   -4.196  -16.337 1.00 44.52 ? 118 LEU A CD2 1 
ATOM   920  N  N   . ASP A 1 119 ? 6.379   -8.473  -16.761 1.00 42.79 ? 119 ASP A N   1 
ATOM   921  C  CA  . ASP A 1 119 ? 7.790   -8.779  -16.991 1.00 43.59 ? 119 ASP A CA  1 
ATOM   922  C  C   . ASP A 1 119 ? 8.567   -7.500  -16.680 1.00 43.15 ? 119 ASP A C   1 
ATOM   923  O  O   . ASP A 1 119 ? 9.107   -6.849  -17.578 1.00 42.85 ? 119 ASP A O   1 
ATOM   924  C  CB  . ASP A 1 119 ? 8.013   -9.176  -18.453 1.00 44.17 ? 119 ASP A CB  1 
ATOM   925  C  CG  . ASP A 1 119 ? 9.398   -9.742  -18.697 1.00 46.71 ? 119 ASP A CG  1 
ATOM   926  O  OD1 . ASP A 1 119 ? 10.346  -9.333  -17.992 1.00 48.56 ? 119 ASP A OD1 1 
ATOM   927  O  OD2 . ASP A 1 119 ? 9.544   -10.589 -19.605 1.00 48.38 ? 119 ASP A OD2 1 
ATOM   928  N  N   . THR A 1 120 ? 8.607   -7.152  -15.399 1.00 42.38 ? 120 THR A N   1 
ATOM   929  C  CA  . THR A 1 120 ? 9.272   -5.947  -14.921 1.00 42.51 ? 120 THR A CA  1 
ATOM   930  C  C   . THR A 1 120 ? 10.671  -5.701  -15.474 1.00 42.48 ? 120 THR A C   1 
ATOM   931  O  O   . THR A 1 120 ? 11.024  -4.571  -15.800 1.00 40.97 ? 120 THR A O   1 
ATOM   932  C  CB  . THR A 1 120 ? 9.360   -5.952  -13.382 1.00 43.11 ? 120 THR A CB  1 
ATOM   933  O  OG1 . THR A 1 120 ? 10.221  -7.016  -12.960 1.00 43.48 ? 120 THR A OG1 1 
ATOM   934  C  CG2 . THR A 1 120 ? 7.979   -6.159  -12.773 1.00 40.77 ? 120 THR A CG2 1 
ATOM   935  N  N   . LYS A 1 121 ? 11.470  -6.754  -15.578 1.00 43.74 ? 121 LYS A N   1 
ATOM   936  C  CA  . LYS A 1 121 ? 12.833  -6.618  -16.080 1.00 45.97 ? 121 LYS A CA  1 
ATOM   937  C  C   . LYS A 1 121 ? 12.855  -6.104  -17.517 1.00 46.00 ? 121 LYS A C   1 
ATOM   938  O  O   . LYS A 1 121 ? 13.896  -5.680  -18.022 1.00 45.38 ? 121 LYS A O   1 
ATOM   939  C  CB  . LYS A 1 121 ? 13.553  -7.968  -16.015 1.00 48.54 ? 121 LYS A CB  1 
ATOM   940  C  CG  . LYS A 1 121 ? 15.042  -7.902  -16.328 1.00 52.38 ? 121 LYS A CG  1 
ATOM   941  C  CD  . LYS A 1 121 ? 15.799  -7.110  -15.262 1.00 55.31 ? 121 LYS A CD  1 
ATOM   942  C  CE  . LYS A 1 121 ? 17.279  -6.972  -15.614 1.00 56.55 ? 121 LYS A CE  1 
ATOM   943  N  NZ  . LYS A 1 121 ? 18.010  -6.109  -14.639 1.00 57.10 ? 121 LYS A NZ  1 
ATOM   944  N  N   . LYS A 1 122 ? 11.697  -6.117  -18.163 1.00 46.61 ? 122 LYS A N   1 
ATOM   945  C  CA  . LYS A 1 122 ? 11.607  -5.698  -19.553 1.00 47.31 ? 122 LYS A CA  1 
ATOM   946  C  C   . LYS A 1 122 ? 10.749  -4.453  -19.797 1.00 46.72 ? 122 LYS A C   1 
ATOM   947  O  O   . LYS A 1 122 ? 11.017  -3.687  -20.724 1.00 47.13 ? 122 LYS A O   1 
ATOM   948  C  CB  . LYS A 1 122 ? 11.071  -6.872  -20.371 1.00 49.26 ? 122 LYS A CB  1 
ATOM   949  C  CG  . LYS A 1 122 ? 11.363  -6.834  -21.856 1.00 51.71 ? 122 LYS A CG  1 
ATOM   950  C  CD  . LYS A 1 122 ? 10.918  -8.147  -22.483 1.00 54.69 ? 122 LYS A CD  1 
ATOM   951  C  CE  . LYS A 1 122 ? 11.308  -8.259  -23.946 1.00 56.35 ? 122 LYS A CE  1 
ATOM   952  N  NZ  . LYS A 1 122 ? 10.952  -9.606  -24.479 1.00 57.17 ? 122 LYS A NZ  1 
ATOM   953  N  N   . TYR A 1 123 ? 9.727   -4.245  -18.972 1.00 45.00 ? 123 TYR A N   1 
ATOM   954  C  CA  . TYR A 1 123 ? 8.841   -3.099  -19.155 1.00 43.38 ? 123 TYR A CA  1 
ATOM   955  C  C   . TYR A 1 123 ? 8.840   -2.106  -18.000 1.00 41.01 ? 123 TYR A C   1 
ATOM   956  O  O   . TYR A 1 123 ? 7.997   -1.210  -17.950 1.00 40.52 ? 123 TYR A O   1 
ATOM   957  C  CB  . TYR A 1 123 ? 7.412   -3.587  -19.401 1.00 45.35 ? 123 TYR A CB  1 
ATOM   958  C  CG  . TYR A 1 123 ? 7.291   -4.533  -20.574 1.00 47.70 ? 123 TYR A CG  1 
ATOM   959  C  CD1 . TYR A 1 123 ? 7.730   -4.159  -21.844 1.00 48.93 ? 123 TYR A CD1 1 
ATOM   960  C  CD2 . TYR A 1 123 ? 6.741   -5.804  -20.417 1.00 48.83 ? 123 TYR A CD2 1 
ATOM   961  C  CE1 . TYR A 1 123 ? 7.628   -5.024  -22.924 1.00 49.58 ? 123 TYR A CE1 1 
ATOM   962  C  CE2 . TYR A 1 123 ? 6.632   -6.680  -21.492 1.00 49.60 ? 123 TYR A CE2 1 
ATOM   963  C  CZ  . TYR A 1 123 ? 7.078   -6.284  -22.741 1.00 49.89 ? 123 TYR A CZ  1 
ATOM   964  O  OH  . TYR A 1 123 ? 6.978   -7.142  -23.809 1.00 50.76 ? 123 TYR A OH  1 
ATOM   965  N  N   . CYS A 1 124 ? 9.778   -2.257  -17.073 1.00 38.64 ? 124 CYS A N   1 
ATOM   966  C  CA  . CYS A 1 124 ? 9.846   -1.359  -15.928 1.00 36.75 ? 124 CYS A CA  1 
ATOM   967  C  C   . CYS A 1 124 ? 11.186  -0.649  -15.791 1.00 36.33 ? 124 CYS A C   1 
ATOM   968  O  O   . CYS A 1 124 ? 12.009  -1.088  -14.956 1.00 34.13 ? 124 CYS A O   1 
ATOM   969  C  CB  . CYS A 1 124 ? 9.518   -2.124  -14.652 1.00 36.01 ? 124 CYS A CB  1 
ATOM   970  S  SG  . CYS A 1 124 ? 7.816   -2.768  -14.632 1.00 35.67 ? 124 CYS A SG  1 
ATOM   971  O  OXT . CYS A 1 124 ? 11.395  0.341   -16.533 1.00 36.97 ? 124 CYS A OXT 1 
HETATM 972  CA CA  . CA  B 2 .   ? 6.338   -1.626  -4.175  1.00 31.58 ? 125 CA  A CA  1 
HETATM 973  CA CA  . CA  C 2 .   ? 2.842   -0.335  16.503  0.50 12.72 ? 126 CA  A CA  1 
HETATM 974  CA CA  . CA  D 2 .   ? 12.012  2.314   16.761  0.50 23.77 ? 127 CA  A CA  1 
HETATM 975  CL CL  . CL  E 3 .   ? 4.607   -4.268  -1.013  1.00 39.28 ? 128 CL  A CL  1 
HETATM 976  CL CL  . CL  F 3 .   ? 14.381  0.478   16.513  1.00 65.44 ? 129 CL  A CL  1 
HETATM 977  CL CL  . CL  G 3 .   ? 9.824   0.477   16.710  1.00 63.07 ? 130 CL  A CL  1 
HETATM 978  C  C1  . TCH H 4 .   ? 0.276   -5.362  -0.802  1.00 33.21 ? 131 TCH A C1  1 
HETATM 979  C  C2  . TCH H 4 .   ? -0.192  -6.726  -0.108  1.00 32.10 ? 131 TCH A C2  1 
HETATM 980  C  C3  . TCH H 4 .   ? 0.798   -7.882  -0.483  1.00 32.34 ? 131 TCH A C3  1 
HETATM 981  O  O3  . TCH H 4 .   ? 0.339   -9.117  0.156   1.00 36.24 ? 131 TCH A O3  1 
HETATM 982  C  C4  . TCH H 4 .   ? 0.880   -8.103  -2.056  1.00 32.26 ? 131 TCH A C4  1 
HETATM 983  C  C5  . TCH H 4 .   ? 1.375   -6.771  -2.794  1.00 31.69 ? 131 TCH A C5  1 
HETATM 984  C  C6  . TCH H 4 .   ? 1.478   -6.881  -4.405  1.00 32.14 ? 131 TCH A C6  1 
HETATM 985  C  C7  . TCH H 4 .   ? 0.086   -7.039  -5.116  1.00 32.92 ? 131 TCH A C7  1 
HETATM 986  O  O7  . TCH H 4 .   ? -0.611  -8.307  -4.846  1.00 35.16 ? 131 TCH A O7  1 
HETATM 987  C  C8  . TCH H 4 .   ? -0.910  -5.817  -4.742  1.00 33.75 ? 131 TCH A C8  1 
HETATM 988  C  C9  . TCH H 4 .   ? -1.082  -5.705  -3.116  1.00 32.65 ? 131 TCH A C9  1 
HETATM 989  C  C10 . TCH H 4 .   ? 0.397   -5.480  -2.401  1.00 32.51 ? 131 TCH A C10 1 
HETATM 990  C  C11 . TCH H 4 .   ? -2.126  -4.456  -2.791  1.00 34.13 ? 131 TCH A C11 1 
HETATM 991  C  C12 . TCH H 4 .   ? -3.460  -4.867  -3.529  1.00 35.02 ? 131 TCH A C12 1 
HETATM 992  O  O12 . TCH H 4 .   ? -3.949  -6.128  -2.948  1.00 35.57 ? 131 TCH A O12 1 
HETATM 993  C  C13 . TCH H 4 .   ? -3.338  -4.882  -5.183  1.00 36.38 ? 131 TCH A C13 1 
HETATM 994  C  C14 . TCH H 4 .   ? -2.354  -6.022  -5.480  1.00 35.13 ? 131 TCH A C14 1 
HETATM 995  C  C15 . TCH H 4 .   ? -2.299  -6.084  -7.072  1.00 36.53 ? 131 TCH A C15 1 
HETATM 996  C  C16 . TCH H 4 .   ? -3.730  -5.477  -7.453  1.00 38.44 ? 131 TCH A C16 1 
HETATM 997  C  C17 . TCH H 4 .   ? -4.543  -5.339  -6.025  1.00 39.28 ? 131 TCH A C17 1 
HETATM 998  C  C18 . TCH H 4 .   ? -2.793  -3.337  -5.552  1.00 35.71 ? 131 TCH A C18 1 
HETATM 999  C  C19 . TCH H 4 .   ? 1.170   -4.112  -2.757  1.00 31.69 ? 131 TCH A C19 1 
HETATM 1000 O  O1S . TCH H 4 .   ? -14.972 -6.424  -8.202  1.00 83.23 ? 131 TCH A O1S 1 
HETATM 1001 C  C20 . TCH H 4 .   ? -5.845  -4.348  -6.067  1.00 44.03 ? 131 TCH A C20 1 
HETATM 1002 C  C21 . TCH H 4 .   ? -6.570  -3.842  -4.779  1.00 44.38 ? 131 TCH A C21 1 
HETATM 1003 C  C22 . TCH H 4 .   ? -6.976  -5.019  -6.999  1.00 50.53 ? 131 TCH A C22 1 
HETATM 1004 C  C23 . TCH H 4 .   ? -8.455  -4.465  -7.337  1.00 57.87 ? 131 TCH A C23 1 
HETATM 1005 C  C24 . TCH H 4 .   ? -9.464  -5.323  -7.979  1.00 62.98 ? 131 TCH A C24 1 
HETATM 1006 N  N24 . TCH H 4 .   ? -10.372 -4.898  -8.746  1.00 68.21 ? 131 TCH A N24 1 
HETATM 1007 O  O24 . TCH H 4 .   ? -9.345  -6.646  -7.682  1.00 62.19 ? 131 TCH A O24 1 
HETATM 1008 C  C25 . TCH H 4 .   ? -11.371 -5.784  -9.374  1.00 73.44 ? 131 TCH A C25 1 
HETATM 1009 C  C26 . TCH H 4 .   ? -12.738 -5.813  -8.642  1.00 79.14 ? 131 TCH A C26 1 
HETATM 1010 S  S26 . TCH H 4 .   ? -13.824 -6.637  -9.135  1.00 83.48 ? 131 TCH A S26 1 
HETATM 1011 O  O2S . TCH H 4 .   ? -14.137 -6.202  -10.520 1.00 82.91 ? 131 TCH A O2S 1 
HETATM 1012 O  O3S . TCH H 4 .   ? -13.452 -8.105  -9.136  1.00 82.83 ? 131 TCH A O3S 1 
HETATM 1013 O  O   . HOH I 5 .   ? 1.963   -7.343  8.744   1.00 27.36 ? 132 HOH A O   1 
HETATM 1014 O  O   . HOH I 5 .   ? 1.377   -1.126  7.125   1.00 25.94 ? 133 HOH A O   1 
HETATM 1015 O  O   . HOH I 5 .   ? -0.165  -6.257  14.437  1.00 30.23 ? 134 HOH A O   1 
HETATM 1016 O  O   . HOH I 5 .   ? -3.503  7.670   12.835  1.00 36.92 ? 135 HOH A O   1 
HETATM 1017 O  O   . HOH I 5 .   ? -3.603  -11.579 7.186   1.00 37.32 ? 136 HOH A O   1 
HETATM 1018 O  O   . HOH I 5 .   ? 3.940   -7.122  -11.933 1.00 33.92 ? 137 HOH A O   1 
HETATM 1019 O  O   . HOH I 5 .   ? -4.934  1.020   -13.516 1.00 31.51 ? 138 HOH A O   1 
HETATM 1020 O  O   . HOH I 5 .   ? 6.954   1.321   -17.426 1.00 25.52 ? 139 HOH A O   1 
HETATM 1021 O  O   . HOH I 5 .   ? 9.549   2.336   -16.932 1.00 26.93 ? 140 HOH A O   1 
HETATM 1022 O  O   . HOH I 5 .   ? 4.964   3.103   -17.975 1.00 29.61 ? 141 HOH A O   1 
HETATM 1023 O  O   . HOH I 5 .   ? 14.396  -0.066  -14.579 1.00 26.68 ? 142 HOH A O   1 
HETATM 1024 O  O   . HOH I 5 .   ? 9.666   -3.457  -10.981 1.00 27.93 ? 143 HOH A O   1 
HETATM 1025 O  O   . HOH I 5 .   ? 4.345   -2.366  -3.345  1.00 26.61 ? 144 HOH A O   1 
HETATM 1026 O  O   . HOH I 5 .   ? 8.722   6.281   -11.157 1.00 41.00 ? 145 HOH A O   1 
HETATM 1027 O  O   . HOH I 5 .   ? -5.592  3.027   -15.890 1.00 24.12 ? 146 HOH A O   1 
HETATM 1028 O  O   . HOH I 5 .   ? 8.483   -1.166  13.725  1.00 23.19 ? 147 HOH A O   1 
HETATM 1029 O  O   . HOH I 5 .   ? 5.733   2.477   17.351  1.00 23.23 ? 148 HOH A O   1 
HETATM 1030 O  O   . HOH I 5 .   ? 13.254  2.539   9.836   1.00 32.69 ? 149 HOH A O   1 
HETATM 1031 O  O   . HOH I 5 .   ? -12.933 -2.133  11.997  1.00 45.89 ? 150 HOH A O   1 
HETATM 1032 O  O   . HOH I 5 .   ? -9.478  8.330   16.538  1.00 41.57 ? 151 HOH A O   1 
HETATM 1033 O  O   . HOH I 5 .   ? -7.168  10.707  20.467  1.00 47.19 ? 152 HOH A O   1 
HETATM 1034 O  O   . HOH I 5 .   ? -10.809 10.465  20.517  1.00 44.74 ? 153 HOH A O   1 
HETATM 1035 O  O   . HOH I 5 .   ? 0.361   5.879   20.508  1.00 25.60 ? 154 HOH A O   1 
HETATM 1036 O  O   . HOH I 5 .   ? -15.149 3.376   -7.311  1.00 61.81 ? 155 HOH A O   1 
HETATM 1037 O  O   . HOH I 5 .   ? -9.714  7.743   -11.107 1.00 56.59 ? 156 HOH A O   1 
HETATM 1038 O  O   . HOH I 5 .   ? 13.993  -4.225  -13.021 1.00 44.84 ? 157 HOH A O   1 
HETATM 1039 O  O   . HOH I 5 .   ? 2.552   -1.920  -20.609 1.00 39.39 ? 158 HOH A O   1 
HETATM 1040 O  O   . HOH I 5 .   ? -14.552 -6.179  3.406   1.00 54.08 ? 159 HOH A O   1 
HETATM 1041 O  O   . HOH I 5 .   ? -15.979 -3.774  3.564   1.00 50.09 ? 160 HOH A O   1 
HETATM 1042 O  O   . HOH I 5 .   ? 5.024   0.406   -0.260  1.00 30.53 ? 161 HOH A O   1 
HETATM 1043 O  O   . HOH I 5 .   ? 9.576   -1.272  1.986   1.00 62.44 ? 162 HOH A O   1 
HETATM 1044 O  O   . HOH I 5 .   ? -6.063  -3.971  13.206  1.00 46.41 ? 163 HOH A O   1 
HETATM 1045 O  O   . HOH I 5 .   ? -8.218  8.755   9.273   1.00 37.85 ? 164 HOH A O   1 
HETATM 1046 O  O   . HOH I 5 .   ? -14.246 4.370   9.584   1.00 38.31 ? 165 HOH A O   1 
HETATM 1047 O  O   . HOH I 5 .   ? -9.757  2.578   15.858  1.00 47.44 ? 166 HOH A O   1 
HETATM 1048 O  O   . HOH I 5 .   ? -9.695  4.602   20.862  1.00 67.15 ? 167 HOH A O   1 
HETATM 1049 O  O   . HOH I 5 .   ? 0.265   4.851   -17.777 1.00 58.54 ? 168 HOH A O   1 
HETATM 1050 O  O   . HOH I 5 .   ? -2.927  6.682   -9.127  1.00 50.81 ? 169 HOH A O   1 
HETATM 1051 O  O   . HOH I 5 .   ? 9.654   1.465   -4.656  1.00 34.78 ? 170 HOH A O   1 
HETATM 1052 O  O   . HOH I 5 .   ? 16.600  5.401   7.450   1.00 53.14 ? 171 HOH A O   1 
HETATM 1053 O  O   . HOH I 5 .   ? 12.160  -0.715  16.517  1.00 38.68 ? 172 HOH A O   1 
HETATM 1054 O  O   . HOH I 5 .   ? -17.215 -2.957  9.158   1.00 50.03 ? 173 HOH A O   1 
HETATM 1055 O  O   . HOH I 5 .   ? 1.328   10.106  5.443   1.00 37.34 ? 174 HOH A O   1 
HETATM 1056 O  O   . HOH I 5 .   ? -4.767  -2.546  16.277  0.50 14.87 ? 175 HOH A O   1 
HETATM 1057 O  O   . HOH I 5 .   ? -7.293  -1.884  14.343  1.00 33.37 ? 176 HOH A O   1 
HETATM 1058 O  O   . HOH I 5 .   ? -5.504  -9.230  6.594   1.00 41.04 ? 177 HOH A O   1 
HETATM 1059 O  O   . HOH I 5 .   ? -7.286  -9.363  4.686   1.00 50.82 ? 178 HOH A O   1 
HETATM 1060 O  O   . HOH I 5 .   ? -6.797  -12.501 2.324   1.00 41.81 ? 179 HOH A O   1 
HETATM 1061 O  O   . HOH I 5 .   ? -2.973  -8.555  -3.411  1.00 39.66 ? 180 HOH A O   1 
HETATM 1062 O  O   . HOH I 5 .   ? -12.078 5.546   3.357   1.00 47.50 ? 181 HOH A O   1 
HETATM 1063 O  O   . HOH I 5 .   ? -12.997 3.867   -1.152  1.00 40.24 ? 182 HOH A O   1 
HETATM 1064 O  O   . HOH I 5 .   ? -14.917 -0.663  -3.819  1.00 43.60 ? 183 HOH A O   1 
HETATM 1065 O  O   . HOH I 5 .   ? -18.224 -9.116  -5.602  1.00 65.51 ? 184 HOH A O   1 
HETATM 1066 O  O   . HOH I 5 .   ? 3.782   9.661   -1.717  1.00 40.05 ? 185 HOH A O   1 
HETATM 1067 O  O   . HOH I 5 .   ? 4.571   9.708   -5.780  1.00 37.54 ? 186 HOH A O   1 
HETATM 1068 O  O   . HOH I 5 .   ? 2.876   -0.145  -2.561  1.00 36.81 ? 187 HOH A O   1 
HETATM 1069 O  O   . HOH I 5 .   ? 9.804   1.597   -0.029  1.00 46.62 ? 188 HOH A O   1 
HETATM 1070 O  O   . HOH I 5 .   ? 7.457   -1.774  -2.064  1.00 31.57 ? 189 HOH A O   1 
HETATM 1071 O  O   . HOH I 5 .   ? 7.454   -4.388  -7.169  1.00 47.66 ? 190 HOH A O   1 
HETATM 1072 O  O   . HOH I 5 .   ? 5.565   -5.205  -9.265  1.00 27.81 ? 191 HOH A O   1 
HETATM 1073 O  O   . HOH I 5 .   ? 7.702   -7.147  -9.441  1.00 50.01 ? 192 HOH A O   1 
HETATM 1074 O  O   . HOH I 5 .   ? -4.111  -7.361  -0.506  1.00 26.76 ? 193 HOH A O   1 
HETATM 1075 O  O   . HOH I 5 .   ? -6.277  -7.467  0.730   1.00 41.39 ? 194 HOH A O   1 
HETATM 1076 O  O   . HOH I 5 .   ? 0.197   -14.581 -13.768 1.00 62.74 ? 195 HOH A O   1 
HETATM 1077 O  O   . HOH I 5 .   ? -6.680  -11.745 -13.017 1.00 52.73 ? 196 HOH A O   1 
HETATM 1078 O  O   . HOH I 5 .   ? 9.137   -6.223  -7.480  1.00 41.41 ? 197 HOH A O   1 
HETATM 1079 O  O   . HOH I 5 .   ? -5.667  -10.314 1.623   1.00 35.58 ? 198 HOH A O   1 
HETATM 1080 O  O   . HOH I 5 .   ? -8.052  -8.538  -5.921  1.00 57.55 ? 199 HOH A O   1 
HETATM 1081 O  O   . HOH I 5 .   ? -6.326  -7.335  -3.599  1.00 43.98 ? 200 HOH A O   1 
HETATM 1082 O  O   . HOH I 5 .   ? -6.164  -10.118 -1.852  1.00 45.80 ? 201 HOH A O   1 
HETATM 1083 O  O   . HOH I 5 .   ? 16.904  3.732   16.897  0.50 13.07 ? 202 HOH A O   1 
HETATM 1084 O  O   . HOH I 5 .   ? 15.655  -3.332  14.081  1.00 40.49 ? 203 HOH A O   1 
HETATM 1085 O  O   . HOH I 5 .   ? 13.778  5.332   9.734   1.00 48.42 ? 204 HOH A O   1 
HETATM 1086 O  O   . HOH I 5 .   ? 5.792   -8.985  -11.755 1.00 48.93 ? 205 HOH A O   1 
HETATM 1087 O  O   . HOH I 5 .   ? 7.209   -10.932 -21.435 1.00 48.66 ? 206 HOH A O   1 
HETATM 1088 O  O   . HOH I 5 .   ? 15.263  -3.796  -15.117 1.00 43.39 ? 207 HOH A O   1 
HETATM 1089 O  O   . HOH I 5 .   ? 17.673  -3.208  -15.804 1.00 52.88 ? 208 HOH A O   1 
HETATM 1090 O  O   . HOH I 5 .   ? 12.852  -6.349  -12.326 1.00 52.40 ? 209 HOH A O   1 
HETATM 1091 O  O   . HOH I 5 .   ? 15.677  -0.249  -11.698 1.00 63.18 ? 210 HOH A O   1 
HETATM 1092 O  O   . HOH I 5 .   ? -5.016  9.296   7.898   1.00 38.91 ? 211 HOH A O   1 
HETATM 1093 O  O   . HOH I 5 .   ? -5.790  9.695   5.182   1.00 69.55 ? 212 HOH A O   1 
HETATM 1094 O  O   . HOH I 5 .   ? 6.011   13.500  3.155   1.00 56.24 ? 213 HOH A O   1 
HETATM 1095 O  O   . HOH I 5 .   ? 7.919   13.396  5.012   1.00 45.96 ? 214 HOH A O   1 
HETATM 1096 O  O   . HOH I 5 .   ? 10.551  12.294  5.477   1.00 62.20 ? 215 HOH A O   1 
HETATM 1097 O  O   . HOH I 5 .   ? 11.557  13.153  2.476   1.00 54.55 ? 216 HOH A O   1 
HETATM 1098 O  O   . HOH I 5 .   ? 4.538   11.443  1.497   1.00 55.30 ? 217 HOH A O   1 
HETATM 1099 O  O   . HOH I 5 .   ? 6.716   11.530  -1.465  1.00 55.47 ? 218 HOH A O   1 
HETATM 1100 O  O   . HOH I 5 .   ? 8.341   11.685  -3.790  1.00 49.32 ? 219 HOH A O   1 
HETATM 1101 O  O   . HOH I 5 .   ? -12.043 3.769   1.465   1.00 70.17 ? 220 HOH A O   1 
HETATM 1102 O  O   . HOH I 5 .   ? 14.094  -1.764  3.959   1.00 48.88 ? 221 HOH A O   1 
HETATM 1103 O  O   . HOH I 5 .   ? 11.602  -2.599  2.945   1.00 52.08 ? 222 HOH A O   1 
HETATM 1104 O  O   . HOH I 5 .   ? 3.319   -10.549 -3.797  1.00 39.63 ? 223 HOH A O   1 
HETATM 1105 O  O   . HOH I 5 .   ? 4.916   -9.034  -2.407  1.00 54.08 ? 224 HOH A O   1 
HETATM 1106 O  O   . HOH I 5 .   ? 2.217   6.207   -15.843 1.00 43.05 ? 225 HOH A O   1 
HETATM 1107 O  O   . HOH I 5 .   ? -7.254  -10.579 8.518   1.00 47.62 ? 226 HOH A O   1 
HETATM 1108 O  O   . HOH I 5 .   ? -3.486  9.493   10.896  1.00 43.95 ? 227 HOH A O   1 
HETATM 1109 O  O   . HOH I 5 .   ? -8.218  -8.837  -0.889  1.00 58.07 ? 228 HOH A O   1 
# 
